data_4LEU
# 
_entry.id   4LEU 
# 
_audit_conform.dict_name       mmcif_pdbx.dic 
_audit_conform.dict_version    5.387 
_audit_conform.dict_location   http://mmcif.pdb.org/dictionaries/ascii/mmcif_pdbx.dic 
# 
loop_
_database_2.database_id 
_database_2.database_code 
_database_2.pdbx_database_accession 
_database_2.pdbx_DOI 
PDB   4LEU         pdb_00004leu 10.2210/pdb4leu/pdb 
RCSB  RCSB080540   ?            ?                   
WWPDB D_1000080540 ?            ?                   
# 
loop_
_pdbx_audit_revision_history.ordinal 
_pdbx_audit_revision_history.data_content_type 
_pdbx_audit_revision_history.major_revision 
_pdbx_audit_revision_history.minor_revision 
_pdbx_audit_revision_history.revision_date 
1 'Structure model' 1 0 2013-09-25 
2 'Structure model' 1 1 2013-10-02 
3 'Structure model' 1 2 2013-11-27 
4 'Structure model' 1 3 2024-02-28 
# 
_pdbx_audit_revision_details.ordinal             1 
_pdbx_audit_revision_details.revision_ordinal    1 
_pdbx_audit_revision_details.data_content_type   'Structure model' 
_pdbx_audit_revision_details.provider            repository 
_pdbx_audit_revision_details.type                'Initial release' 
_pdbx_audit_revision_details.description         ? 
_pdbx_audit_revision_details.details             ? 
# 
loop_
_pdbx_audit_revision_group.ordinal 
_pdbx_audit_revision_group.revision_ordinal 
_pdbx_audit_revision_group.data_content_type 
_pdbx_audit_revision_group.group 
1 2 'Structure model' 'Database references' 
2 3 'Structure model' 'Database references' 
3 4 'Structure model' 'Data collection'     
4 4 'Structure model' 'Database references' 
# 
loop_
_pdbx_audit_revision_category.ordinal 
_pdbx_audit_revision_category.revision_ordinal 
_pdbx_audit_revision_category.data_content_type 
_pdbx_audit_revision_category.category 
1 4 'Structure model' chem_comp_atom 
2 4 'Structure model' chem_comp_bond 
3 4 'Structure model' database_2     
# 
loop_
_pdbx_audit_revision_item.ordinal 
_pdbx_audit_revision_item.revision_ordinal 
_pdbx_audit_revision_item.data_content_type 
_pdbx_audit_revision_item.item 
1 4 'Structure model' '_database_2.pdbx_DOI'                
2 4 'Structure model' '_database_2.pdbx_database_accession' 
# 
_pdbx_database_status.status_code                     REL 
_pdbx_database_status.entry_id                        4LEU 
_pdbx_database_status.recvd_initial_deposition_date   2013-06-26 
_pdbx_database_status.deposit_site                    RCSB 
_pdbx_database_status.process_site                    RCSB 
_pdbx_database_status.status_code_sf                  REL 
_pdbx_database_status.status_code_mr                  ? 
_pdbx_database_status.SG_entry                        ? 
_pdbx_database_status.status_code_cs                  ? 
_pdbx_database_status.methods_development_category    ? 
_pdbx_database_status.pdb_format_compatible           Y 
_pdbx_database_status.status_code_nmr_data            ? 
# 
loop_
_audit_author.name 
_audit_author.pdbx_ordinal 
'Ke, J.'          1 
'Chen, R.Z.'      2 
'Ban, T.'         3 
'Brunzelle, J.S.' 4 
'Gu, X.'          5 
'Kang, Y.'        6 
'Melcher, K.'     7 
'Zhu, J.K.'       8 
'Xu, H.E.'        9 
# 
_citation.id                        primary 
_citation.title                     
'Structure of a PLS-class Pentatricopeptide Repeat Protein Provides Insights into Mechanism of RNA Recognition.' 
_citation.journal_abbrev            J.Biol.Chem. 
_citation.journal_volume            288 
_citation.page_first                31540 
_citation.page_last                 31548 
_citation.year                      2013 
_citation.journal_id_ASTM           JBCHA3 
_citation.country                   US 
_citation.journal_id_ISSN           0021-9258 
_citation.journal_id_CSD            0071 
_citation.book_publisher            ? 
_citation.pdbx_database_id_PubMed   24047899 
_citation.pdbx_database_id_DOI      10.1074/jbc.M113.496828 
# 
loop_
_citation_author.citation_id 
_citation_author.name 
_citation_author.ordinal 
_citation_author.identifier_ORCID 
primary 'Ban, T.'     1  ? 
primary 'Ke, J.'      2  ? 
primary 'Chen, R.'    3  ? 
primary 'Gu, X.'      4  ? 
primary 'Tan, M.H.'   5  ? 
primary 'Zhou, X.E.'  6  ? 
primary 'Kang, Y.'    7  ? 
primary 'Melcher, K.' 8  ? 
primary 'Zhu, J.K.'   9  ? 
primary 'Xu, H.E.'    10 ? 
# 
loop_
_entity.id 
_entity.type 
_entity.src_method 
_entity.pdbx_description 
_entity.formula_weight 
_entity.pdbx_number_of_molecules 
_entity.pdbx_ec 
_entity.pdbx_mutation 
_entity.pdbx_fragment 
_entity.details 
1 polymer man 'Pentatricopeptide repeat-containing protein At3g46870' 30183.547 1   ? ? ? ? 
2 water   nat water                                                   18.015    128 ? ? ? ? 
# 
_entity_poly.entity_id                      1 
_entity_poly.type                           'polypeptide(L)' 
_entity_poly.nstd_linkage                   no 
_entity_poly.nstd_monomer                   no 
_entity_poly.pdbx_seq_one_letter_code       
;MTAIRVCSRKFPTFASIFFQNITRNPSIHRISFSNLKPKTLLHPIPPKPFTVFVSRFHDGRPRGPLWRGKKLIGKEALFV
ILGLKRLKEDDEKLDKFIKTHVFRLLKLDMLAVIGELERQEETALAIKMFEVIQKQEWYQPDVFMYKDLIVSLAKSKRMD
EAMALWEKMKKENLFPDSQTYTEVIRGFLRDGCPADAMNVYEDMLKSPDPPEELPFRVLLKGLLPHPLLRNKVKKDFEEL
FPEKHAYDPPEEIFGRC
;
_entity_poly.pdbx_seq_one_letter_code_can   
;MTAIRVCSRKFPTFASIFFQNITRNPSIHRISFSNLKPKTLLHPIPPKPFTVFVSRFHDGRPRGPLWRGKKLIGKEALFV
ILGLKRLKEDDEKLDKFIKTHVFRLLKLDMLAVIGELERQEETALAIKMFEVIQKQEWYQPDVFMYKDLIVSLAKSKRMD
EAMALWEKMKKENLFPDSQTYTEVIRGFLRDGCPADAMNVYEDMLKSPDPPEELPFRVLLKGLLPHPLLRNKVKKDFEEL
FPEKHAYDPPEEIFGRC
;
_entity_poly.pdbx_strand_id                 A 
_entity_poly.pdbx_target_identifier         ? 
# 
_pdbx_entity_nonpoly.entity_id   2 
_pdbx_entity_nonpoly.name        water 
_pdbx_entity_nonpoly.comp_id     HOH 
# 
loop_
_entity_poly_seq.entity_id 
_entity_poly_seq.num 
_entity_poly_seq.mon_id 
_entity_poly_seq.hetero 
1 1   MET n 
1 2   THR n 
1 3   ALA n 
1 4   ILE n 
1 5   ARG n 
1 6   VAL n 
1 7   CYS n 
1 8   SER n 
1 9   ARG n 
1 10  LYS n 
1 11  PHE n 
1 12  PRO n 
1 13  THR n 
1 14  PHE n 
1 15  ALA n 
1 16  SER n 
1 17  ILE n 
1 18  PHE n 
1 19  PHE n 
1 20  GLN n 
1 21  ASN n 
1 22  ILE n 
1 23  THR n 
1 24  ARG n 
1 25  ASN n 
1 26  PRO n 
1 27  SER n 
1 28  ILE n 
1 29  HIS n 
1 30  ARG n 
1 31  ILE n 
1 32  SER n 
1 33  PHE n 
1 34  SER n 
1 35  ASN n 
1 36  LEU n 
1 37  LYS n 
1 38  PRO n 
1 39  LYS n 
1 40  THR n 
1 41  LEU n 
1 42  LEU n 
1 43  HIS n 
1 44  PRO n 
1 45  ILE n 
1 46  PRO n 
1 47  PRO n 
1 48  LYS n 
1 49  PRO n 
1 50  PHE n 
1 51  THR n 
1 52  VAL n 
1 53  PHE n 
1 54  VAL n 
1 55  SER n 
1 56  ARG n 
1 57  PHE n 
1 58  HIS n 
1 59  ASP n 
1 60  GLY n 
1 61  ARG n 
1 62  PRO n 
1 63  ARG n 
1 64  GLY n 
1 65  PRO n 
1 66  LEU n 
1 67  TRP n 
1 68  ARG n 
1 69  GLY n 
1 70  LYS n 
1 71  LYS n 
1 72  LEU n 
1 73  ILE n 
1 74  GLY n 
1 75  LYS n 
1 76  GLU n 
1 77  ALA n 
1 78  LEU n 
1 79  PHE n 
1 80  VAL n 
1 81  ILE n 
1 82  LEU n 
1 83  GLY n 
1 84  LEU n 
1 85  LYS n 
1 86  ARG n 
1 87  LEU n 
1 88  LYS n 
1 89  GLU n 
1 90  ASP n 
1 91  ASP n 
1 92  GLU n 
1 93  LYS n 
1 94  LEU n 
1 95  ASP n 
1 96  LYS n 
1 97  PHE n 
1 98  ILE n 
1 99  LYS n 
1 100 THR n 
1 101 HIS n 
1 102 VAL n 
1 103 PHE n 
1 104 ARG n 
1 105 LEU n 
1 106 LEU n 
1 107 LYS n 
1 108 LEU n 
1 109 ASP n 
1 110 MET n 
1 111 LEU n 
1 112 ALA n 
1 113 VAL n 
1 114 ILE n 
1 115 GLY n 
1 116 GLU n 
1 117 LEU n 
1 118 GLU n 
1 119 ARG n 
1 120 GLN n 
1 121 GLU n 
1 122 GLU n 
1 123 THR n 
1 124 ALA n 
1 125 LEU n 
1 126 ALA n 
1 127 ILE n 
1 128 LYS n 
1 129 MET n 
1 130 PHE n 
1 131 GLU n 
1 132 VAL n 
1 133 ILE n 
1 134 GLN n 
1 135 LYS n 
1 136 GLN n 
1 137 GLU n 
1 138 TRP n 
1 139 TYR n 
1 140 GLN n 
1 141 PRO n 
1 142 ASP n 
1 143 VAL n 
1 144 PHE n 
1 145 MET n 
1 146 TYR n 
1 147 LYS n 
1 148 ASP n 
1 149 LEU n 
1 150 ILE n 
1 151 VAL n 
1 152 SER n 
1 153 LEU n 
1 154 ALA n 
1 155 LYS n 
1 156 SER n 
1 157 LYS n 
1 158 ARG n 
1 159 MET n 
1 160 ASP n 
1 161 GLU n 
1 162 ALA n 
1 163 MET n 
1 164 ALA n 
1 165 LEU n 
1 166 TRP n 
1 167 GLU n 
1 168 LYS n 
1 169 MET n 
1 170 LYS n 
1 171 LYS n 
1 172 GLU n 
1 173 ASN n 
1 174 LEU n 
1 175 PHE n 
1 176 PRO n 
1 177 ASP n 
1 178 SER n 
1 179 GLN n 
1 180 THR n 
1 181 TYR n 
1 182 THR n 
1 183 GLU n 
1 184 VAL n 
1 185 ILE n 
1 186 ARG n 
1 187 GLY n 
1 188 PHE n 
1 189 LEU n 
1 190 ARG n 
1 191 ASP n 
1 192 GLY n 
1 193 CYS n 
1 194 PRO n 
1 195 ALA n 
1 196 ASP n 
1 197 ALA n 
1 198 MET n 
1 199 ASN n 
1 200 VAL n 
1 201 TYR n 
1 202 GLU n 
1 203 ASP n 
1 204 MET n 
1 205 LEU n 
1 206 LYS n 
1 207 SER n 
1 208 PRO n 
1 209 ASP n 
1 210 PRO n 
1 211 PRO n 
1 212 GLU n 
1 213 GLU n 
1 214 LEU n 
1 215 PRO n 
1 216 PHE n 
1 217 ARG n 
1 218 VAL n 
1 219 LEU n 
1 220 LEU n 
1 221 LYS n 
1 222 GLY n 
1 223 LEU n 
1 224 LEU n 
1 225 PRO n 
1 226 HIS n 
1 227 PRO n 
1 228 LEU n 
1 229 LEU n 
1 230 ARG n 
1 231 ASN n 
1 232 LYS n 
1 233 VAL n 
1 234 LYS n 
1 235 LYS n 
1 236 ASP n 
1 237 PHE n 
1 238 GLU n 
1 239 GLU n 
1 240 LEU n 
1 241 PHE n 
1 242 PRO n 
1 243 GLU n 
1 244 LYS n 
1 245 HIS n 
1 246 ALA n 
1 247 TYR n 
1 248 ASP n 
1 249 PRO n 
1 250 PRO n 
1 251 GLU n 
1 252 GLU n 
1 253 ILE n 
1 254 PHE n 
1 255 GLY n 
1 256 ARG n 
1 257 CYS n 
# 
_entity_src_gen.entity_id                          1 
_entity_src_gen.pdbx_src_id                        1 
_entity_src_gen.pdbx_alt_source_flag               sample 
_entity_src_gen.pdbx_seq_type                      ? 
_entity_src_gen.pdbx_beg_seq_num                   ? 
_entity_src_gen.pdbx_end_seq_num                   ? 
_entity_src_gen.gene_src_common_name               'mouse-ear cress,thale-cress' 
_entity_src_gen.gene_src_genus                     ? 
_entity_src_gen.pdbx_gene_src_gene                 'At3g46870, T6H20.100, THA8' 
_entity_src_gen.gene_src_species                   ? 
_entity_src_gen.gene_src_strain                    ? 
_entity_src_gen.gene_src_tissue                    ? 
_entity_src_gen.gene_src_tissue_fraction           ? 
_entity_src_gen.gene_src_details                   ? 
_entity_src_gen.pdbx_gene_src_fragment             ? 
_entity_src_gen.pdbx_gene_src_scientific_name      'Arabidopsis thaliana' 
_entity_src_gen.pdbx_gene_src_ncbi_taxonomy_id     3702 
_entity_src_gen.pdbx_gene_src_variant              ? 
_entity_src_gen.pdbx_gene_src_cell_line            ? 
_entity_src_gen.pdbx_gene_src_atcc                 ? 
_entity_src_gen.pdbx_gene_src_organ                ? 
_entity_src_gen.pdbx_gene_src_organelle            ? 
_entity_src_gen.pdbx_gene_src_cell                 ? 
_entity_src_gen.pdbx_gene_src_cellular_location    ? 
_entity_src_gen.host_org_common_name               ? 
_entity_src_gen.pdbx_host_org_scientific_name      'Escherichia coli' 
_entity_src_gen.pdbx_host_org_ncbi_taxonomy_id     469008 
_entity_src_gen.host_org_genus                     ? 
_entity_src_gen.pdbx_host_org_gene                 ? 
_entity_src_gen.pdbx_host_org_organ                ? 
_entity_src_gen.host_org_species                   ? 
_entity_src_gen.pdbx_host_org_tissue               ? 
_entity_src_gen.pdbx_host_org_tissue_fraction      ? 
_entity_src_gen.pdbx_host_org_strain               'BL21(DE3)' 
_entity_src_gen.pdbx_host_org_variant              ? 
_entity_src_gen.pdbx_host_org_cell_line            ? 
_entity_src_gen.pdbx_host_org_atcc                 ? 
_entity_src_gen.pdbx_host_org_culture_collection   ? 
_entity_src_gen.pdbx_host_org_cell                 ? 
_entity_src_gen.pdbx_host_org_organelle            ? 
_entity_src_gen.pdbx_host_org_cellular_location    ? 
_entity_src_gen.pdbx_host_org_vector_type          Plasmid 
_entity_src_gen.pdbx_host_org_vector               ? 
_entity_src_gen.host_org_details                   ? 
_entity_src_gen.expression_system_id               ? 
_entity_src_gen.plasmid_name                       pET24a 
_entity_src_gen.plasmid_details                    ? 
_entity_src_gen.pdbx_description                   ? 
# 
loop_
_chem_comp.id 
_chem_comp.type 
_chem_comp.mon_nstd_flag 
_chem_comp.name 
_chem_comp.pdbx_synonyms 
_chem_comp.formula 
_chem_comp.formula_weight 
ALA 'L-peptide linking' y ALANINE         ? 'C3 H7 N O2'     89.093  
ARG 'L-peptide linking' y ARGININE        ? 'C6 H15 N4 O2 1' 175.209 
ASN 'L-peptide linking' y ASPARAGINE      ? 'C4 H8 N2 O3'    132.118 
ASP 'L-peptide linking' y 'ASPARTIC ACID' ? 'C4 H7 N O4'     133.103 
CYS 'L-peptide linking' y CYSTEINE        ? 'C3 H7 N O2 S'   121.158 
GLN 'L-peptide linking' y GLUTAMINE       ? 'C5 H10 N2 O3'   146.144 
GLU 'L-peptide linking' y 'GLUTAMIC ACID' ? 'C5 H9 N O4'     147.129 
GLY 'peptide linking'   y GLYCINE         ? 'C2 H5 N O2'     75.067  
HIS 'L-peptide linking' y HISTIDINE       ? 'C6 H10 N3 O2 1' 156.162 
HOH non-polymer         . WATER           ? 'H2 O'           18.015  
ILE 'L-peptide linking' y ISOLEUCINE      ? 'C6 H13 N O2'    131.173 
LEU 'L-peptide linking' y LEUCINE         ? 'C6 H13 N O2'    131.173 
LYS 'L-peptide linking' y LYSINE          ? 'C6 H15 N2 O2 1' 147.195 
MET 'L-peptide linking' y METHIONINE      ? 'C5 H11 N O2 S'  149.211 
PHE 'L-peptide linking' y PHENYLALANINE   ? 'C9 H11 N O2'    165.189 
PRO 'L-peptide linking' y PROLINE         ? 'C5 H9 N O2'     115.130 
SER 'L-peptide linking' y SERINE          ? 'C3 H7 N O3'     105.093 
THR 'L-peptide linking' y THREONINE       ? 'C4 H9 N O3'     119.119 
TRP 'L-peptide linking' y TRYPTOPHAN      ? 'C11 H12 N2 O2'  204.225 
TYR 'L-peptide linking' y TYROSINE        ? 'C9 H11 N O3'    181.189 
VAL 'L-peptide linking' y VALINE          ? 'C5 H11 N O2'    117.146 
# 
loop_
_pdbx_poly_seq_scheme.asym_id 
_pdbx_poly_seq_scheme.entity_id 
_pdbx_poly_seq_scheme.seq_id 
_pdbx_poly_seq_scheme.mon_id 
_pdbx_poly_seq_scheme.ndb_seq_num 
_pdbx_poly_seq_scheme.pdb_seq_num 
_pdbx_poly_seq_scheme.auth_seq_num 
_pdbx_poly_seq_scheme.pdb_mon_id 
_pdbx_poly_seq_scheme.auth_mon_id 
_pdbx_poly_seq_scheme.pdb_strand_id 
_pdbx_poly_seq_scheme.pdb_ins_code 
_pdbx_poly_seq_scheme.hetero 
A 1 1   MET 1   1   ?   ?   ?   A . n 
A 1 2   THR 2   2   ?   ?   ?   A . n 
A 1 3   ALA 3   3   ?   ?   ?   A . n 
A 1 4   ILE 4   4   ?   ?   ?   A . n 
A 1 5   ARG 5   5   ?   ?   ?   A . n 
A 1 6   VAL 6   6   ?   ?   ?   A . n 
A 1 7   CYS 7   7   ?   ?   ?   A . n 
A 1 8   SER 8   8   ?   ?   ?   A . n 
A 1 9   ARG 9   9   ?   ?   ?   A . n 
A 1 10  LYS 10  10  ?   ?   ?   A . n 
A 1 11  PHE 11  11  ?   ?   ?   A . n 
A 1 12  PRO 12  12  ?   ?   ?   A . n 
A 1 13  THR 13  13  ?   ?   ?   A . n 
A 1 14  PHE 14  14  ?   ?   ?   A . n 
A 1 15  ALA 15  15  ?   ?   ?   A . n 
A 1 16  SER 16  16  ?   ?   ?   A . n 
A 1 17  ILE 17  17  ?   ?   ?   A . n 
A 1 18  PHE 18  18  ?   ?   ?   A . n 
A 1 19  PHE 19  19  ?   ?   ?   A . n 
A 1 20  GLN 20  20  ?   ?   ?   A . n 
A 1 21  ASN 21  21  ?   ?   ?   A . n 
A 1 22  ILE 22  22  ?   ?   ?   A . n 
A 1 23  THR 23  23  ?   ?   ?   A . n 
A 1 24  ARG 24  24  ?   ?   ?   A . n 
A 1 25  ASN 25  25  ?   ?   ?   A . n 
A 1 26  PRO 26  26  ?   ?   ?   A . n 
A 1 27  SER 27  27  ?   ?   ?   A . n 
A 1 28  ILE 28  28  ?   ?   ?   A . n 
A 1 29  HIS 29  29  ?   ?   ?   A . n 
A 1 30  ARG 30  30  ?   ?   ?   A . n 
A 1 31  ILE 31  31  ?   ?   ?   A . n 
A 1 32  SER 32  32  ?   ?   ?   A . n 
A 1 33  PHE 33  33  ?   ?   ?   A . n 
A 1 34  SER 34  34  ?   ?   ?   A . n 
A 1 35  ASN 35  35  ?   ?   ?   A . n 
A 1 36  LEU 36  36  ?   ?   ?   A . n 
A 1 37  LYS 37  37  ?   ?   ?   A . n 
A 1 38  PRO 38  38  ?   ?   ?   A . n 
A 1 39  LYS 39  39  ?   ?   ?   A . n 
A 1 40  THR 40  40  ?   ?   ?   A . n 
A 1 41  LEU 41  41  ?   ?   ?   A . n 
A 1 42  LEU 42  42  ?   ?   ?   A . n 
A 1 43  HIS 43  43  ?   ?   ?   A . n 
A 1 44  PRO 44  44  ?   ?   ?   A . n 
A 1 45  ILE 45  45  ?   ?   ?   A . n 
A 1 46  PRO 46  46  ?   ?   ?   A . n 
A 1 47  PRO 47  47  ?   ?   ?   A . n 
A 1 48  LYS 48  48  ?   ?   ?   A . n 
A 1 49  PRO 49  49  ?   ?   ?   A . n 
A 1 50  PHE 50  50  ?   ?   ?   A . n 
A 1 51  THR 51  51  ?   ?   ?   A . n 
A 1 52  VAL 52  52  ?   ?   ?   A . n 
A 1 53  PHE 53  53  ?   ?   ?   A . n 
A 1 54  VAL 54  54  ?   ?   ?   A . n 
A 1 55  SER 55  55  ?   ?   ?   A . n 
A 1 56  ARG 56  56  ?   ?   ?   A . n 
A 1 57  PHE 57  57  ?   ?   ?   A . n 
A 1 58  HIS 58  58  ?   ?   ?   A . n 
A 1 59  ASP 59  59  ?   ?   ?   A . n 
A 1 60  GLY 60  60  ?   ?   ?   A . n 
A 1 61  ARG 61  61  ?   ?   ?   A . n 
A 1 62  PRO 62  62  ?   ?   ?   A . n 
A 1 63  ARG 63  63  ?   ?   ?   A . n 
A 1 64  GLY 64  64  ?   ?   ?   A . n 
A 1 65  PRO 65  65  ?   ?   ?   A . n 
A 1 66  LEU 66  66  ?   ?   ?   A . n 
A 1 67  TRP 67  67  ?   ?   ?   A . n 
A 1 68  ARG 68  68  ?   ?   ?   A . n 
A 1 69  GLY 69  69  ?   ?   ?   A . n 
A 1 70  LYS 70  70  ?   ?   ?   A . n 
A 1 71  LYS 71  71  71  LYS LYS A . n 
A 1 72  LEU 72  72  72  LEU LEU A . n 
A 1 73  ILE 73  73  73  ILE ILE A . n 
A 1 74  GLY 74  74  74  GLY GLY A . n 
A 1 75  LYS 75  75  75  LYS LYS A . n 
A 1 76  GLU 76  76  76  GLU GLU A . n 
A 1 77  ALA 77  77  77  ALA ALA A . n 
A 1 78  LEU 78  78  78  LEU LEU A . n 
A 1 79  PHE 79  79  79  PHE PHE A . n 
A 1 80  VAL 80  80  80  VAL VAL A . n 
A 1 81  ILE 81  81  81  ILE ILE A . n 
A 1 82  LEU 82  82  82  LEU LEU A . n 
A 1 83  GLY 83  83  83  GLY GLY A . n 
A 1 84  LEU 84  84  84  LEU LEU A . n 
A 1 85  LYS 85  85  85  LYS LYS A . n 
A 1 86  ARG 86  86  86  ARG ARG A . n 
A 1 87  LEU 87  87  87  LEU LEU A . n 
A 1 88  LYS 88  88  88  LYS LYS A . n 
A 1 89  GLU 89  89  89  GLU GLU A . n 
A 1 90  ASP 90  90  90  ASP ASP A . n 
A 1 91  ASP 91  91  91  ASP ASP A . n 
A 1 92  GLU 92  92  92  GLU GLU A . n 
A 1 93  LYS 93  93  93  LYS LYS A . n 
A 1 94  LEU 94  94  94  LEU LEU A . n 
A 1 95  ASP 95  95  95  ASP ASP A . n 
A 1 96  LYS 96  96  96  LYS LYS A . n 
A 1 97  PHE 97  97  97  PHE PHE A . n 
A 1 98  ILE 98  98  98  ILE ILE A . n 
A 1 99  LYS 99  99  99  LYS LYS A . n 
A 1 100 THR 100 100 100 THR THR A . n 
A 1 101 HIS 101 101 101 HIS HIS A . n 
A 1 102 VAL 102 102 102 VAL VAL A . n 
A 1 103 PHE 103 103 103 PHE PHE A . n 
A 1 104 ARG 104 104 104 ARG ARG A . n 
A 1 105 LEU 105 105 105 LEU LEU A . n 
A 1 106 LEU 106 106 106 LEU LEU A . n 
A 1 107 LYS 107 107 107 LYS LYS A . n 
A 1 108 LEU 108 108 108 LEU LEU A . n 
A 1 109 ASP 109 109 109 ASP ASP A . n 
A 1 110 MET 110 110 110 MET MET A . n 
A 1 111 LEU 111 111 111 LEU LEU A . n 
A 1 112 ALA 112 112 112 ALA ALA A . n 
A 1 113 VAL 113 113 113 VAL VAL A . n 
A 1 114 ILE 114 114 114 ILE ILE A . n 
A 1 115 GLY 115 115 115 GLY GLY A . n 
A 1 116 GLU 116 116 116 GLU GLU A . n 
A 1 117 LEU 117 117 117 LEU LEU A . n 
A 1 118 GLU 118 118 118 GLU GLU A . n 
A 1 119 ARG 119 119 119 ARG ARG A . n 
A 1 120 GLN 120 120 120 GLN GLN A . n 
A 1 121 GLU 121 121 121 GLU GLU A . n 
A 1 122 GLU 122 122 122 GLU GLU A . n 
A 1 123 THR 123 123 123 THR THR A . n 
A 1 124 ALA 124 124 124 ALA ALA A . n 
A 1 125 LEU 125 125 125 LEU LEU A . n 
A 1 126 ALA 126 126 126 ALA ALA A . n 
A 1 127 ILE 127 127 127 ILE ILE A . n 
A 1 128 LYS 128 128 128 LYS LYS A . n 
A 1 129 MET 129 129 129 MET MET A . n 
A 1 130 PHE 130 130 130 PHE PHE A . n 
A 1 131 GLU 131 131 131 GLU GLU A . n 
A 1 132 VAL 132 132 132 VAL VAL A . n 
A 1 133 ILE 133 133 133 ILE ILE A . n 
A 1 134 GLN 134 134 134 GLN GLN A . n 
A 1 135 LYS 135 135 135 LYS LYS A . n 
A 1 136 GLN 136 136 136 GLN GLN A . n 
A 1 137 GLU 137 137 137 GLU GLU A . n 
A 1 138 TRP 138 138 138 TRP TRP A . n 
A 1 139 TYR 139 139 139 TYR TYR A . n 
A 1 140 GLN 140 140 140 GLN GLN A . n 
A 1 141 PRO 141 141 141 PRO PRO A . n 
A 1 142 ASP 142 142 142 ASP ASP A . n 
A 1 143 VAL 143 143 143 VAL VAL A . n 
A 1 144 PHE 144 144 144 PHE PHE A . n 
A 1 145 MET 145 145 145 MET MET A . n 
A 1 146 TYR 146 146 146 TYR TYR A . n 
A 1 147 LYS 147 147 147 LYS LYS A . n 
A 1 148 ASP 148 148 148 ASP ASP A . n 
A 1 149 LEU 149 149 149 LEU LEU A . n 
A 1 150 ILE 150 150 150 ILE ILE A . n 
A 1 151 VAL 151 151 151 VAL VAL A . n 
A 1 152 SER 152 152 152 SER SER A . n 
A 1 153 LEU 153 153 153 LEU LEU A . n 
A 1 154 ALA 154 154 154 ALA ALA A . n 
A 1 155 LYS 155 155 155 LYS LYS A . n 
A 1 156 SER 156 156 156 SER SER A . n 
A 1 157 LYS 157 157 157 LYS LYS A . n 
A 1 158 ARG 158 158 158 ARG ARG A . n 
A 1 159 MET 159 159 159 MET MET A . n 
A 1 160 ASP 160 160 160 ASP ASP A . n 
A 1 161 GLU 161 161 161 GLU GLU A . n 
A 1 162 ALA 162 162 162 ALA ALA A . n 
A 1 163 MET 163 163 163 MET MET A . n 
A 1 164 ALA 164 164 164 ALA ALA A . n 
A 1 165 LEU 165 165 165 LEU LEU A . n 
A 1 166 TRP 166 166 166 TRP TRP A . n 
A 1 167 GLU 167 167 167 GLU GLU A . n 
A 1 168 LYS 168 168 168 LYS LYS A . n 
A 1 169 MET 169 169 169 MET MET A . n 
A 1 170 LYS 170 170 170 LYS LYS A . n 
A 1 171 LYS 171 171 171 LYS LYS A . n 
A 1 172 GLU 172 172 172 GLU GLU A . n 
A 1 173 ASN 173 173 173 ASN ASN A . n 
A 1 174 LEU 174 174 174 LEU LEU A . n 
A 1 175 PHE 175 175 175 PHE PHE A . n 
A 1 176 PRO 176 176 176 PRO PRO A . n 
A 1 177 ASP 177 177 177 ASP ASP A . n 
A 1 178 SER 178 178 178 SER SER A . n 
A 1 179 GLN 179 179 179 GLN GLN A . n 
A 1 180 THR 180 180 180 THR THR A . n 
A 1 181 TYR 181 181 181 TYR TYR A . n 
A 1 182 THR 182 182 182 THR THR A . n 
A 1 183 GLU 183 183 183 GLU GLU A . n 
A 1 184 VAL 184 184 184 VAL VAL A . n 
A 1 185 ILE 185 185 185 ILE ILE A . n 
A 1 186 ARG 186 186 186 ARG ARG A . n 
A 1 187 GLY 187 187 187 GLY GLY A . n 
A 1 188 PHE 188 188 188 PHE PHE A . n 
A 1 189 LEU 189 189 189 LEU LEU A . n 
A 1 190 ARG 190 190 190 ARG ARG A . n 
A 1 191 ASP 191 191 191 ASP ASP A . n 
A 1 192 GLY 192 192 192 GLY GLY A . n 
A 1 193 CYS 193 193 193 CYS CYS A . n 
A 1 194 PRO 194 194 194 PRO PRO A . n 
A 1 195 ALA 195 195 195 ALA ALA A . n 
A 1 196 ASP 196 196 196 ASP ASP A . n 
A 1 197 ALA 197 197 197 ALA ALA A . n 
A 1 198 MET 198 198 198 MET MET A . n 
A 1 199 ASN 199 199 199 ASN ASN A . n 
A 1 200 VAL 200 200 200 VAL VAL A . n 
A 1 201 TYR 201 201 201 TYR TYR A . n 
A 1 202 GLU 202 202 202 GLU GLU A . n 
A 1 203 ASP 203 203 203 ASP ASP A . n 
A 1 204 MET 204 204 204 MET MET A . n 
A 1 205 LEU 205 205 205 LEU LEU A . n 
A 1 206 LYS 206 206 206 LYS LYS A . n 
A 1 207 SER 207 207 207 SER SER A . n 
A 1 208 PRO 208 208 208 PRO PRO A . n 
A 1 209 ASP 209 209 209 ASP ASP A . n 
A 1 210 PRO 210 210 210 PRO PRO A . n 
A 1 211 PRO 211 211 211 PRO PRO A . n 
A 1 212 GLU 212 212 212 GLU GLU A . n 
A 1 213 GLU 213 213 213 GLU GLU A . n 
A 1 214 LEU 214 214 214 LEU LEU A . n 
A 1 215 PRO 215 215 215 PRO PRO A . n 
A 1 216 PHE 216 216 216 PHE PHE A . n 
A 1 217 ARG 217 217 217 ARG ARG A . n 
A 1 218 VAL 218 218 218 VAL VAL A . n 
A 1 219 LEU 219 219 219 LEU LEU A . n 
A 1 220 LEU 220 220 220 LEU LEU A . n 
A 1 221 LYS 221 221 221 LYS LYS A . n 
A 1 222 GLY 222 222 222 GLY GLY A . n 
A 1 223 LEU 223 223 223 LEU LEU A . n 
A 1 224 LEU 224 224 224 LEU LEU A . n 
A 1 225 PRO 225 225 225 PRO PRO A . n 
A 1 226 HIS 226 226 226 HIS HIS A . n 
A 1 227 PRO 227 227 227 PRO PRO A . n 
A 1 228 LEU 228 228 228 LEU LEU A . n 
A 1 229 LEU 229 229 229 LEU LEU A . n 
A 1 230 ARG 230 230 230 ARG ARG A . n 
A 1 231 ASN 231 231 231 ASN ASN A . n 
A 1 232 LYS 232 232 232 LYS LYS A . n 
A 1 233 VAL 233 233 233 VAL VAL A . n 
A 1 234 LYS 234 234 234 LYS LYS A . n 
A 1 235 LYS 235 235 235 LYS LYS A . n 
A 1 236 ASP 236 236 236 ASP ASP A . n 
A 1 237 PHE 237 237 237 PHE PHE A . n 
A 1 238 GLU 238 238 238 GLU GLU A . n 
A 1 239 GLU 239 239 239 GLU GLU A . n 
A 1 240 LEU 240 240 240 LEU LEU A . n 
A 1 241 PHE 241 241 241 PHE PHE A . n 
A 1 242 PRO 242 242 242 PRO PRO A . n 
A 1 243 GLU 243 243 243 GLU GLU A . n 
A 1 244 LYS 244 244 244 LYS LYS A . n 
A 1 245 HIS 245 245 245 HIS HIS A . n 
A 1 246 ALA 246 246 246 ALA ALA A . n 
A 1 247 TYR 247 247 247 TYR TYR A . n 
A 1 248 ASP 248 248 248 ASP ASP A . n 
A 1 249 PRO 249 249 249 PRO PRO A . n 
A 1 250 PRO 250 250 250 PRO PRO A . n 
A 1 251 GLU 251 251 251 GLU GLU A . n 
A 1 252 GLU 252 252 252 GLU GLU A . n 
A 1 253 ILE 253 253 ?   ?   ?   A . n 
A 1 254 PHE 254 254 ?   ?   ?   A . n 
A 1 255 GLY 255 255 ?   ?   ?   A . n 
A 1 256 ARG 256 256 ?   ?   ?   A . n 
A 1 257 CYS 257 257 ?   ?   ?   A . n 
# 
loop_
_pdbx_nonpoly_scheme.asym_id 
_pdbx_nonpoly_scheme.entity_id 
_pdbx_nonpoly_scheme.mon_id 
_pdbx_nonpoly_scheme.ndb_seq_num 
_pdbx_nonpoly_scheme.pdb_seq_num 
_pdbx_nonpoly_scheme.auth_seq_num 
_pdbx_nonpoly_scheme.pdb_mon_id 
_pdbx_nonpoly_scheme.auth_mon_id 
_pdbx_nonpoly_scheme.pdb_strand_id 
_pdbx_nonpoly_scheme.pdb_ins_code 
B 2 HOH 1   301 1   HOH HOH A . 
B 2 HOH 2   302 2   HOH HOH A . 
B 2 HOH 3   303 3   HOH HOH A . 
B 2 HOH 4   304 4   HOH HOH A . 
B 2 HOH 5   305 5   HOH HOH A . 
B 2 HOH 6   306 6   HOH HOH A . 
B 2 HOH 7   307 7   HOH HOH A . 
B 2 HOH 8   308 8   HOH HOH A . 
B 2 HOH 9   309 9   HOH HOH A . 
B 2 HOH 10  310 10  HOH HOH A . 
B 2 HOH 11  311 11  HOH HOH A . 
B 2 HOH 12  312 12  HOH HOH A . 
B 2 HOH 13  313 13  HOH HOH A . 
B 2 HOH 14  314 14  HOH HOH A . 
B 2 HOH 15  315 15  HOH HOH A . 
B 2 HOH 16  316 16  HOH HOH A . 
B 2 HOH 17  317 17  HOH HOH A . 
B 2 HOH 18  318 18  HOH HOH A . 
B 2 HOH 19  319 19  HOH HOH A . 
B 2 HOH 20  320 20  HOH HOH A . 
B 2 HOH 21  321 21  HOH HOH A . 
B 2 HOH 22  322 22  HOH HOH A . 
B 2 HOH 23  323 23  HOH HOH A . 
B 2 HOH 24  324 24  HOH HOH A . 
B 2 HOH 25  325 25  HOH HOH A . 
B 2 HOH 26  326 26  HOH HOH A . 
B 2 HOH 27  327 27  HOH HOH A . 
B 2 HOH 28  328 28  HOH HOH A . 
B 2 HOH 29  329 29  HOH HOH A . 
B 2 HOH 30  330 30  HOH HOH A . 
B 2 HOH 31  331 31  HOH HOH A . 
B 2 HOH 32  332 32  HOH HOH A . 
B 2 HOH 33  333 33  HOH HOH A . 
B 2 HOH 34  334 34  HOH HOH A . 
B 2 HOH 35  335 35  HOH HOH A . 
B 2 HOH 36  336 36  HOH HOH A . 
B 2 HOH 37  337 37  HOH HOH A . 
B 2 HOH 38  338 38  HOH HOH A . 
B 2 HOH 39  339 39  HOH HOH A . 
B 2 HOH 40  340 40  HOH HOH A . 
B 2 HOH 41  341 41  HOH HOH A . 
B 2 HOH 42  342 42  HOH HOH A . 
B 2 HOH 43  343 43  HOH HOH A . 
B 2 HOH 44  344 44  HOH HOH A . 
B 2 HOH 45  345 45  HOH HOH A . 
B 2 HOH 46  346 46  HOH HOH A . 
B 2 HOH 47  347 47  HOH HOH A . 
B 2 HOH 48  348 48  HOH HOH A . 
B 2 HOH 49  349 49  HOH HOH A . 
B 2 HOH 50  350 50  HOH HOH A . 
B 2 HOH 51  351 51  HOH HOH A . 
B 2 HOH 52  352 52  HOH HOH A . 
B 2 HOH 53  353 53  HOH HOH A . 
B 2 HOH 54  354 54  HOH HOH A . 
B 2 HOH 55  355 55  HOH HOH A . 
B 2 HOH 56  356 56  HOH HOH A . 
B 2 HOH 57  357 57  HOH HOH A . 
B 2 HOH 58  358 58  HOH HOH A . 
B 2 HOH 59  359 59  HOH HOH A . 
B 2 HOH 60  360 60  HOH HOH A . 
B 2 HOH 61  361 61  HOH HOH A . 
B 2 HOH 62  362 62  HOH HOH A . 
B 2 HOH 63  363 63  HOH HOH A . 
B 2 HOH 64  364 64  HOH HOH A . 
B 2 HOH 65  365 65  HOH HOH A . 
B 2 HOH 66  366 66  HOH HOH A . 
B 2 HOH 67  367 67  HOH HOH A . 
B 2 HOH 68  368 68  HOH HOH A . 
B 2 HOH 69  369 69  HOH HOH A . 
B 2 HOH 70  370 70  HOH HOH A . 
B 2 HOH 71  371 71  HOH HOH A . 
B 2 HOH 72  372 72  HOH HOH A . 
B 2 HOH 73  373 73  HOH HOH A . 
B 2 HOH 74  374 74  HOH HOH A . 
B 2 HOH 75  375 75  HOH HOH A . 
B 2 HOH 76  376 76  HOH HOH A . 
B 2 HOH 77  377 77  HOH HOH A . 
B 2 HOH 78  378 78  HOH HOH A . 
B 2 HOH 79  379 79  HOH HOH A . 
B 2 HOH 80  380 80  HOH HOH A . 
B 2 HOH 81  381 81  HOH HOH A . 
B 2 HOH 82  382 82  HOH HOH A . 
B 2 HOH 83  383 83  HOH HOH A . 
B 2 HOH 84  384 84  HOH HOH A . 
B 2 HOH 85  385 85  HOH HOH A . 
B 2 HOH 86  386 86  HOH HOH A . 
B 2 HOH 87  387 87  HOH HOH A . 
B 2 HOH 88  388 88  HOH HOH A . 
B 2 HOH 89  389 89  HOH HOH A . 
B 2 HOH 90  390 90  HOH HOH A . 
B 2 HOH 91  391 91  HOH HOH A . 
B 2 HOH 92  392 92  HOH HOH A . 
B 2 HOH 93  393 93  HOH HOH A . 
B 2 HOH 94  394 94  HOH HOH A . 
B 2 HOH 95  395 95  HOH HOH A . 
B 2 HOH 96  396 96  HOH HOH A . 
B 2 HOH 97  397 97  HOH HOH A . 
B 2 HOH 98  398 98  HOH HOH A . 
B 2 HOH 99  399 99  HOH HOH A . 
B 2 HOH 100 400 100 HOH HOH A . 
B 2 HOH 101 401 101 HOH HOH A . 
B 2 HOH 102 402 102 HOH HOH A . 
B 2 HOH 103 403 103 HOH HOH A . 
B 2 HOH 104 404 104 HOH HOH A . 
B 2 HOH 105 405 105 HOH HOH A . 
B 2 HOH 106 406 106 HOH HOH A . 
B 2 HOH 107 407 107 HOH HOH A . 
B 2 HOH 108 408 108 HOH HOH A . 
B 2 HOH 109 409 109 HOH HOH A . 
B 2 HOH 110 410 110 HOH HOH A . 
B 2 HOH 111 411 111 HOH HOH A . 
B 2 HOH 112 412 112 HOH HOH A . 
B 2 HOH 113 413 113 HOH HOH A . 
B 2 HOH 114 414 114 HOH HOH A . 
B 2 HOH 115 415 115 HOH HOH A . 
B 2 HOH 116 416 116 HOH HOH A . 
B 2 HOH 117 417 117 HOH HOH A . 
B 2 HOH 118 418 118 HOH HOH A . 
B 2 HOH 119 419 119 HOH HOH A . 
B 2 HOH 120 420 120 HOH HOH A . 
B 2 HOH 121 421 121 HOH HOH A . 
B 2 HOH 122 422 122 HOH HOH A . 
B 2 HOH 123 423 123 HOH HOH A . 
B 2 HOH 124 424 124 HOH HOH A . 
B 2 HOH 125 425 125 HOH HOH A . 
B 2 HOH 126 426 126 HOH HOH A . 
B 2 HOH 127 427 127 HOH HOH A . 
B 2 HOH 128 428 128 HOH HOH A . 
# 
loop_
_software.name 
_software.classification 
_software.version 
_software.citation_id 
_software.pdbx_ordinal 
HKL-2000 'data collection' .        ? 1 
SHELX    'model building'  .        ? 2 
REFMAC   refinement        5.6.0117 ? 3 
HKL-2000 'data reduction'  .        ? 4 
HKL-2000 'data scaling'    .        ? 5 
SHELX    phasing           .        ? 6 
# 
_cell.entry_id           4LEU 
_cell.length_a           117.170 
_cell.length_b           53.302 
_cell.length_c           42.312 
_cell.angle_alpha        90.00 
_cell.angle_beta         99.69 
_cell.angle_gamma        90.00 
_cell.Z_PDB              4 
_cell.pdbx_unique_axis   ? 
_cell.length_a_esd       ? 
_cell.length_b_esd       ? 
_cell.length_c_esd       ? 
_cell.angle_alpha_esd    ? 
_cell.angle_beta_esd     ? 
_cell.angle_gamma_esd    ? 
# 
_symmetry.entry_id                         4LEU 
_symmetry.space_group_name_H-M             'C 1 2 1' 
_symmetry.pdbx_full_space_group_name_H-M   ? 
_symmetry.cell_setting                     ? 
_symmetry.Int_Tables_number                5 
_symmetry.space_group_name_Hall            ? 
# 
_exptl.entry_id          4LEU 
_exptl.method            'X-RAY DIFFRACTION' 
_exptl.crystals_number   1 
# 
_exptl_crystal.id                    1 
_exptl_crystal.density_meas          ? 
_exptl_crystal.density_Matthews      2.16 
_exptl_crystal.density_percent_sol   42.99 
_exptl_crystal.description           ? 
_exptl_crystal.F_000                 ? 
_exptl_crystal.preparation           ? 
# 
_exptl_crystal_grow.crystal_id      1 
_exptl_crystal_grow.method          'VAPOR DIFFUSION, HANGING DROP' 
_exptl_crystal_grow.temp            295 
_exptl_crystal_grow.temp_details    ? 
_exptl_crystal_grow.pH              4.0 
_exptl_crystal_grow.pdbx_details    
'12% (w/v) PEG3350, 4% (v/v) Tacsimate, pH 4.0, VAPOR DIFFUSION, HANGING DROP, temperature 295K' 
_exptl_crystal_grow.pdbx_pH_range   ? 
# 
_diffrn.id                     1 
_diffrn.ambient_temp           100 
_diffrn.ambient_temp_details   ? 
_diffrn.crystal_id             1 
# 
_diffrn_detector.diffrn_id              1 
_diffrn_detector.detector               CCD 
_diffrn_detector.type                   'MARMOSAIC 225 mm CCD' 
_diffrn_detector.pdbx_collection_date   2012-11-28 
_diffrn_detector.details                ? 
# 
_diffrn_radiation.diffrn_id                        1 
_diffrn_radiation.wavelength_id                    1 
_diffrn_radiation.pdbx_monochromatic_or_laue_m_l   M 
_diffrn_radiation.monochromator                    'Ni FILTER' 
_diffrn_radiation.pdbx_diffrn_protocol             'SINGLE WAVELENGTH' 
_diffrn_radiation.pdbx_scattering_type             x-ray 
# 
_diffrn_radiation_wavelength.id           1 
_diffrn_radiation_wavelength.wavelength   0.97872 
_diffrn_radiation_wavelength.wt           1.0 
# 
_diffrn_source.diffrn_id                   1 
_diffrn_source.source                      SYNCHROTRON 
_diffrn_source.type                        'APS BEAMLINE 21-ID-F' 
_diffrn_source.pdbx_synchrotron_site       APS 
_diffrn_source.pdbx_synchrotron_beamline   21-ID-F 
_diffrn_source.pdbx_wavelength             ? 
_diffrn_source.pdbx_wavelength_list        0.97872 
# 
_reflns.entry_id                     4LEU 
_reflns.observed_criterion_sigma_I   1.0 
_reflns.observed_criterion_sigma_F   1.0 
_reflns.d_resolution_low             50.0 
_reflns.d_resolution_high            2.0 
_reflns.number_obs                   17384 
_reflns.number_all                   17524 
_reflns.percent_possible_obs         99.2 
_reflns.pdbx_Rmerge_I_obs            0.072 
_reflns.pdbx_Rsym_value              ? 
_reflns.pdbx_netI_over_sigmaI        15.3 
_reflns.B_iso_Wilson_estimate        36.4 
_reflns.pdbx_redundancy              7.2 
_reflns.R_free_details               ? 
_reflns.limit_h_max                  ? 
_reflns.limit_h_min                  ? 
_reflns.limit_k_max                  ? 
_reflns.limit_k_min                  ? 
_reflns.limit_l_max                  ? 
_reflns.limit_l_min                  ? 
_reflns.observed_criterion_F_max     ? 
_reflns.observed_criterion_F_min     ? 
_reflns.pdbx_chi_squared             ? 
_reflns.pdbx_scaling_rejects         ? 
_reflns.pdbx_ordinal                 1 
_reflns.pdbx_diffrn_id               1 
# 
_reflns_shell.d_res_high             2.00 
_reflns_shell.d_res_low              2.11 
_reflns_shell.percent_possible_all   95.1 
_reflns_shell.Rmerge_I_obs           0.839 
_reflns_shell.pdbx_Rsym_value        ? 
_reflns_shell.meanI_over_sigI_obs    2.0 
_reflns_shell.pdbx_redundancy        5.9 
_reflns_shell.percent_possible_obs   ? 
_reflns_shell.number_unique_all      2413 
_reflns_shell.number_measured_all    ? 
_reflns_shell.number_measured_obs    ? 
_reflns_shell.number_unique_obs      ? 
_reflns_shell.pdbx_chi_squared       ? 
_reflns_shell.pdbx_ordinal           1 
_reflns_shell.pdbx_diffrn_id         1 
# 
_refine.entry_id                                 4LEU 
_refine.ls_number_reflns_obs                     16394 
_refine.ls_number_reflns_all                     16642 
_refine.pdbx_ls_sigma_I                          ? 
_refine.pdbx_ls_sigma_F                          . 
_refine.pdbx_data_cutoff_high_absF               ? 
_refine.pdbx_data_cutoff_low_absF                ? 
_refine.pdbx_data_cutoff_high_rms_absF           ? 
_refine.ls_d_res_low                             30.00 
_refine.ls_d_res_high                            2.00 
_refine.ls_percent_reflns_obs                    98.51 
_refine.ls_R_factor_obs                          0.20659 
_refine.ls_R_factor_all                          0.20659 
_refine.ls_R_factor_R_work                       0.20406 
_refine.ls_R_factor_R_free                       0.25306 
_refine.ls_R_factor_R_free_error                 ? 
_refine.ls_R_factor_R_free_error_details         ? 
_refine.ls_percent_reflns_R_free                 5.1 
_refine.ls_number_reflns_R_free                  887 
_refine.ls_number_parameters                     ? 
_refine.ls_number_restraints                     ? 
_refine.occupancy_min                            ? 
_refine.occupancy_max                            ? 
_refine.correlation_coeff_Fo_to_Fc               0.959 
_refine.correlation_coeff_Fo_to_Fc_free          0.940 
_refine.B_iso_mean                               44.160 
_refine.aniso_B[1][1]                            0.30 
_refine.aniso_B[2][2]                            -1.96 
_refine.aniso_B[3][3]                            1.20 
_refine.aniso_B[1][2]                            0.00 
_refine.aniso_B[1][3]                            -1.37 
_refine.aniso_B[2][3]                            0.00 
_refine.solvent_model_details                    MASK 
_refine.solvent_model_param_ksol                 ? 
_refine.solvent_model_param_bsol                 ? 
_refine.pdbx_solvent_vdw_probe_radii             1.20 
_refine.pdbx_solvent_ion_probe_radii             0.80 
_refine.pdbx_solvent_shrinkage_radii             0.80 
_refine.pdbx_ls_cross_valid_method               THROUGHOUT 
_refine.details                                  'Used weighted full matrix least squares procedure' 
_refine.pdbx_starting_model                      ? 
_refine.pdbx_method_to_determine_struct          SAD 
_refine.pdbx_isotropic_thermal_model             ? 
_refine.pdbx_stereochemistry_target_values       'MAXIMUM LIKELIHOOD' 
_refine.pdbx_stereochem_target_val_spec_case     ? 
_refine.pdbx_R_Free_selection_details            RANDOM 
_refine.pdbx_overall_ESU_R                       0.170 
_refine.pdbx_overall_ESU_R_Free                  0.163 
_refine.overall_SU_ML                            0.130 
_refine.pdbx_overall_phase_error                 ? 
_refine.overall_SU_B                             4.790 
_refine.overall_SU_R_Cruickshank_DPI             ? 
_refine.ls_redundancy_reflns_obs                 ? 
_refine.B_iso_min                                ? 
_refine.B_iso_max                                ? 
_refine.overall_SU_R_free                        ? 
_refine.ls_wR_factor_R_free                      ? 
_refine.ls_wR_factor_R_work                      ? 
_refine.overall_FOM_free_R_set                   ? 
_refine.overall_FOM_work_R_set                   ? 
_refine.pdbx_diffrn_id                           1 
_refine.pdbx_refine_id                           'X-RAY DIFFRACTION' 
_refine.pdbx_TLS_residual_ADP_flag               ? 
_refine.pdbx_overall_SU_R_free_Cruickshank_DPI   ? 
_refine.pdbx_overall_SU_R_Blow_DPI               ? 
_refine.pdbx_overall_SU_R_free_Blow_DPI          ? 
# 
_refine_hist.pdbx_refine_id                   'X-RAY DIFFRACTION' 
_refine_hist.cycle_id                         LAST 
_refine_hist.pdbx_number_atoms_protein        1506 
_refine_hist.pdbx_number_atoms_nucleic_acid   0 
_refine_hist.pdbx_number_atoms_ligand         0 
_refine_hist.number_atoms_solvent             128 
_refine_hist.number_atoms_total               1634 
_refine_hist.d_res_high                       2.00 
_refine_hist.d_res_low                        30.00 
# 
loop_
_refine_ls_restr.type 
_refine_ls_restr.dev_ideal 
_refine_ls_restr.dev_ideal_target 
_refine_ls_restr.weight 
_refine_ls_restr.number 
_refine_ls_restr.pdbx_restraint_function 
_refine_ls_restr.pdbx_refine_id 
r_bond_refined_d       0.015  0.020  ? 1539 ? 'X-RAY DIFFRACTION' 
r_angle_refined_deg    1.391  2.009  ? 2069 ? 'X-RAY DIFFRACTION' 
r_dihedral_angle_1_deg 5.149  5.000  ? 181  ? 'X-RAY DIFFRACTION' 
r_dihedral_angle_2_deg 30.859 24.930 ? 71   ? 'X-RAY DIFFRACTION' 
r_dihedral_angle_3_deg 19.318 15.000 ? 312  ? 'X-RAY DIFFRACTION' 
r_dihedral_angle_4_deg 24.083 15.000 ? 8    ? 'X-RAY DIFFRACTION' 
r_chiral_restr         0.105  0.200  ? 224  ? 'X-RAY DIFFRACTION' 
r_gen_planes_refined   0.007  0.021  ? 1132 ? 'X-RAY DIFFRACTION' 
# 
_refine_ls_shell.pdbx_total_number_of_bins_used   20 
_refine_ls_shell.d_res_high                       2.000 
_refine_ls_shell.d_res_low                        2.052 
_refine_ls_shell.number_reflns_R_work             1080 
_refine_ls_shell.R_factor_R_work                  0.283 
_refine_ls_shell.percent_reflns_obs               92.42 
_refine_ls_shell.R_factor_R_free                  0.321 
_refine_ls_shell.R_factor_R_free_error            ? 
_refine_ls_shell.percent_reflns_R_free            ? 
_refine_ls_shell.number_reflns_R_free             66 
_refine_ls_shell.number_reflns_all                ? 
_refine_ls_shell.R_factor_all                     ? 
_refine_ls_shell.number_reflns_obs                ? 
_refine_ls_shell.redundancy_reflns_obs            ? 
_refine_ls_shell.pdbx_refine_id                   'X-RAY DIFFRACTION' 
# 
_struct.entry_id                  4LEU 
_struct.title                     'Crystal Structure of THA8-like protein from Arabidopsis thaliana' 
_struct.pdbx_model_details        ? 
_struct.pdbx_CASP_flag            ? 
_struct.pdbx_model_type_details   ? 
# 
_struct_keywords.entry_id        4LEU 
_struct_keywords.pdbx_keywords   'RNA BINDING PROTEIN' 
_struct_keywords.text            
'Group II intron RNA splicing in chloroplast, RNA-binding protein, Chloroplast, METAL BINDING PROTEIN, RNA BINDING PROTEIN' 
# 
loop_
_struct_asym.id 
_struct_asym.pdbx_blank_PDB_chainid_flag 
_struct_asym.pdbx_modified 
_struct_asym.entity_id 
_struct_asym.details 
A N N 1 ? 
B N N 2 ? 
# 
_struct_ref.id                         1 
_struct_ref.db_name                    UNP 
_struct_ref.db_code                    PP266_ARATH 
_struct_ref.pdbx_db_accession          Q9STF9 
_struct_ref.entity_id                  1 
_struct_ref.pdbx_seq_one_letter_code   
;MTAIRVCSRKFPTFASIFFQNITRNPSIHRISFSNLKPKTLLHPIPPKPFTVFVSRFHDGRPRGPLWRGKKLIGKEALFV
ILGLKRLKEDDEKLDKFIKTHVFRLLKLDMLAVIGELERQEETALAIKMFEVIQKQEWYQPDVFMYKDLIVSLAKSKRMD
EAMALWEKMKKENLFPDSQTYTEVIRGFLRDGCPADAMNVYEDMLKSPDPPEELPFRVLLKGLLPHPLLRNKVKKDFEEL
FPEKHAYDPPEEIFGRC
;
_struct_ref.pdbx_align_begin           1 
_struct_ref.pdbx_db_isoform            ? 
# 
_struct_ref_seq.align_id                      1 
_struct_ref_seq.ref_id                        1 
_struct_ref_seq.pdbx_PDB_id_code              4LEU 
_struct_ref_seq.pdbx_strand_id                A 
_struct_ref_seq.seq_align_beg                 1 
_struct_ref_seq.pdbx_seq_align_beg_ins_code   ? 
_struct_ref_seq.seq_align_end                 257 
_struct_ref_seq.pdbx_seq_align_end_ins_code   ? 
_struct_ref_seq.pdbx_db_accession             Q9STF9 
_struct_ref_seq.db_align_beg                  1 
_struct_ref_seq.pdbx_db_align_beg_ins_code    ? 
_struct_ref_seq.db_align_end                  257 
_struct_ref_seq.pdbx_db_align_end_ins_code    ? 
_struct_ref_seq.pdbx_auth_seq_align_beg       1 
_struct_ref_seq.pdbx_auth_seq_align_end       257 
# 
_pdbx_struct_assembly.id                   1 
_pdbx_struct_assembly.details              author_and_software_defined_assembly 
_pdbx_struct_assembly.method_details       PISA 
_pdbx_struct_assembly.oligomeric_details   monomeric 
_pdbx_struct_assembly.oligomeric_count     1 
# 
_pdbx_struct_assembly_gen.assembly_id       1 
_pdbx_struct_assembly_gen.oper_expression   1 
_pdbx_struct_assembly_gen.asym_id_list      A,B 
# 
_pdbx_struct_oper_list.id                   1 
_pdbx_struct_oper_list.type                 'identity operation' 
_pdbx_struct_oper_list.name                 1_555 
_pdbx_struct_oper_list.symmetry_operation   x,y,z 
_pdbx_struct_oper_list.matrix[1][1]         1.0000000000 
_pdbx_struct_oper_list.matrix[1][2]         0.0000000000 
_pdbx_struct_oper_list.matrix[1][3]         0.0000000000 
_pdbx_struct_oper_list.vector[1]            0.0000000000 
_pdbx_struct_oper_list.matrix[2][1]         0.0000000000 
_pdbx_struct_oper_list.matrix[2][2]         1.0000000000 
_pdbx_struct_oper_list.matrix[2][3]         0.0000000000 
_pdbx_struct_oper_list.vector[2]            0.0000000000 
_pdbx_struct_oper_list.matrix[3][1]         0.0000000000 
_pdbx_struct_oper_list.matrix[3][2]         0.0000000000 
_pdbx_struct_oper_list.matrix[3][3]         1.0000000000 
_pdbx_struct_oper_list.vector[3]            0.0000000000 
# 
_struct_biol.id        1 
_struct_biol.details   ? 
# 
loop_
_struct_conf.conf_type_id 
_struct_conf.id 
_struct_conf.pdbx_PDB_helix_id 
_struct_conf.beg_label_comp_id 
_struct_conf.beg_label_asym_id 
_struct_conf.beg_label_seq_id 
_struct_conf.pdbx_beg_PDB_ins_code 
_struct_conf.end_label_comp_id 
_struct_conf.end_label_asym_id 
_struct_conf.end_label_seq_id 
_struct_conf.pdbx_end_PDB_ins_code 
_struct_conf.beg_auth_comp_id 
_struct_conf.beg_auth_asym_id 
_struct_conf.beg_auth_seq_id 
_struct_conf.end_auth_comp_id 
_struct_conf.end_auth_asym_id 
_struct_conf.end_auth_seq_id 
_struct_conf.pdbx_PDB_helix_class 
_struct_conf.details 
_struct_conf.pdbx_PDB_helix_length 
HELX_P HELX_P1  1  GLY A 74  ? LYS A 88  ? GLY A 74  LYS A 88  1 ? 15 
HELX_P HELX_P2  2  ASP A 90  ? VAL A 102 ? ASP A 90  VAL A 102 1 ? 13 
HELX_P HELX_P3  3  LEU A 106 ? GLU A 121 ? LEU A 106 GLU A 121 1 ? 16 
HELX_P HELX_P4  4  GLU A 122 ? LYS A 135 ? GLU A 122 LYS A 135 1 ? 14 
HELX_P HELX_P5  5  ASP A 142 ? SER A 156 ? ASP A 142 SER A 156 1 ? 15 
HELX_P HELX_P6  6  ARG A 158 ? GLU A 172 ? ARG A 158 GLU A 172 1 ? 15 
HELX_P HELX_P7  7  ASP A 177 ? ASP A 191 ? ASP A 177 ASP A 191 1 ? 15 
HELX_P HELX_P8  8  CYS A 193 ? LYS A 206 ? CYS A 193 LYS A 206 1 ? 14 
HELX_P HELX_P9  9  GLU A 212 ? LEU A 223 ? GLU A 212 LEU A 223 1 ? 12 
HELX_P HELX_P10 10 HIS A 226 ? PHE A 241 ? HIS A 226 PHE A 241 1 ? 16 
HELX_P HELX_P11 11 PHE A 241 ? ASP A 248 ? PHE A 241 ASP A 248 1 ? 8  
# 
_struct_conf_type.id          HELX_P 
_struct_conf_type.criteria    ? 
_struct_conf_type.reference   ? 
# 
loop_
_pdbx_unobs_or_zero_occ_residues.id 
_pdbx_unobs_or_zero_occ_residues.PDB_model_num 
_pdbx_unobs_or_zero_occ_residues.polymer_flag 
_pdbx_unobs_or_zero_occ_residues.occupancy_flag 
_pdbx_unobs_or_zero_occ_residues.auth_asym_id 
_pdbx_unobs_or_zero_occ_residues.auth_comp_id 
_pdbx_unobs_or_zero_occ_residues.auth_seq_id 
_pdbx_unobs_or_zero_occ_residues.PDB_ins_code 
_pdbx_unobs_or_zero_occ_residues.label_asym_id 
_pdbx_unobs_or_zero_occ_residues.label_comp_id 
_pdbx_unobs_or_zero_occ_residues.label_seq_id 
1  1 Y 1 A MET 1   ? A MET 1   
2  1 Y 1 A THR 2   ? A THR 2   
3  1 Y 1 A ALA 3   ? A ALA 3   
4  1 Y 1 A ILE 4   ? A ILE 4   
5  1 Y 1 A ARG 5   ? A ARG 5   
6  1 Y 1 A VAL 6   ? A VAL 6   
7  1 Y 1 A CYS 7   ? A CYS 7   
8  1 Y 1 A SER 8   ? A SER 8   
9  1 Y 1 A ARG 9   ? A ARG 9   
10 1 Y 1 A LYS 10  ? A LYS 10  
11 1 Y 1 A PHE 11  ? A PHE 11  
12 1 Y 1 A PRO 12  ? A PRO 12  
13 1 Y 1 A THR 13  ? A THR 13  
14 1 Y 1 A PHE 14  ? A PHE 14  
15 1 Y 1 A ALA 15  ? A ALA 15  
16 1 Y 1 A SER 16  ? A SER 16  
17 1 Y 1 A ILE 17  ? A ILE 17  
18 1 Y 1 A PHE 18  ? A PHE 18  
19 1 Y 1 A PHE 19  ? A PHE 19  
20 1 Y 1 A GLN 20  ? A GLN 20  
21 1 Y 1 A ASN 21  ? A ASN 21  
22 1 Y 1 A ILE 22  ? A ILE 22  
23 1 Y 1 A THR 23  ? A THR 23  
24 1 Y 1 A ARG 24  ? A ARG 24  
25 1 Y 1 A ASN 25  ? A ASN 25  
26 1 Y 1 A PRO 26  ? A PRO 26  
27 1 Y 1 A SER 27  ? A SER 27  
28 1 Y 1 A ILE 28  ? A ILE 28  
29 1 Y 1 A HIS 29  ? A HIS 29  
30 1 Y 1 A ARG 30  ? A ARG 30  
31 1 Y 1 A ILE 31  ? A ILE 31  
32 1 Y 1 A SER 32  ? A SER 32  
33 1 Y 1 A PHE 33  ? A PHE 33  
34 1 Y 1 A SER 34  ? A SER 34  
35 1 Y 1 A ASN 35  ? A ASN 35  
36 1 Y 1 A LEU 36  ? A LEU 36  
37 1 Y 1 A LYS 37  ? A LYS 37  
38 1 Y 1 A PRO 38  ? A PRO 38  
39 1 Y 1 A LYS 39  ? A LYS 39  
40 1 Y 1 A THR 40  ? A THR 40  
41 1 Y 1 A LEU 41  ? A LEU 41  
42 1 Y 1 A LEU 42  ? A LEU 42  
43 1 Y 1 A HIS 43  ? A HIS 43  
44 1 Y 1 A PRO 44  ? A PRO 44  
45 1 Y 1 A ILE 45  ? A ILE 45  
46 1 Y 1 A PRO 46  ? A PRO 46  
47 1 Y 1 A PRO 47  ? A PRO 47  
48 1 Y 1 A LYS 48  ? A LYS 48  
49 1 Y 1 A PRO 49  ? A PRO 49  
50 1 Y 1 A PHE 50  ? A PHE 50  
51 1 Y 1 A THR 51  ? A THR 51  
52 1 Y 1 A VAL 52  ? A VAL 52  
53 1 Y 1 A PHE 53  ? A PHE 53  
54 1 Y 1 A VAL 54  ? A VAL 54  
55 1 Y 1 A SER 55  ? A SER 55  
56 1 Y 1 A ARG 56  ? A ARG 56  
57 1 Y 1 A PHE 57  ? A PHE 57  
58 1 Y 1 A HIS 58  ? A HIS 58  
59 1 Y 1 A ASP 59  ? A ASP 59  
60 1 Y 1 A GLY 60  ? A GLY 60  
61 1 Y 1 A ARG 61  ? A ARG 61  
62 1 Y 1 A PRO 62  ? A PRO 62  
63 1 Y 1 A ARG 63  ? A ARG 63  
64 1 Y 1 A GLY 64  ? A GLY 64  
65 1 Y 1 A PRO 65  ? A PRO 65  
66 1 Y 1 A LEU 66  ? A LEU 66  
67 1 Y 1 A TRP 67  ? A TRP 67  
68 1 Y 1 A ARG 68  ? A ARG 68  
69 1 Y 1 A GLY 69  ? A GLY 69  
70 1 Y 1 A LYS 70  ? A LYS 70  
71 1 Y 1 A ILE 253 ? A ILE 253 
72 1 Y 1 A PHE 254 ? A PHE 254 
73 1 Y 1 A GLY 255 ? A GLY 255 
74 1 Y 1 A ARG 256 ? A ARG 256 
75 1 Y 1 A CYS 257 ? A CYS 257 
# 
loop_
_chem_comp_atom.comp_id 
_chem_comp_atom.atom_id 
_chem_comp_atom.type_symbol 
_chem_comp_atom.pdbx_aromatic_flag 
_chem_comp_atom.pdbx_stereo_config 
_chem_comp_atom.pdbx_ordinal 
ALA N    N N N 1   
ALA CA   C N S 2   
ALA C    C N N 3   
ALA O    O N N 4   
ALA CB   C N N 5   
ALA OXT  O N N 6   
ALA H    H N N 7   
ALA H2   H N N 8   
ALA HA   H N N 9   
ALA HB1  H N N 10  
ALA HB2  H N N 11  
ALA HB3  H N N 12  
ALA HXT  H N N 13  
ARG N    N N N 14  
ARG CA   C N S 15  
ARG C    C N N 16  
ARG O    O N N 17  
ARG CB   C N N 18  
ARG CG   C N N 19  
ARG CD   C N N 20  
ARG NE   N N N 21  
ARG CZ   C N N 22  
ARG NH1  N N N 23  
ARG NH2  N N N 24  
ARG OXT  O N N 25  
ARG H    H N N 26  
ARG H2   H N N 27  
ARG HA   H N N 28  
ARG HB2  H N N 29  
ARG HB3  H N N 30  
ARG HG2  H N N 31  
ARG HG3  H N N 32  
ARG HD2  H N N 33  
ARG HD3  H N N 34  
ARG HE   H N N 35  
ARG HH11 H N N 36  
ARG HH12 H N N 37  
ARG HH21 H N N 38  
ARG HH22 H N N 39  
ARG HXT  H N N 40  
ASN N    N N N 41  
ASN CA   C N S 42  
ASN C    C N N 43  
ASN O    O N N 44  
ASN CB   C N N 45  
ASN CG   C N N 46  
ASN OD1  O N N 47  
ASN ND2  N N N 48  
ASN OXT  O N N 49  
ASN H    H N N 50  
ASN H2   H N N 51  
ASN HA   H N N 52  
ASN HB2  H N N 53  
ASN HB3  H N N 54  
ASN HD21 H N N 55  
ASN HD22 H N N 56  
ASN HXT  H N N 57  
ASP N    N N N 58  
ASP CA   C N S 59  
ASP C    C N N 60  
ASP O    O N N 61  
ASP CB   C N N 62  
ASP CG   C N N 63  
ASP OD1  O N N 64  
ASP OD2  O N N 65  
ASP OXT  O N N 66  
ASP H    H N N 67  
ASP H2   H N N 68  
ASP HA   H N N 69  
ASP HB2  H N N 70  
ASP HB3  H N N 71  
ASP HD2  H N N 72  
ASP HXT  H N N 73  
CYS N    N N N 74  
CYS CA   C N R 75  
CYS C    C N N 76  
CYS O    O N N 77  
CYS CB   C N N 78  
CYS SG   S N N 79  
CYS OXT  O N N 80  
CYS H    H N N 81  
CYS H2   H N N 82  
CYS HA   H N N 83  
CYS HB2  H N N 84  
CYS HB3  H N N 85  
CYS HG   H N N 86  
CYS HXT  H N N 87  
GLN N    N N N 88  
GLN CA   C N S 89  
GLN C    C N N 90  
GLN O    O N N 91  
GLN CB   C N N 92  
GLN CG   C N N 93  
GLN CD   C N N 94  
GLN OE1  O N N 95  
GLN NE2  N N N 96  
GLN OXT  O N N 97  
GLN H    H N N 98  
GLN H2   H N N 99  
GLN HA   H N N 100 
GLN HB2  H N N 101 
GLN HB3  H N N 102 
GLN HG2  H N N 103 
GLN HG3  H N N 104 
GLN HE21 H N N 105 
GLN HE22 H N N 106 
GLN HXT  H N N 107 
GLU N    N N N 108 
GLU CA   C N S 109 
GLU C    C N N 110 
GLU O    O N N 111 
GLU CB   C N N 112 
GLU CG   C N N 113 
GLU CD   C N N 114 
GLU OE1  O N N 115 
GLU OE2  O N N 116 
GLU OXT  O N N 117 
GLU H    H N N 118 
GLU H2   H N N 119 
GLU HA   H N N 120 
GLU HB2  H N N 121 
GLU HB3  H N N 122 
GLU HG2  H N N 123 
GLU HG3  H N N 124 
GLU HE2  H N N 125 
GLU HXT  H N N 126 
GLY N    N N N 127 
GLY CA   C N N 128 
GLY C    C N N 129 
GLY O    O N N 130 
GLY OXT  O N N 131 
GLY H    H N N 132 
GLY H2   H N N 133 
GLY HA2  H N N 134 
GLY HA3  H N N 135 
GLY HXT  H N N 136 
HIS N    N N N 137 
HIS CA   C N S 138 
HIS C    C N N 139 
HIS O    O N N 140 
HIS CB   C N N 141 
HIS CG   C Y N 142 
HIS ND1  N Y N 143 
HIS CD2  C Y N 144 
HIS CE1  C Y N 145 
HIS NE2  N Y N 146 
HIS OXT  O N N 147 
HIS H    H N N 148 
HIS H2   H N N 149 
HIS HA   H N N 150 
HIS HB2  H N N 151 
HIS HB3  H N N 152 
HIS HD1  H N N 153 
HIS HD2  H N N 154 
HIS HE1  H N N 155 
HIS HE2  H N N 156 
HIS HXT  H N N 157 
HOH O    O N N 158 
HOH H1   H N N 159 
HOH H2   H N N 160 
ILE N    N N N 161 
ILE CA   C N S 162 
ILE C    C N N 163 
ILE O    O N N 164 
ILE CB   C N S 165 
ILE CG1  C N N 166 
ILE CG2  C N N 167 
ILE CD1  C N N 168 
ILE OXT  O N N 169 
ILE H    H N N 170 
ILE H2   H N N 171 
ILE HA   H N N 172 
ILE HB   H N N 173 
ILE HG12 H N N 174 
ILE HG13 H N N 175 
ILE HG21 H N N 176 
ILE HG22 H N N 177 
ILE HG23 H N N 178 
ILE HD11 H N N 179 
ILE HD12 H N N 180 
ILE HD13 H N N 181 
ILE HXT  H N N 182 
LEU N    N N N 183 
LEU CA   C N S 184 
LEU C    C N N 185 
LEU O    O N N 186 
LEU CB   C N N 187 
LEU CG   C N N 188 
LEU CD1  C N N 189 
LEU CD2  C N N 190 
LEU OXT  O N N 191 
LEU H    H N N 192 
LEU H2   H N N 193 
LEU HA   H N N 194 
LEU HB2  H N N 195 
LEU HB3  H N N 196 
LEU HG   H N N 197 
LEU HD11 H N N 198 
LEU HD12 H N N 199 
LEU HD13 H N N 200 
LEU HD21 H N N 201 
LEU HD22 H N N 202 
LEU HD23 H N N 203 
LEU HXT  H N N 204 
LYS N    N N N 205 
LYS CA   C N S 206 
LYS C    C N N 207 
LYS O    O N N 208 
LYS CB   C N N 209 
LYS CG   C N N 210 
LYS CD   C N N 211 
LYS CE   C N N 212 
LYS NZ   N N N 213 
LYS OXT  O N N 214 
LYS H    H N N 215 
LYS H2   H N N 216 
LYS HA   H N N 217 
LYS HB2  H N N 218 
LYS HB3  H N N 219 
LYS HG2  H N N 220 
LYS HG3  H N N 221 
LYS HD2  H N N 222 
LYS HD3  H N N 223 
LYS HE2  H N N 224 
LYS HE3  H N N 225 
LYS HZ1  H N N 226 
LYS HZ2  H N N 227 
LYS HZ3  H N N 228 
LYS HXT  H N N 229 
MET N    N N N 230 
MET CA   C N S 231 
MET C    C N N 232 
MET O    O N N 233 
MET CB   C N N 234 
MET CG   C N N 235 
MET SD   S N N 236 
MET CE   C N N 237 
MET OXT  O N N 238 
MET H    H N N 239 
MET H2   H N N 240 
MET HA   H N N 241 
MET HB2  H N N 242 
MET HB3  H N N 243 
MET HG2  H N N 244 
MET HG3  H N N 245 
MET HE1  H N N 246 
MET HE2  H N N 247 
MET HE3  H N N 248 
MET HXT  H N N 249 
PHE N    N N N 250 
PHE CA   C N S 251 
PHE C    C N N 252 
PHE O    O N N 253 
PHE CB   C N N 254 
PHE CG   C Y N 255 
PHE CD1  C Y N 256 
PHE CD2  C Y N 257 
PHE CE1  C Y N 258 
PHE CE2  C Y N 259 
PHE CZ   C Y N 260 
PHE OXT  O N N 261 
PHE H    H N N 262 
PHE H2   H N N 263 
PHE HA   H N N 264 
PHE HB2  H N N 265 
PHE HB3  H N N 266 
PHE HD1  H N N 267 
PHE HD2  H N N 268 
PHE HE1  H N N 269 
PHE HE2  H N N 270 
PHE HZ   H N N 271 
PHE HXT  H N N 272 
PRO N    N N N 273 
PRO CA   C N S 274 
PRO C    C N N 275 
PRO O    O N N 276 
PRO CB   C N N 277 
PRO CG   C N N 278 
PRO CD   C N N 279 
PRO OXT  O N N 280 
PRO H    H N N 281 
PRO HA   H N N 282 
PRO HB2  H N N 283 
PRO HB3  H N N 284 
PRO HG2  H N N 285 
PRO HG3  H N N 286 
PRO HD2  H N N 287 
PRO HD3  H N N 288 
PRO HXT  H N N 289 
SER N    N N N 290 
SER CA   C N S 291 
SER C    C N N 292 
SER O    O N N 293 
SER CB   C N N 294 
SER OG   O N N 295 
SER OXT  O N N 296 
SER H    H N N 297 
SER H2   H N N 298 
SER HA   H N N 299 
SER HB2  H N N 300 
SER HB3  H N N 301 
SER HG   H N N 302 
SER HXT  H N N 303 
THR N    N N N 304 
THR CA   C N S 305 
THR C    C N N 306 
THR O    O N N 307 
THR CB   C N R 308 
THR OG1  O N N 309 
THR CG2  C N N 310 
THR OXT  O N N 311 
THR H    H N N 312 
THR H2   H N N 313 
THR HA   H N N 314 
THR HB   H N N 315 
THR HG1  H N N 316 
THR HG21 H N N 317 
THR HG22 H N N 318 
THR HG23 H N N 319 
THR HXT  H N N 320 
TRP N    N N N 321 
TRP CA   C N S 322 
TRP C    C N N 323 
TRP O    O N N 324 
TRP CB   C N N 325 
TRP CG   C Y N 326 
TRP CD1  C Y N 327 
TRP CD2  C Y N 328 
TRP NE1  N Y N 329 
TRP CE2  C Y N 330 
TRP CE3  C Y N 331 
TRP CZ2  C Y N 332 
TRP CZ3  C Y N 333 
TRP CH2  C Y N 334 
TRP OXT  O N N 335 
TRP H    H N N 336 
TRP H2   H N N 337 
TRP HA   H N N 338 
TRP HB2  H N N 339 
TRP HB3  H N N 340 
TRP HD1  H N N 341 
TRP HE1  H N N 342 
TRP HE3  H N N 343 
TRP HZ2  H N N 344 
TRP HZ3  H N N 345 
TRP HH2  H N N 346 
TRP HXT  H N N 347 
TYR N    N N N 348 
TYR CA   C N S 349 
TYR C    C N N 350 
TYR O    O N N 351 
TYR CB   C N N 352 
TYR CG   C Y N 353 
TYR CD1  C Y N 354 
TYR CD2  C Y N 355 
TYR CE1  C Y N 356 
TYR CE2  C Y N 357 
TYR CZ   C Y N 358 
TYR OH   O N N 359 
TYR OXT  O N N 360 
TYR H    H N N 361 
TYR H2   H N N 362 
TYR HA   H N N 363 
TYR HB2  H N N 364 
TYR HB3  H N N 365 
TYR HD1  H N N 366 
TYR HD2  H N N 367 
TYR HE1  H N N 368 
TYR HE2  H N N 369 
TYR HH   H N N 370 
TYR HXT  H N N 371 
VAL N    N N N 372 
VAL CA   C N S 373 
VAL C    C N N 374 
VAL O    O N N 375 
VAL CB   C N N 376 
VAL CG1  C N N 377 
VAL CG2  C N N 378 
VAL OXT  O N N 379 
VAL H    H N N 380 
VAL H2   H N N 381 
VAL HA   H N N 382 
VAL HB   H N N 383 
VAL HG11 H N N 384 
VAL HG12 H N N 385 
VAL HG13 H N N 386 
VAL HG21 H N N 387 
VAL HG22 H N N 388 
VAL HG23 H N N 389 
VAL HXT  H N N 390 
# 
loop_
_chem_comp_bond.comp_id 
_chem_comp_bond.atom_id_1 
_chem_comp_bond.atom_id_2 
_chem_comp_bond.value_order 
_chem_comp_bond.pdbx_aromatic_flag 
_chem_comp_bond.pdbx_stereo_config 
_chem_comp_bond.pdbx_ordinal 
ALA N   CA   sing N N 1   
ALA N   H    sing N N 2   
ALA N   H2   sing N N 3   
ALA CA  C    sing N N 4   
ALA CA  CB   sing N N 5   
ALA CA  HA   sing N N 6   
ALA C   O    doub N N 7   
ALA C   OXT  sing N N 8   
ALA CB  HB1  sing N N 9   
ALA CB  HB2  sing N N 10  
ALA CB  HB3  sing N N 11  
ALA OXT HXT  sing N N 12  
ARG N   CA   sing N N 13  
ARG N   H    sing N N 14  
ARG N   H2   sing N N 15  
ARG CA  C    sing N N 16  
ARG CA  CB   sing N N 17  
ARG CA  HA   sing N N 18  
ARG C   O    doub N N 19  
ARG C   OXT  sing N N 20  
ARG CB  CG   sing N N 21  
ARG CB  HB2  sing N N 22  
ARG CB  HB3  sing N N 23  
ARG CG  CD   sing N N 24  
ARG CG  HG2  sing N N 25  
ARG CG  HG3  sing N N 26  
ARG CD  NE   sing N N 27  
ARG CD  HD2  sing N N 28  
ARG CD  HD3  sing N N 29  
ARG NE  CZ   sing N N 30  
ARG NE  HE   sing N N 31  
ARG CZ  NH1  sing N N 32  
ARG CZ  NH2  doub N N 33  
ARG NH1 HH11 sing N N 34  
ARG NH1 HH12 sing N N 35  
ARG NH2 HH21 sing N N 36  
ARG NH2 HH22 sing N N 37  
ARG OXT HXT  sing N N 38  
ASN N   CA   sing N N 39  
ASN N   H    sing N N 40  
ASN N   H2   sing N N 41  
ASN CA  C    sing N N 42  
ASN CA  CB   sing N N 43  
ASN CA  HA   sing N N 44  
ASN C   O    doub N N 45  
ASN C   OXT  sing N N 46  
ASN CB  CG   sing N N 47  
ASN CB  HB2  sing N N 48  
ASN CB  HB3  sing N N 49  
ASN CG  OD1  doub N N 50  
ASN CG  ND2  sing N N 51  
ASN ND2 HD21 sing N N 52  
ASN ND2 HD22 sing N N 53  
ASN OXT HXT  sing N N 54  
ASP N   CA   sing N N 55  
ASP N   H    sing N N 56  
ASP N   H2   sing N N 57  
ASP CA  C    sing N N 58  
ASP CA  CB   sing N N 59  
ASP CA  HA   sing N N 60  
ASP C   O    doub N N 61  
ASP C   OXT  sing N N 62  
ASP CB  CG   sing N N 63  
ASP CB  HB2  sing N N 64  
ASP CB  HB3  sing N N 65  
ASP CG  OD1  doub N N 66  
ASP CG  OD2  sing N N 67  
ASP OD2 HD2  sing N N 68  
ASP OXT HXT  sing N N 69  
CYS N   CA   sing N N 70  
CYS N   H    sing N N 71  
CYS N   H2   sing N N 72  
CYS CA  C    sing N N 73  
CYS CA  CB   sing N N 74  
CYS CA  HA   sing N N 75  
CYS C   O    doub N N 76  
CYS C   OXT  sing N N 77  
CYS CB  SG   sing N N 78  
CYS CB  HB2  sing N N 79  
CYS CB  HB3  sing N N 80  
CYS SG  HG   sing N N 81  
CYS OXT HXT  sing N N 82  
GLN N   CA   sing N N 83  
GLN N   H    sing N N 84  
GLN N   H2   sing N N 85  
GLN CA  C    sing N N 86  
GLN CA  CB   sing N N 87  
GLN CA  HA   sing N N 88  
GLN C   O    doub N N 89  
GLN C   OXT  sing N N 90  
GLN CB  CG   sing N N 91  
GLN CB  HB2  sing N N 92  
GLN CB  HB3  sing N N 93  
GLN CG  CD   sing N N 94  
GLN CG  HG2  sing N N 95  
GLN CG  HG3  sing N N 96  
GLN CD  OE1  doub N N 97  
GLN CD  NE2  sing N N 98  
GLN NE2 HE21 sing N N 99  
GLN NE2 HE22 sing N N 100 
GLN OXT HXT  sing N N 101 
GLU N   CA   sing N N 102 
GLU N   H    sing N N 103 
GLU N   H2   sing N N 104 
GLU CA  C    sing N N 105 
GLU CA  CB   sing N N 106 
GLU CA  HA   sing N N 107 
GLU C   O    doub N N 108 
GLU C   OXT  sing N N 109 
GLU CB  CG   sing N N 110 
GLU CB  HB2  sing N N 111 
GLU CB  HB3  sing N N 112 
GLU CG  CD   sing N N 113 
GLU CG  HG2  sing N N 114 
GLU CG  HG3  sing N N 115 
GLU CD  OE1  doub N N 116 
GLU CD  OE2  sing N N 117 
GLU OE2 HE2  sing N N 118 
GLU OXT HXT  sing N N 119 
GLY N   CA   sing N N 120 
GLY N   H    sing N N 121 
GLY N   H2   sing N N 122 
GLY CA  C    sing N N 123 
GLY CA  HA2  sing N N 124 
GLY CA  HA3  sing N N 125 
GLY C   O    doub N N 126 
GLY C   OXT  sing N N 127 
GLY OXT HXT  sing N N 128 
HIS N   CA   sing N N 129 
HIS N   H    sing N N 130 
HIS N   H2   sing N N 131 
HIS CA  C    sing N N 132 
HIS CA  CB   sing N N 133 
HIS CA  HA   sing N N 134 
HIS C   O    doub N N 135 
HIS C   OXT  sing N N 136 
HIS CB  CG   sing N N 137 
HIS CB  HB2  sing N N 138 
HIS CB  HB3  sing N N 139 
HIS CG  ND1  sing Y N 140 
HIS CG  CD2  doub Y N 141 
HIS ND1 CE1  doub Y N 142 
HIS ND1 HD1  sing N N 143 
HIS CD2 NE2  sing Y N 144 
HIS CD2 HD2  sing N N 145 
HIS CE1 NE2  sing Y N 146 
HIS CE1 HE1  sing N N 147 
HIS NE2 HE2  sing N N 148 
HIS OXT HXT  sing N N 149 
HOH O   H1   sing N N 150 
HOH O   H2   sing N N 151 
ILE N   CA   sing N N 152 
ILE N   H    sing N N 153 
ILE N   H2   sing N N 154 
ILE CA  C    sing N N 155 
ILE CA  CB   sing N N 156 
ILE CA  HA   sing N N 157 
ILE C   O    doub N N 158 
ILE C   OXT  sing N N 159 
ILE CB  CG1  sing N N 160 
ILE CB  CG2  sing N N 161 
ILE CB  HB   sing N N 162 
ILE CG1 CD1  sing N N 163 
ILE CG1 HG12 sing N N 164 
ILE CG1 HG13 sing N N 165 
ILE CG2 HG21 sing N N 166 
ILE CG2 HG22 sing N N 167 
ILE CG2 HG23 sing N N 168 
ILE CD1 HD11 sing N N 169 
ILE CD1 HD12 sing N N 170 
ILE CD1 HD13 sing N N 171 
ILE OXT HXT  sing N N 172 
LEU N   CA   sing N N 173 
LEU N   H    sing N N 174 
LEU N   H2   sing N N 175 
LEU CA  C    sing N N 176 
LEU CA  CB   sing N N 177 
LEU CA  HA   sing N N 178 
LEU C   O    doub N N 179 
LEU C   OXT  sing N N 180 
LEU CB  CG   sing N N 181 
LEU CB  HB2  sing N N 182 
LEU CB  HB3  sing N N 183 
LEU CG  CD1  sing N N 184 
LEU CG  CD2  sing N N 185 
LEU CG  HG   sing N N 186 
LEU CD1 HD11 sing N N 187 
LEU CD1 HD12 sing N N 188 
LEU CD1 HD13 sing N N 189 
LEU CD2 HD21 sing N N 190 
LEU CD2 HD22 sing N N 191 
LEU CD2 HD23 sing N N 192 
LEU OXT HXT  sing N N 193 
LYS N   CA   sing N N 194 
LYS N   H    sing N N 195 
LYS N   H2   sing N N 196 
LYS CA  C    sing N N 197 
LYS CA  CB   sing N N 198 
LYS CA  HA   sing N N 199 
LYS C   O    doub N N 200 
LYS C   OXT  sing N N 201 
LYS CB  CG   sing N N 202 
LYS CB  HB2  sing N N 203 
LYS CB  HB3  sing N N 204 
LYS CG  CD   sing N N 205 
LYS CG  HG2  sing N N 206 
LYS CG  HG3  sing N N 207 
LYS CD  CE   sing N N 208 
LYS CD  HD2  sing N N 209 
LYS CD  HD3  sing N N 210 
LYS CE  NZ   sing N N 211 
LYS CE  HE2  sing N N 212 
LYS CE  HE3  sing N N 213 
LYS NZ  HZ1  sing N N 214 
LYS NZ  HZ2  sing N N 215 
LYS NZ  HZ3  sing N N 216 
LYS OXT HXT  sing N N 217 
MET N   CA   sing N N 218 
MET N   H    sing N N 219 
MET N   H2   sing N N 220 
MET CA  C    sing N N 221 
MET CA  CB   sing N N 222 
MET CA  HA   sing N N 223 
MET C   O    doub N N 224 
MET C   OXT  sing N N 225 
MET CB  CG   sing N N 226 
MET CB  HB2  sing N N 227 
MET CB  HB3  sing N N 228 
MET CG  SD   sing N N 229 
MET CG  HG2  sing N N 230 
MET CG  HG3  sing N N 231 
MET SD  CE   sing N N 232 
MET CE  HE1  sing N N 233 
MET CE  HE2  sing N N 234 
MET CE  HE3  sing N N 235 
MET OXT HXT  sing N N 236 
PHE N   CA   sing N N 237 
PHE N   H    sing N N 238 
PHE N   H2   sing N N 239 
PHE CA  C    sing N N 240 
PHE CA  CB   sing N N 241 
PHE CA  HA   sing N N 242 
PHE C   O    doub N N 243 
PHE C   OXT  sing N N 244 
PHE CB  CG   sing N N 245 
PHE CB  HB2  sing N N 246 
PHE CB  HB3  sing N N 247 
PHE CG  CD1  doub Y N 248 
PHE CG  CD2  sing Y N 249 
PHE CD1 CE1  sing Y N 250 
PHE CD1 HD1  sing N N 251 
PHE CD2 CE2  doub Y N 252 
PHE CD2 HD2  sing N N 253 
PHE CE1 CZ   doub Y N 254 
PHE CE1 HE1  sing N N 255 
PHE CE2 CZ   sing Y N 256 
PHE CE2 HE2  sing N N 257 
PHE CZ  HZ   sing N N 258 
PHE OXT HXT  sing N N 259 
PRO N   CA   sing N N 260 
PRO N   CD   sing N N 261 
PRO N   H    sing N N 262 
PRO CA  C    sing N N 263 
PRO CA  CB   sing N N 264 
PRO CA  HA   sing N N 265 
PRO C   O    doub N N 266 
PRO C   OXT  sing N N 267 
PRO CB  CG   sing N N 268 
PRO CB  HB2  sing N N 269 
PRO CB  HB3  sing N N 270 
PRO CG  CD   sing N N 271 
PRO CG  HG2  sing N N 272 
PRO CG  HG3  sing N N 273 
PRO CD  HD2  sing N N 274 
PRO CD  HD3  sing N N 275 
PRO OXT HXT  sing N N 276 
SER N   CA   sing N N 277 
SER N   H    sing N N 278 
SER N   H2   sing N N 279 
SER CA  C    sing N N 280 
SER CA  CB   sing N N 281 
SER CA  HA   sing N N 282 
SER C   O    doub N N 283 
SER C   OXT  sing N N 284 
SER CB  OG   sing N N 285 
SER CB  HB2  sing N N 286 
SER CB  HB3  sing N N 287 
SER OG  HG   sing N N 288 
SER OXT HXT  sing N N 289 
THR N   CA   sing N N 290 
THR N   H    sing N N 291 
THR N   H2   sing N N 292 
THR CA  C    sing N N 293 
THR CA  CB   sing N N 294 
THR CA  HA   sing N N 295 
THR C   O    doub N N 296 
THR C   OXT  sing N N 297 
THR CB  OG1  sing N N 298 
THR CB  CG2  sing N N 299 
THR CB  HB   sing N N 300 
THR OG1 HG1  sing N N 301 
THR CG2 HG21 sing N N 302 
THR CG2 HG22 sing N N 303 
THR CG2 HG23 sing N N 304 
THR OXT HXT  sing N N 305 
TRP N   CA   sing N N 306 
TRP N   H    sing N N 307 
TRP N   H2   sing N N 308 
TRP CA  C    sing N N 309 
TRP CA  CB   sing N N 310 
TRP CA  HA   sing N N 311 
TRP C   O    doub N N 312 
TRP C   OXT  sing N N 313 
TRP CB  CG   sing N N 314 
TRP CB  HB2  sing N N 315 
TRP CB  HB3  sing N N 316 
TRP CG  CD1  doub Y N 317 
TRP CG  CD2  sing Y N 318 
TRP CD1 NE1  sing Y N 319 
TRP CD1 HD1  sing N N 320 
TRP CD2 CE2  doub Y N 321 
TRP CD2 CE3  sing Y N 322 
TRP NE1 CE2  sing Y N 323 
TRP NE1 HE1  sing N N 324 
TRP CE2 CZ2  sing Y N 325 
TRP CE3 CZ3  doub Y N 326 
TRP CE3 HE3  sing N N 327 
TRP CZ2 CH2  doub Y N 328 
TRP CZ2 HZ2  sing N N 329 
TRP CZ3 CH2  sing Y N 330 
TRP CZ3 HZ3  sing N N 331 
TRP CH2 HH2  sing N N 332 
TRP OXT HXT  sing N N 333 
TYR N   CA   sing N N 334 
TYR N   H    sing N N 335 
TYR N   H2   sing N N 336 
TYR CA  C    sing N N 337 
TYR CA  CB   sing N N 338 
TYR CA  HA   sing N N 339 
TYR C   O    doub N N 340 
TYR C   OXT  sing N N 341 
TYR CB  CG   sing N N 342 
TYR CB  HB2  sing N N 343 
TYR CB  HB3  sing N N 344 
TYR CG  CD1  doub Y N 345 
TYR CG  CD2  sing Y N 346 
TYR CD1 CE1  sing Y N 347 
TYR CD1 HD1  sing N N 348 
TYR CD2 CE2  doub Y N 349 
TYR CD2 HD2  sing N N 350 
TYR CE1 CZ   doub Y N 351 
TYR CE1 HE1  sing N N 352 
TYR CE2 CZ   sing Y N 353 
TYR CE2 HE2  sing N N 354 
TYR CZ  OH   sing N N 355 
TYR OH  HH   sing N N 356 
TYR OXT HXT  sing N N 357 
VAL N   CA   sing N N 358 
VAL N   H    sing N N 359 
VAL N   H2   sing N N 360 
VAL CA  C    sing N N 361 
VAL CA  CB   sing N N 362 
VAL CA  HA   sing N N 363 
VAL C   O    doub N N 364 
VAL C   OXT  sing N N 365 
VAL CB  CG1  sing N N 366 
VAL CB  CG2  sing N N 367 
VAL CB  HB   sing N N 368 
VAL CG1 HG11 sing N N 369 
VAL CG1 HG12 sing N N 370 
VAL CG1 HG13 sing N N 371 
VAL CG2 HG21 sing N N 372 
VAL CG2 HG22 sing N N 373 
VAL CG2 HG23 sing N N 374 
VAL OXT HXT  sing N N 375 
# 
_atom_sites.entry_id                    4LEU 
_atom_sites.fract_transf_matrix[1][1]   -0.00673804 
_atom_sites.fract_transf_matrix[1][2]   -0.00450716 
_atom_sites.fract_transf_matrix[1][3]   0.00304241 
_atom_sites.fract_transf_matrix[2][1]   0.00605663 
_atom_sites.fract_transf_matrix[2][2]   0.00278331 
_atom_sites.fract_transf_matrix[2][3]   0.01753698 
_atom_sites.fract_transf_matrix[3][1]   -0.01587332 
_atom_sites.fract_transf_matrix[3][2]   0.01777082 
_atom_sites.fract_transf_matrix[3][3]   0.00266164 
_atom_sites.fract_transf_vector[1]      -0.166296 
_atom_sites.fract_transf_vector[2]      0.151901 
_atom_sites.fract_transf_vector[3]      0.193165 
# 
loop_
_atom_type.symbol 
C 
N 
O 
S 
# 
loop_
_atom_site.group_PDB 
_atom_site.id 
_atom_site.type_symbol 
_atom_site.label_atom_id 
_atom_site.label_alt_id 
_atom_site.label_comp_id 
_atom_site.label_asym_id 
_atom_site.label_entity_id 
_atom_site.label_seq_id 
_atom_site.pdbx_PDB_ins_code 
_atom_site.Cartn_x 
_atom_site.Cartn_y 
_atom_site.Cartn_z 
_atom_site.occupancy 
_atom_site.B_iso_or_equiv 
_atom_site.pdbx_formal_charge 
_atom_site.auth_seq_id 
_atom_site.auth_comp_id 
_atom_site.auth_asym_id 
_atom_site.auth_atom_id 
_atom_site.pdbx_PDB_model_num 
ATOM   1    N N   . LYS A 1 71  ? 14.909  10.366  -7.570  1.00 92.44  ? 71  LYS A N   1 
ATOM   2    C CA  . LYS A 1 71  ? 15.658  10.183  -6.296  1.00 101.45 ? 71  LYS A CA  1 
ATOM   3    C C   . LYS A 1 71  ? 17.125  9.740   -6.489  1.00 105.85 ? 71  LYS A C   1 
ATOM   4    O O   . LYS A 1 71  ? 17.836  10.250  -7.355  1.00 110.90 ? 71  LYS A O   1 
ATOM   5    C CB  . LYS A 1 71  ? 14.918  9.226   -5.336  1.00 90.37  ? 71  LYS A CB  1 
ATOM   6    C CG  . LYS A 1 71  ? 15.518  9.182   -3.936  1.00 82.87  ? 71  LYS A CG  1 
ATOM   7    C CD  . LYS A 1 71  ? 14.741  8.250   -3.030  1.00 83.00  ? 71  LYS A CD  1 
ATOM   8    C CE  . LYS A 1 71  ? 13.376  8.837   -2.728  1.00 83.97  ? 71  LYS A CE  1 
ATOM   9    N NZ  . LYS A 1 71  ? 12.273  7.977   -3.254  1.00 79.40  ? 71  LYS A NZ  1 
ATOM   10   N N   . LEU A 1 72  ? 17.553  8.760   -5.698  1.00 96.79  ? 72  LEU A N   1 
ATOM   11   C CA  . LEU A 1 72  ? 18.960  8.632   -5.337  1.00 87.17  ? 72  LEU A CA  1 
ATOM   12   C C   . LEU A 1 72  ? 19.363  7.191   -5.030  1.00 74.28  ? 72  LEU A C   1 
ATOM   13   O O   . LEU A 1 72  ? 19.056  6.675   -3.947  1.00 71.82  ? 72  LEU A O   1 
ATOM   14   C CB  . LEU A 1 72  ? 19.182  9.515   -4.099  1.00 92.22  ? 72  LEU A CB  1 
ATOM   15   C CG  . LEU A 1 72  ? 20.548  10.158  -3.880  1.00 99.02  ? 72  LEU A CG  1 
ATOM   16   C CD1 . LEU A 1 72  ? 21.496  9.208   -3.143  1.00 90.52  ? 72  LEU A CD1 1 
ATOM   17   C CD2 . LEU A 1 72  ? 21.129  10.637  -5.209  1.00 98.66  ? 72  LEU A CD2 1 
ATOM   18   N N   . ILE A 1 73  ? 20.050  6.531   -5.959  1.00 60.52  ? 73  ILE A N   1 
ATOM   19   C CA  . ILE A 1 73  ? 20.346  5.094   -5.772  1.00 51.30  ? 73  ILE A CA  1 
ATOM   20   C C   . ILE A 1 73  ? 21.828  4.763   -5.857  1.00 45.00  ? 73  ILE A C   1 
ATOM   21   O O   . ILE A 1 73  ? 22.434  4.919   -6.910  1.00 45.33  ? 73  ILE A O   1 
ATOM   22   C CB  . ILE A 1 73  ? 19.557  4.224   -6.777  1.00 48.62  ? 73  ILE A CB  1 
ATOM   23   C CG1 . ILE A 1 73  ? 18.053  4.299   -6.478  1.00 51.99  ? 73  ILE A CG1 1 
ATOM   24   C CG2 . ILE A 1 73  ? 20.063  2.775   -6.777  1.00 49.59  ? 73  ILE A CG2 1 
ATOM   25   C CD1 . ILE A 1 73  ? 17.182  4.034   -7.687  1.00 48.23  ? 73  ILE A CD1 1 
ATOM   26   N N   . GLY A 1 74  ? 22.354  4.224   -4.768  1.00 50.01  ? 74  GLY A N   1 
ATOM   27   C CA  . GLY A 1 74  ? 23.788  3.901   -4.658  1.00 47.25  ? 74  GLY A CA  1 
ATOM   28   C C   . GLY A 1 74  ? 24.253  2.766   -5.540  1.00 47.69  ? 74  GLY A C   1 
ATOM   29   O O   . GLY A 1 74  ? 23.439  2.078   -6.152  1.00 39.59  ? 74  GLY A O   1 
ATOM   30   N N   . LYS A 1 75  ? 25.570  2.552   -5.583  1.00 44.57  ? 75  LYS A N   1 
ATOM   31   C CA  . LYS A 1 75  ? 26.161  1.476   -6.374  1.00 45.89  ? 75  LYS A CA  1 
ATOM   32   C C   . LYS A 1 75  ? 25.782  0.071   -5.953  1.00 36.45  ? 75  LYS A C   1 
ATOM   33   O O   . LYS A 1 75  ? 25.579  -0.778  -6.811  1.00 39.07  ? 75  LYS A O   1 
ATOM   34   C CB  . LYS A 1 75  ? 27.696  1.556   -6.367  1.00 51.21  ? 75  LYS A CB  1 
ATOM   35   C CG  . LYS A 1 75  ? 28.290  2.721   -7.132  1.00 69.80  ? 75  LYS A CG  1 
ATOM   36   C CD  . LYS A 1 75  ? 29.805  2.782   -6.900  1.00 70.49  ? 75  LYS A CD  1 
ATOM   37   C CE  . LYS A 1 75  ? 30.384  4.126   -7.353  1.00 81.00  ? 75  LYS A CE  1 
ATOM   38   N NZ  . LYS A 1 75  ? 31.870  4.068   -7.595  1.00 75.50  ? 75  LYS A NZ  1 
ATOM   39   N N   . GLU A 1 76  ? 25.767  -0.212  -4.656  1.00 33.37  ? 76  GLU A N   1 
ATOM   40   C CA  . GLU A 1 76  ? 25.449  -1.570  -4.199  1.00 40.00  ? 76  GLU A CA  1 
ATOM   41   C C   . GLU A 1 76  ? 23.971  -1.852  -4.463  1.00 34.30  ? 76  GLU A C   1 
ATOM   42   O O   . GLU A 1 76  ? 23.612  -2.939  -4.920  1.00 35.31  ? 76  GLU A O   1 
ATOM   43   C CB  . GLU A 1 76  ? 25.697  -1.736  -2.711  1.00 38.67  ? 76  GLU A CB  1 
ATOM   44   C CG  . GLU A 1 76  ? 27.123  -1.588  -2.242  1.00 51.15  ? 76  GLU A CG  1 
ATOM   45   C CD  . GLU A 1 76  ? 27.213  -1.907  -0.735  1.00 57.05  ? 76  GLU A CD  1 
ATOM   46   O OE1 . GLU A 1 76  ? 27.125  -3.103  -0.307  1.00 56.14  ? 76  GLU A OE1 1 
ATOM   47   O OE2 . GLU A 1 76  ? 27.291  -0.914  0.035   1.00 65.75  ? 76  GLU A OE2 1 
ATOM   48   N N   . ALA A 1 77  ? 23.136  -0.852  -4.172  1.00 35.87  ? 77  ALA A N   1 
ATOM   49   C CA  . ALA A 1 77  ? 21.693  -0.978  -4.408  1.00 37.02  ? 77  ALA A CA  1 
ATOM   50   C C   . ALA A 1 77  ? 21.394  -1.230  -5.904  1.00 32.92  ? 77  ALA A C   1 
ATOM   51   O O   . ALA A 1 77  ? 20.578  -2.081  -6.255  1.00 27.00  ? 77  ALA A O   1 
ATOM   52   C CB  . ALA A 1 77  ? 20.967  0.266   -3.931  1.00 37.85  ? 77  ALA A CB  1 
ATOM   53   N N   . LEU A 1 78  ? 22.066  -0.479  -6.762  1.00 33.49  ? 78  LEU A N   1 
ATOM   54   C CA  . LEU A 1 78  ? 21.915  -0.605  -8.225  1.00 38.03  ? 78  LEU A CA  1 
ATOM   55   C C   . LEU A 1 78  ? 22.357  -1.970  -8.736  1.00 36.59  ? 78  LEU A C   1 
ATOM   56   O O   . LEU A 1 78  ? 21.721  -2.516  -9.655  1.00 40.83  ? 78  LEU A O   1 
ATOM   57   C CB  . LEU A 1 78  ? 22.764  0.463   -8.917  1.00 44.06  ? 78  LEU A CB  1 
ATOM   58   C CG  . LEU A 1 78  ? 22.327  1.231   -10.144 1.00 55.77  ? 78  LEU A CG  1 
ATOM   59   C CD1 . LEU A 1 78  ? 20.806  1.383   -10.232 1.00 62.63  ? 78  LEU A CD1 1 
ATOM   60   C CD2 . LEU A 1 78  ? 23.011  2.614   -10.097 1.00 53.91  ? 78  LEU A CD2 1 
ATOM   61   N N   . PHE A 1 79  ? 23.440  -2.521  -8.167  1.00 35.56  ? 79  PHE A N   1 
ATOM   62   C CA  . PHE A 1 79  ? 23.954  -3.840  -8.540  1.00 35.24  ? 79  PHE A CA  1 
ATOM   63   C C   . PHE A 1 79  ? 22.934  -4.915  -8.164  1.00 39.71  ? 79  PHE A C   1 
ATOM   64   O O   . PHE A 1 79  ? 22.696  -5.881  -8.929  1.00 31.13  ? 79  PHE A O   1 
ATOM   65   C CB  . PHE A 1 79  ? 25.280  -4.138  -7.779  1.00 34.61  ? 79  PHE A CB  1 
ATOM   66   C CG  . PHE A 1 79  ? 25.848  -5.505  -8.067  1.00 38.25  ? 79  PHE A CG  1 
ATOM   67   C CD1 . PHE A 1 79  ? 25.450  -6.604  -7.340  1.00 42.26  ? 79  PHE A CD1 1 
ATOM   68   C CD2 . PHE A 1 79  ? 26.817  -5.688  -9.086  1.00 41.74  ? 79  PHE A CD2 1 
ATOM   69   C CE1 . PHE A 1 79  ? 25.951  -7.888  -7.623  1.00 44.16  ? 79  PHE A CE1 1 
ATOM   70   C CE2 . PHE A 1 79  ? 27.336  -6.966  -9.375  1.00 43.72  ? 79  PHE A CE2 1 
ATOM   71   C CZ  . PHE A 1 79  ? 26.886  -8.082  -8.646  1.00 39.04  ? 79  PHE A CZ  1 
ATOM   72   N N   . VAL A 1 80  ? 22.338  -4.755  -6.983  1.00 34.25  ? 80  VAL A N   1 
ATOM   73   C CA  . VAL A 1 80  ? 21.312  -5.680  -6.524  1.00 34.50  ? 80  VAL A CA  1 
ATOM   74   C C   . VAL A 1 80  ? 20.067  -5.563  -7.406  1.00 30.94  ? 80  VAL A C   1 
ATOM   75   O O   . VAL A 1 80  ? 19.503  -6.561  -7.783  1.00 31.49  ? 80  VAL A O   1 
ATOM   76   C CB  . VAL A 1 80  ? 20.974  -5.500  -5.002  1.00 31.69  ? 80  VAL A CB  1 
ATOM   77   C CG1 . VAL A 1 80  ? 19.675  -6.205  -4.645  1.00 30.26  ? 80  VAL A CG1 1 
ATOM   78   C CG2 . VAL A 1 80  ? 22.113  -5.988  -4.121  1.00 31.92  ? 80  VAL A CG2 1 
ATOM   79   N N   . ILE A 1 81  ? 19.618  -4.349  -7.715  1.00 29.97  ? 81  ILE A N   1 
ATOM   80   C CA  . ILE A 1 81  ? 18.393  -4.203  -8.508  1.00 32.93  ? 81  ILE A CA  1 
ATOM   81   C C   . ILE A 1 81  ? 18.579  -4.880  -9.883  1.00 37.01  ? 81  ILE A C   1 
ATOM   82   O O   . ILE A 1 81  ? 17.713  -5.611  -10.312 1.00 32.84  ? 81  ILE A O   1 
ATOM   83   C CB  . ILE A 1 81  ? 17.995  -2.725  -8.758  1.00 34.41  ? 81  ILE A CB  1 
ATOM   84   C CG1 . ILE A 1 81  ? 17.549  -2.076  -7.435  1.00 29.53  ? 81  ILE A CG1 1 
ATOM   85   C CG2 . ILE A 1 81  ? 16.859  -2.589  -9.816  1.00 32.62  ? 81  ILE A CG2 1 
ATOM   86   C CD1 . ILE A 1 81  ? 17.856  -0.534  -7.454  1.00 31.42  ? 81  ILE A CD1 1 
ATOM   87   N N   . LEU A 1 82  ? 19.680  -4.601  -10.575 1.00 33.57  ? 82  LEU A N   1 
ATOM   88   C CA  . LEU A 1 82  ? 19.957  -5.244  -11.882 1.00 33.38  ? 82  LEU A CA  1 
ATOM   89   C C   . LEU A 1 82  ? 20.030  -6.786  -11.741 1.00 36.72  ? 82  LEU A C   1 
ATOM   90   O O   . LEU A 1 82  ? 19.544  -7.509  -12.604 1.00 35.46  ? 82  LEU A O   1 
ATOM   91   C CB  . LEU A 1 82  ? 21.283  -4.753  -12.424 1.00 37.89  ? 82  LEU A CB  1 
ATOM   92   C CG  . LEU A 1 82  ? 21.361  -3.604  -13.427 1.00 53.92  ? 82  LEU A CG  1 
ATOM   93   C CD1 . LEU A 1 82  ? 20.131  -2.732  -13.366 1.00 46.38  ? 82  LEU A CD1 1 
ATOM   94   C CD2 . LEU A 1 82  ? 22.665  -2.836  -13.217 1.00 44.05  ? 82  LEU A CD2 1 
ATOM   95   N N   . GLY A 1 83  ? 20.624  -7.284  -10.662 1.00 30.37  ? 83  GLY A N   1 
ATOM   96   C CA  . GLY A 1 83  ? 20.767  -8.734  -10.486 1.00 30.24  ? 83  GLY A CA  1 
ATOM   97   C C   . GLY A 1 83  ? 19.425  -9.412  -10.176 1.00 36.07  ? 83  GLY A C   1 
ATOM   98   O O   . GLY A 1 83  ? 19.106  -10.497 -10.698 1.00 36.69  ? 83  GLY A O   1 
ATOM   99   N N   . LEU A 1 84  ? 18.611  -8.774  -9.331  1.00 30.32  ? 84  LEU A N   1 
ATOM   100  C CA  . LEU A 1 84  ? 17.284  -9.331  -9.018  1.00 30.54  ? 84  LEU A CA  1 
ATOM   101  C C   . LEU A 1 84  ? 16.458  -9.382  -10.316 1.00 30.57  ? 84  LEU A C   1 
ATOM   102  O O   . LEU A 1 84  ? 15.810  -10.367 -10.615 1.00 27.09  ? 84  LEU A O   1 
ATOM   103  C CB  . LEU A 1 84  ? 16.570  -8.484  -7.967  1.00 28.19  ? 84  LEU A CB  1 
ATOM   104  C CG  . LEU A 1 84  ? 17.221  -8.476  -6.568  1.00 30.40  ? 84  LEU A CG  1 
ATOM   105  C CD1 . LEU A 1 84  ? 16.471  -7.494  -5.658  1.00 25.15  ? 84  LEU A CD1 1 
ATOM   106  C CD2 . LEU A 1 84  ? 17.175  -9.859  -5.978  1.00 29.74  ? 84  LEU A CD2 1 
ATOM   107  N N   . LYS A 1 85  ? 16.450  -8.285  -11.062 1.00 27.06  ? 85  LYS A N   1 
ATOM   108  C CA  . LYS A 1 85  ? 15.648  -8.258  -12.313 1.00 32.32  ? 85  LYS A CA  1 
ATOM   109  C C   . LYS A 1 85  ? 16.200  -9.286  -13.342 1.00 39.16  ? 85  LYS A C   1 
ATOM   110  O O   . LYS A 1 85  ? 15.442  -9.963  -14.014 1.00 38.05  ? 85  LYS A O   1 
ATOM   111  C CB  . LYS A 1 85  ? 15.648  -6.855  -12.903 1.00 28.59  ? 85  LYS A CB  1 
ATOM   112  C CG  . LYS A 1 85  ? 14.617  -5.974  -12.241 1.00 29.54  ? 85  LYS A CG  1 
ATOM   113  C CD  . LYS A 1 85  ? 14.784  -4.501  -12.694 1.00 29.29  ? 85  LYS A CD  1 
ATOM   114  C CE  . LYS A 1 85  ? 14.402  -4.411  -14.171 1.00 28.85  ? 85  LYS A CE  1 
ATOM   115  N NZ  . LYS A 1 85  ? 14.534  -2.955  -14.502 1.00 29.90  ? 85  LYS A NZ  1 
ATOM   116  N N   . ARG A 1 86  ? 17.522  -9.436  -13.389 1.00 34.71  ? 86  ARG A N   1 
ATOM   117  C CA  . ARG A 1 86  ? 18.151  -10.414 -14.251 1.00 36.96  ? 86  ARG A CA  1 
ATOM   118  C C   . ARG A 1 86  ? 17.747  -11.878 -13.910 1.00 41.30  ? 86  ARG A C   1 
ATOM   119  O O   . ARG A 1 86  ? 17.467  -12.663 -14.803 1.00 39.10  ? 86  ARG A O   1 
ATOM   120  C CB  . ARG A 1 86  ? 19.669  -10.263 -14.158 1.00 35.08  ? 86  ARG A CB  1 
ATOM   121  C CG  . ARG A 1 86  ? 20.436  -10.845 -15.366 1.00 45.48  ? 86  ARG A CG  1 
ATOM   122  C CD  . ARG A 1 86  ? 21.937  -10.752 -15.079 1.00 44.86  ? 86  ARG A CD  1 
ATOM   123  N NE  . ARG A 1 86  ? 22.303  -11.951 -14.334 1.00 48.15  ? 86  ARG A NE  1 
ATOM   124  C CZ  . ARG A 1 86  ? 23.009  -11.981 -13.229 1.00 48.47  ? 86  ARG A CZ  1 
ATOM   125  N NH1 . ARG A 1 86  ? 23.436  -10.853 -12.710 1.00 56.32  ? 86  ARG A NH1 1 
ATOM   126  N NH2 . ARG A 1 86  ? 23.280  -13.144 -12.670 1.00 57.97  ? 86  ARG A NH2 1 
ATOM   127  N N   . LEU A 1 87  ? 17.707  -12.221 -12.620 1.00 34.70  ? 87  LEU A N   1 
ATOM   128  C CA  . LEU A 1 87  ? 17.509  -13.605 -12.174 1.00 34.76  ? 87  LEU A CA  1 
ATOM   129  C C   . LEU A 1 87  ? 16.073  -13.923 -11.786 1.00 42.38  ? 87  LEU A C   1 
ATOM   130  O O   . LEU A 1 87  ? 15.746  -15.040 -11.307 1.00 35.16  ? 87  LEU A O   1 
ATOM   131  C CB  . LEU A 1 87  ? 18.472  -13.863 -10.996 1.00 34.44  ? 87  LEU A CB  1 
ATOM   132  C CG  . LEU A 1 87  ? 19.949  -13.746 -11.414 1.00 34.76  ? 87  LEU A CG  1 
ATOM   133  C CD1 . LEU A 1 87  ? 20.905  -13.811 -10.231 1.00 41.15  ? 87  LEU A CD1 1 
ATOM   134  C CD2 . LEU A 1 87  ? 20.270  -14.861 -12.413 1.00 46.57  ? 87  LEU A CD2 1 
ATOM   135  N N   . LYS A 1 88  ? 15.206  -12.932 -12.008 1.00 38.30  ? 88  LYS A N   1 
ATOM   136  C CA  . LYS A 1 88  ? 13.831  -12.958 -11.601 1.00 41.85  ? 88  LYS A CA  1 
ATOM   137  C C   . LYS A 1 88  ? 13.093  -14.279 -11.863 1.00 47.15  ? 88  LYS A C   1 
ATOM   138  O O   . LYS A 1 88  ? 12.286  -14.706 -11.037 1.00 42.50  ? 88  LYS A O   1 
ATOM   139  C CB  . LYS A 1 88  ? 13.115  -11.813 -12.322 1.00 45.82  ? 88  LYS A CB  1 
ATOM   140  C CG  . LYS A 1 88  ? 11.675  -11.624 -11.938 1.00 49.57  ? 88  LYS A CG  1 
ATOM   141  C CD  . LYS A 1 88  ? 11.109  -10.469 -12.760 1.00 51.81  ? 88  LYS A CD  1 
ATOM   142  C CE  . LYS A 1 88  ? 9.589   -10.444 -12.614 1.00 57.49  ? 88  LYS A CE  1 
ATOM   143  N NZ  . LYS A 1 88  ? 8.963   -9.597  -13.688 1.00 56.93  ? 88  LYS A NZ  1 
ATOM   144  N N   . GLU A 1 89  ? 13.345  -14.906 -13.017 1.00 43.88  ? 89  GLU A N   1 
ATOM   145  C CA  . GLU A 1 89  ? 12.604  -16.113 -13.401 1.00 49.53  ? 89  GLU A CA  1 
ATOM   146  C C   . GLU A 1 89  ? 13.281  -17.438 -13.035 1.00 53.13  ? 89  GLU A C   1 
ATOM   147  O O   . GLU A 1 89  ? 12.698  -18.504 -13.223 1.00 54.60  ? 89  GLU A O   1 
ATOM   148  C CB  . GLU A 1 89  ? 12.246  -16.053 -14.907 1.00 53.69  ? 89  GLU A CB  1 
ATOM   149  C CG  . GLU A 1 89  ? 11.117  -15.089 -15.260 1.00 56.88  ? 89  GLU A CG  1 
ATOM   150  C CD  . GLU A 1 89  ? 9.794   -15.437 -14.555 1.00 71.14  ? 89  GLU A CD  1 
ATOM   151  O OE1 . GLU A 1 89  ? 9.505   -16.643 -14.302 1.00 80.44  ? 89  GLU A OE1 1 
ATOM   152  O OE2 . GLU A 1 89  ? 9.042   -14.494 -14.217 1.00 76.40  ? 89  GLU A OE2 1 
ATOM   153  N N   . ASP A 1 90  ? 14.510  -17.374 -12.510 1.00 50.36  ? 90  ASP A N   1 
ATOM   154  C CA  . ASP A 1 90  ? 15.242  -18.572 -12.080 1.00 48.35  ? 90  ASP A CA  1 
ATOM   155  C C   . ASP A 1 90  ? 15.275  -18.657 -10.543 1.00 45.09  ? 90  ASP A C   1 
ATOM   156  O O   . ASP A 1 90  ? 16.164  -18.068 -9.903  1.00 43.74  ? 90  ASP A O   1 
ATOM   157  C CB  . ASP A 1 90  ? 16.666  -18.525 -12.640 1.00 49.03  ? 90  ASP A CB  1 
ATOM   158  C CG  . ASP A 1 90  ? 17.478  -19.799 -12.306 1.00 56.85  ? 90  ASP A CG  1 
ATOM   159  O OD1 . ASP A 1 90  ? 17.099  -20.569 -11.373 1.00 55.30  ? 90  ASP A OD1 1 
ATOM   160  O OD2 . ASP A 1 90  ? 18.517  -20.018 -12.970 1.00 58.38  ? 90  ASP A OD2 1 
ATOM   161  N N   . ASP A 1 91  ? 14.318  -19.363 -9.954  1.00 44.32  ? 91  ASP A N   1 
ATOM   162  C CA  . ASP A 1 91  ? 14.187  -19.425 -8.487  1.00 46.75  ? 91  ASP A CA  1 
ATOM   163  C C   . ASP A 1 91  ? 15.491  -19.833 -7.806  1.00 46.45  ? 91  ASP A C   1 
ATOM   164  O O   . ASP A 1 91  ? 15.826  -19.316 -6.740  1.00 50.09  ? 91  ASP A O   1 
ATOM   165  C CB  . ASP A 1 91  ? 13.076  -20.393 -8.048  1.00 50.06  ? 91  ASP A CB  1 
ATOM   166  C CG  . ASP A 1 91  ? 11.665  -19.842 -8.299  1.00 70.74  ? 91  ASP A CG  1 
ATOM   167  O OD1 . ASP A 1 91  ? 11.485  -18.595 -8.427  1.00 71.16  ? 91  ASP A OD1 1 
ATOM   168  O OD2 . ASP A 1 91  ? 10.725  -20.663 -8.385  1.00 63.55  ? 91  ASP A OD2 1 
ATOM   169  N N   . GLU A 1 92  ? 16.206  -20.761 -8.423  1.00 46.09  ? 92  GLU A N   1 
ATOM   170  C CA  . GLU A 1 92  ? 17.488  -21.246 -7.879  1.00 50.20  ? 92  GLU A CA  1 
ATOM   171  C C   . GLU A 1 92  ? 18.531  -20.153 -7.814  1.00 44.33  ? 92  GLU A C   1 
ATOM   172  O O   . GLU A 1 92  ? 19.056  -19.872 -6.750  1.00 44.79  ? 92  GLU A O   1 
ATOM   173  C CB  . GLU A 1 92  ? 17.983  -22.393 -8.757  1.00 53.00  ? 92  GLU A CB  1 
ATOM   174  C CG  . GLU A 1 92  ? 18.933  -23.383 -8.097  1.00 61.54  ? 92  GLU A CG  1 
ATOM   175  C CD  . GLU A 1 92  ? 19.112  -24.614 -8.986  1.00 61.32  ? 92  GLU A CD  1 
ATOM   176  O OE1 . GLU A 1 92  ? 18.216  -24.890 -9.831  1.00 67.95  ? 92  GLU A OE1 1 
ATOM   177  O OE2 . GLU A 1 92  ? 20.133  -25.306 -8.833  1.00 68.97  ? 92  GLU A OE2 1 
ATOM   178  N N   . LYS A 1 93  ? 18.851  -19.548 -8.959  1.00 40.69  ? 93  LYS A N   1 
ATOM   179  C CA  . LYS A 1 93  ? 19.870  -18.502 -9.009  1.00 44.49  ? 93  LYS A CA  1 
ATOM   180  C C   . LYS A 1 93  ? 19.468  -17.291 -8.155  1.00 40.28  ? 93  LYS A C   1 
ATOM   181  O O   . LYS A 1 93  ? 20.302  -16.752 -7.423  1.00 37.63  ? 93  LYS A O   1 
ATOM   182  C CB  . LYS A 1 93  ? 20.132  -18.056 -10.451 1.00 42.75  ? 93  LYS A CB  1 
ATOM   183  C CG  . LYS A 1 93  ? 20.810  -19.095 -11.308 1.00 58.35  ? 93  LYS A CG  1 
ATOM   184  C CD  . LYS A 1 93  ? 21.853  -18.465 -12.248 1.00 66.96  ? 93  LYS A CD  1 
ATOM   185  C CE  . LYS A 1 93  ? 22.584  -19.532 -13.082 1.00 70.53  ? 93  LYS A CE  1 
ATOM   186  N NZ  . LYS A 1 93  ? 21.610  -20.345 -13.861 1.00 68.73  ? 93  LYS A NZ  1 
ATOM   187  N N   . LEU A 1 94  ? 18.187  -16.902 -8.225  1.00 36.75  ? 94  LEU A N   1 
ATOM   188  C CA  . LEU A 1 94  ? 17.666  -15.782 -7.463  1.00 36.93  ? 94  LEU A CA  1 
ATOM   189  C C   . LEU A 1 94  ? 17.930  -15.944 -5.966  1.00 39.71  ? 94  LEU A C   1 
ATOM   190  O O   . LEU A 1 94  ? 18.422  -15.017 -5.302  1.00 35.55  ? 94  LEU A O   1 
ATOM   191  C CB  . LEU A 1 94  ? 16.151  -15.613 -7.700  1.00 37.09  ? 94  LEU A CB  1 
ATOM   192  C CG  . LEU A 1 94  ? 15.423  -14.440 -7.062  1.00 38.51  ? 94  LEU A CG  1 
ATOM   193  C CD1 . LEU A 1 94  ? 16.042  -13.082 -7.562  1.00 32.99  ? 94  LEU A CD1 1 
ATOM   194  C CD2 . LEU A 1 94  ? 13.905  -14.510 -7.369  1.00 34.19  ? 94  LEU A CD2 1 
ATOM   195  N N   . ASP A 1 95  ? 17.594  -17.095 -5.413  1.00 39.23  ? 95  ASP A N   1 
ATOM   196  C CA  . ASP A 1 95  ? 17.752  -17.289 -3.967  1.00 40.99  ? 95  ASP A CA  1 
ATOM   197  C C   . ASP A 1 95  ? 19.244  -17.211 -3.548  1.00 44.82  ? 95  ASP A C   1 
ATOM   198  O O   . ASP A 1 95  ? 19.578  -16.660 -2.500  1.00 40.90  ? 95  ASP A O   1 
ATOM   199  C CB  . ASP A 1 95  ? 17.193  -18.635 -3.566  1.00 42.93  ? 95  ASP A CB  1 
ATOM   200  C CG  . ASP A 1 95  ? 17.197  -18.849 -2.051  1.00 49.64  ? 95  ASP A CG  1 
ATOM   201  O OD1 . ASP A 1 95  ? 16.299  -18.302 -1.390  1.00 59.27  ? 95  ASP A OD1 1 
ATOM   202  O OD2 . ASP A 1 95  ? 18.052  -19.595 -1.522  1.00 56.80  ? 95  ASP A OD2 1 
ATOM   203  N N   . LYS A 1 96  ? 20.131  -17.773 -4.369  1.00 37.92  ? 96  LYS A N   1 
ATOM   204  C CA  . LYS A 1 96  ? 21.545  -17.733 -4.087  1.00 37.67  ? 96  LYS A CA  1 
ATOM   205  C C   . LYS A 1 96  ? 22.043  -16.285 -4.168  1.00 38.12  ? 96  LYS A C   1 
ATOM   206  O O   . LYS A 1 96  ? 22.828  -15.835 -3.332  1.00 38.66  ? 96  LYS A O   1 
ATOM   207  C CB  . LYS A 1 96  ? 22.316  -18.646 -5.044  1.00 39.95  ? 96  LYS A CB  1 
ATOM   208  C CG  . LYS A 1 96  ? 23.837  -18.463 -5.032  1.00 52.60  ? 96  LYS A CG  1 
ATOM   209  C CD  . LYS A 1 96  ? 24.439  -18.751 -3.645  1.00 63.48  ? 96  LYS A CD  1 
ATOM   210  C CE  . LYS A 1 96  ? 25.460  -19.902 -3.645  1.00 69.09  ? 96  LYS A CE  1 
ATOM   211  N NZ  . LYS A 1 96  ? 26.763  -19.428 -4.193  1.00 78.35  ? 96  LYS A NZ  1 
ATOM   212  N N   . PHE A 1 97  ? 21.564  -15.551 -5.163  1.00 36.66  ? 97  PHE A N   1 
ATOM   213  C CA  . PHE A 1 97  ? 21.947  -14.152 -5.334  1.00 34.93  ? 97  PHE A CA  1 
ATOM   214  C C   . PHE A 1 97  ? 21.481  -13.336 -4.100  1.00 37.93  ? 97  PHE A C   1 
ATOM   215  O O   . PHE A 1 97  ? 22.193  -12.465 -3.630  1.00 38.36  ? 97  PHE A O   1 
ATOM   216  C CB  . PHE A 1 97  ? 21.313  -13.588 -6.602  1.00 37.41  ? 97  PHE A CB  1 
ATOM   217  C CG  . PHE A 1 97  ? 21.696  -12.162 -6.884  1.00 37.34  ? 97  PHE A CG  1 
ATOM   218  C CD1 . PHE A 1 97  ? 22.860  -11.861 -7.573  1.00 36.96  ? 97  PHE A CD1 1 
ATOM   219  C CD2 . PHE A 1 97  ? 20.893  -11.089 -6.404  1.00 34.71  ? 97  PHE A CD2 1 
ATOM   220  C CE1 . PHE A 1 97  ? 23.235  -10.503 -7.806  1.00 33.15  ? 97  PHE A CE1 1 
ATOM   221  C CE2 . PHE A 1 97  ? 21.288  -9.767  -6.628  1.00 33.91  ? 97  PHE A CE2 1 
ATOM   222  C CZ  . PHE A 1 97  ? 22.451  -9.486  -7.330  1.00 36.59  ? 97  PHE A CZ  1 
ATOM   223  N N   . ILE A 1 98  ? 20.275  -13.631 -3.599  1.00 35.23  ? 98  ILE A N   1 
ATOM   224  C CA  . ILE A 1 98  ? 19.752  -12.917 -2.450  1.00 33.95  ? 98  ILE A CA  1 
ATOM   225  C C   . ILE A 1 98  ? 20.632  -13.161 -1.214  1.00 38.28  ? 98  ILE A C   1 
ATOM   226  O O   . ILE A 1 98  ? 21.001  -12.215 -0.499  1.00 37.53  ? 98  ILE A O   1 
ATOM   227  C CB  . ILE A 1 98  ? 18.274  -13.227 -2.202  1.00 35.04  ? 98  ILE A CB  1 
ATOM   228  C CG1 . ILE A 1 98  ? 17.396  -12.509 -3.260  1.00 31.77  ? 98  ILE A CG1 1 
ATOM   229  C CG2 . ILE A 1 98  ? 17.822  -12.862 -0.789  1.00 30.90  ? 98  ILE A CG2 1 
ATOM   230  C CD1 . ILE A 1 98  ? 15.976  -13.139 -3.370  1.00 31.55  ? 98  ILE A CD1 1 
ATOM   231  N N   . LYS A 1 99  ? 20.981  -14.415 -0.981  1.00 36.23  ? 99  LYS A N   1 
ATOM   232  C CA  . LYS A 1 99  ? 21.784  -14.814 0.160   1.00 40.76  ? 99  LYS A CA  1 
ATOM   233  C C   . LYS A 1 99  ? 23.224  -14.269 0.052   1.00 43.75  ? 99  LYS A C   1 
ATOM   234  O O   . LYS A 1 99  ? 23.842  -13.985 1.062   1.00 45.44  ? 99  LYS A O   1 
ATOM   235  C CB  . LYS A 1 99  ? 21.787  -16.337 0.283   1.00 38.99  ? 99  LYS A CB  1 
ATOM   236  C CG  . LYS A 1 99  ? 20.548  -16.830 1.020   1.00 46.31  ? 99  LYS A CG  1 
ATOM   237  C CD  . LYS A 1 99  ? 20.301  -18.347 0.958   1.00 58.23  ? 99  LYS A CD  1 
ATOM   238  C CE  . LYS A 1 99  ? 18.940  -18.683 1.576   1.00 49.88  ? 99  LYS A CE  1 
ATOM   239  N NZ  . LYS A 1 99  ? 18.493  -20.076 1.374   1.00 68.50  ? 99  LYS A NZ  1 
ATOM   240  N N   . THR A 1 100 ? 23.690  -14.027 -1.160  1.00 37.15  ? 100 THR A N   1 
ATOM   241  C CA  . THR A 1 100 ? 25.085  -13.685 -1.400  1.00 42.67  ? 100 THR A CA  1 
ATOM   242  C C   . THR A 1 100 ? 25.284  -12.165 -1.496  1.00 43.82  ? 100 THR A C   1 
ATOM   243  O O   . THR A 1 100 ? 26.260  -11.650 -0.937  1.00 47.16  ? 100 THR A O   1 
ATOM   244  C CB  . THR A 1 100 ? 25.609  -14.349 -2.714  1.00 43.25  ? 100 THR A CB  1 
ATOM   245  O OG1 . THR A 1 100 ? 25.512  -15.756 -2.612  1.00 50.89  ? 100 THR A OG1 1 
ATOM   246  C CG2 . THR A 1 100 ? 27.038  -13.973 -3.002  1.00 50.21  ? 100 THR A CG2 1 
ATOM   247  N N   . HIS A 1 101 ? 24.340  -11.458 -2.130  1.00 34.17  ? 101 HIS A N   1 
ATOM   248  C CA  . HIS A 1 101 ? 24.475  -10.026 -2.367  1.00 33.86  ? 101 HIS A CA  1 
ATOM   249  C C   . HIS A 1 101 ? 23.467  -9.122  -1.678  1.00 36.46  ? 101 HIS A C   1 
ATOM   250  O O   . HIS A 1 101 ? 23.716  -7.926  -1.521  1.00 35.32  ? 101 HIS A O   1 
ATOM   251  C CB  . HIS A 1 101 ? 24.476  -9.731  -3.852  1.00 34.94  ? 101 HIS A CB  1 
ATOM   252  C CG  . HIS A 1 101 ? 25.557  -10.449 -4.611  1.00 42.16  ? 101 HIS A CG  1 
ATOM   253  N ND1 . HIS A 1 101 ? 26.743  -9.881  -4.903  1.00 48.97  ? 101 HIS A ND1 1 
ATOM   254  C CD2 . HIS A 1 101 ? 25.583  -11.724 -5.169  1.00 42.80  ? 101 HIS A CD2 1 
ATOM   255  C CE1 . HIS A 1 101 ? 27.499  -10.737 -5.601  1.00 46.15  ? 101 HIS A CE1 1 
ATOM   256  N NE2 . HIS A 1 101 ? 26.789  -11.875 -5.761  1.00 49.22  ? 101 HIS A NE2 1 
ATOM   257  N N   . VAL A 1 102 ? 22.308  -9.666  -1.284  1.00 30.96  ? 102 VAL A N   1 
ATOM   258  C CA  . VAL A 1 102 ? 21.246  -8.835  -0.725  1.00 35.21  ? 102 VAL A CA  1 
ATOM   259  C C   . VAL A 1 102 ? 21.252  -8.790  0.814   1.00 35.60  ? 102 VAL A C   1 
ATOM   260  O O   . VAL A 1 102 ? 21.058  -7.737  1.404   1.00 31.16  ? 102 VAL A O   1 
ATOM   261  C CB  . VAL A 1 102 ? 19.864  -9.313  -1.220  1.00 34.34  ? 102 VAL A CB  1 
ATOM   262  C CG1 . VAL A 1 102 ? 18.783  -8.454  -0.640  1.00 31.26  ? 102 VAL A CG1 1 
ATOM   263  C CG2 . VAL A 1 102 ? 19.808  -9.248  -2.735  1.00 36.18  ? 102 VAL A CG2 1 
ATOM   264  N N   . PHE A 1 103 ? 21.479  -9.920  1.468   1.00 34.55  ? 103 PHE A N   1 
ATOM   265  C CA  . PHE A 1 103 ? 21.561  -9.923  2.936   1.00 39.68  ? 103 PHE A CA  1 
ATOM   266  C C   . PHE A 1 103 ? 22.577  -8.931  3.542   1.00 43.14  ? 103 PHE A C   1 
ATOM   267  O O   . PHE A 1 103 ? 22.283  -8.297  4.577   1.00 42.84  ? 103 PHE A O   1 
ATOM   268  C CB  . PHE A 1 103 ? 21.749  -11.337 3.517   1.00 44.73  ? 103 PHE A CB  1 
ATOM   269  C CG  . PHE A 1 103 ? 20.446  -12.001 3.898   1.00 56.61  ? 103 PHE A CG  1 
ATOM   270  C CD1 . PHE A 1 103 ? 19.799  -11.679 5.149   1.00 52.90  ? 103 PHE A CD1 1 
ATOM   271  C CD2 . PHE A 1 103 ? 19.801  -12.874 3.003   1.00 53.50  ? 103 PHE A CD2 1 
ATOM   272  C CE1 . PHE A 1 103 ? 18.564  -12.249 5.475   1.00 58.39  ? 103 PHE A CE1 1 
ATOM   273  C CE2 . PHE A 1 103 ? 18.573  -13.463 3.345   1.00 58.37  ? 103 PHE A CE2 1 
ATOM   274  C CZ  . PHE A 1 103 ? 17.946  -13.140 4.576   1.00 67.35  ? 103 PHE A CZ  1 
ATOM   275  N N   . ARG A 1 104 ? 23.729  -8.737  2.887   1.00 44.15  ? 104 ARG A N   1 
ATOM   276  C CA  . ARG A 1 104 ? 24.746  -7.796  3.406   1.00 42.62  ? 104 ARG A CA  1 
ATOM   277  C C   . ARG A 1 104 ? 24.420  -6.310  3.183   1.00 43.73  ? 104 ARG A C   1 
ATOM   278  O O   . ARG A 1 104 ? 25.100  -5.418  3.744   1.00 35.16  ? 104 ARG A O   1 
ATOM   279  C CB  . ARG A 1 104 ? 26.120  -8.131  2.873   1.00 44.38  ? 104 ARG A CB  1 
ATOM   280  C CG  . ARG A 1 104 ? 26.172  -8.281  1.350   1.00 43.17  ? 104 ARG A CG  1 
ATOM   281  C CD  . ARG A 1 104 ? 27.615  -8.408  0.878   1.00 45.64  ? 104 ARG A CD  1 
ATOM   282  N NE  . ARG A 1 104 ? 28.091  -7.095  0.420   1.00 50.82  ? 104 ARG A NE  1 
ATOM   283  C CZ  . ARG A 1 104 ? 29.048  -6.394  0.988   1.00 51.14  ? 104 ARG A CZ  1 
ATOM   284  N NH1 . ARG A 1 104 ? 29.721  -6.903  2.021   1.00 54.36  ? 104 ARG A NH1 1 
ATOM   285  N NH2 . ARG A 1 104 ? 29.356  -5.221  0.496   1.00 59.34  ? 104 ARG A NH2 1 
ATOM   286  N N   . LEU A 1 105 ? 23.404  -6.024  2.356   1.00 33.76  ? 105 LEU A N   1 
ATOM   287  C CA  . LEU A 1 105 ? 23.071  -4.631  2.089   1.00 32.13  ? 105 LEU A CA  1 
ATOM   288  C C   . LEU A 1 105 ? 22.841  -3.877  3.421   1.00 35.51  ? 105 LEU A C   1 
ATOM   289  O O   . LEU A 1 105 ? 22.194  -4.412  4.334   1.00 28.18  ? 105 LEU A O   1 
ATOM   290  C CB  . LEU A 1 105 ? 21.836  -4.554  1.217   1.00 32.41  ? 105 LEU A CB  1 
ATOM   291  C CG  . LEU A 1 105 ? 21.956  -4.003  -0.203  1.00 36.82  ? 105 LEU A CG  1 
ATOM   292  C CD1 . LEU A 1 105 ? 23.311  -4.187  -0.821  1.00 32.32  ? 105 LEU A CD1 1 
ATOM   293  C CD2 . LEU A 1 105 ? 20.788  -4.467  -1.064  1.00 30.59  ? 105 LEU A CD2 1 
ATOM   294  N N   . LEU A 1 106 ? 23.315  -2.637  3.513   1.00 29.15  ? 106 LEU A N   1 
ATOM   295  C CA  . LEU A 1 106 ? 22.985  -1.803  4.681   1.00 32.72  ? 106 LEU A CA  1 
ATOM   296  C C   . LEU A 1 106 ? 21.516  -1.359  4.593   1.00 33.91  ? 106 LEU A C   1 
ATOM   297  O O   . LEU A 1 106 ? 20.901  -1.420  3.501   1.00 31.78  ? 106 LEU A O   1 
ATOM   298  C CB  . LEU A 1 106 ? 23.934  -0.565  4.694   1.00 33.72  ? 106 LEU A CB  1 
ATOM   299  C CG  . LEU A 1 106 ? 25.396  -0.935  5.023   1.00 38.65  ? 106 LEU A CG  1 
ATOM   300  C CD1 . LEU A 1 106 ? 26.208  0.332   5.172   1.00 38.64  ? 106 LEU A CD1 1 
ATOM   301  C CD2 . LEU A 1 106 ? 25.472  -1.716  6.332   1.00 33.72  ? 106 LEU A CD2 1 
ATOM   302  N N   . LYS A 1 107 ? 20.937  -0.934  5.724   1.00 31.63  ? 107 LYS A N   1 
ATOM   303  C CA  . LYS A 1 107 ? 19.577  -0.449  5.747   1.00 28.40  ? 107 LYS A CA  1 
ATOM   304  C C   . LYS A 1 107 ? 19.229  0.481   4.614   1.00 32.60  ? 107 LYS A C   1 
ATOM   305  O O   . LYS A 1 107 ? 18.263  0.222   3.881   1.00 31.94  ? 107 LYS A O   1 
ATOM   306  C CB  . LYS A 1 107 ? 19.238  0.284   7.073   1.00 28.80  ? 107 LYS A CB  1 
ATOM   307  C CG  . LYS A 1 107 ? 17.776  0.707   7.147   1.00 28.77  ? 107 LYS A CG  1 
ATOM   308  C CD  . LYS A 1 107 ? 17.494  1.467   8.431   1.00 32.40  ? 107 LYS A CD  1 
ATOM   309  C CE  . LYS A 1 107 ? 16.043  1.964   8.485   1.00 33.44  ? 107 LYS A CE  1 
ATOM   310  N NZ  . LYS A 1 107 ? 15.810  2.878   9.638   1.00 40.83  ? 107 LYS A NZ  1 
ATOM   311  N N   . LEU A 1 108 ? 20.002  1.567   4.446   1.00 31.38  ? 108 LEU A N   1 
ATOM   312  C CA  . LEU A 1 108 ? 19.615  2.589   3.464   1.00 31.13  ? 108 LEU A CA  1 
ATOM   313  C C   . LEU A 1 108 ? 19.524  1.949   2.067   1.00 33.52  ? 108 LEU A C   1 
ATOM   314  O O   . LEU A 1 108 ? 18.649  2.279   1.262   1.00 29.85  ? 108 LEU A O   1 
ATOM   315  C CB  . LEU A 1 108 ? 20.646  3.711   3.436   1.00 33.95  ? 108 LEU A CB  1 
ATOM   316  C CG  . LEU A 1 108 ? 20.221  4.988   4.151   1.00 52.02  ? 108 LEU A CG  1 
ATOM   317  C CD1 . LEU A 1 108 ? 19.346  4.699   5.371   1.00 60.36  ? 108 LEU A CD1 1 
ATOM   318  C CD2 . LEU A 1 108 ? 21.457  5.844   4.534   1.00 59.06  ? 108 LEU A CD2 1 
ATOM   319  N N   . ASP A 1 109 ? 20.426  1.028   1.803   1.00 28.80  ? 109 ASP A N   1 
ATOM   320  C CA  . ASP A 1 109 ? 20.480  0.416   0.466   1.00 30.11  ? 109 ASP A CA  1 
ATOM   321  C C   . ASP A 1 109 ? 19.359  -0.577  0.217   1.00 26.53  ? 109 ASP A C   1 
ATOM   322  O O   . ASP A 1 109 ? 18.863  -0.653  -0.911  1.00 33.15  ? 109 ASP A O   1 
ATOM   323  C CB  . ASP A 1 109 ? 21.865  -0.203  0.217   1.00 33.04  ? 109 ASP A CB  1 
ATOM   324  C CG  . ASP A 1 109 ? 22.935  0.856   0.064   1.00 46.00  ? 109 ASP A CG  1 
ATOM   325  O OD1 . ASP A 1 109 ? 22.624  1.879   -0.573  1.00 44.73  ? 109 ASP A OD1 1 
ATOM   326  O OD2 . ASP A 1 109 ? 24.080  0.671   0.544   1.00 46.18  ? 109 ASP A OD2 1 
ATOM   327  N N   . MET A 1 110 ? 18.935  -1.311  1.253   1.00 28.02  ? 110 MET A N   1 
ATOM   328  C CA  . MET A 1 110 ? 17.793  -2.183  1.125   1.00 30.23  ? 110 MET A CA  1 
ATOM   329  C C   . MET A 1 110 ? 16.514  -1.394  0.894   1.00 31.37  ? 110 MET A C   1 
ATOM   330  O O   . MET A 1 110 ? 15.669  -1.798  0.087   1.00 29.31  ? 110 MET A O   1 
ATOM   331  C CB  . MET A 1 110 ? 17.547  -3.015  2.380   1.00 27.93  ? 110 MET A CB  1 
ATOM   332  C CG  . MET A 1 110 ? 18.552  -4.085  2.610   1.00 32.32  ? 110 MET A CG  1 
ATOM   333  S SD  . MET A 1 110 ? 17.770  -5.367  3.663   1.00 36.60  ? 110 MET A SD  1 
ATOM   334  C CE  . MET A 1 110 ? 19.261  -6.403  3.811   1.00 33.51  ? 110 MET A CE  1 
ATOM   335  N N   . LEU A 1 111 ? 16.329  -0.328  1.667   1.00 29.31  ? 111 LEU A N   1 
ATOM   336  C CA  . LEU A 1 111 ? 15.174  0.533   1.434   1.00 28.59  ? 111 LEU A CA  1 
ATOM   337  C C   . LEU A 1 111 ? 15.226  1.087   0.019   1.00 28.61  ? 111 LEU A C   1 
ATOM   338  O O   . LEU A 1 111 ? 14.184  1.249   -0.628  1.00 29.77  ? 111 LEU A O   1 
ATOM   339  C CB  . LEU A 1 111 ? 15.080  1.659   2.484   1.00 28.33  ? 111 LEU A CB  1 
ATOM   340  C CG  . LEU A 1 111 ? 14.871  1.164   3.956   1.00 34.62  ? 111 LEU A CG  1 
ATOM   341  C CD1 . LEU A 1 111 ? 14.576  2.359   4.854   1.00 35.87  ? 111 LEU A CD1 1 
ATOM   342  C CD2 . LEU A 1 111 ? 13.702  0.198   4.035   1.00 33.14  ? 111 LEU A CD2 1 
ATOM   343  N N   . ALA A 1 112 ? 16.431  1.407   -0.458  1.00 28.67  ? 112 ALA A N   1 
ATOM   344  C CA  . ALA A 1 112 ? 16.579  1.945   -1.802  1.00 30.40  ? 112 ALA A CA  1 
ATOM   345  C C   . ALA A 1 112 ? 16.160  0.910   -2.865  1.00 29.91  ? 112 ALA A C   1 
ATOM   346  O O   . ALA A 1 112 ? 15.535  1.257   -3.844  1.00 27.90  ? 112 ALA A O   1 
ATOM   347  C CB  . ALA A 1 112 ? 18.002  2.373   -2.057  1.00 30.59  ? 112 ALA A CB  1 
ATOM   348  N N   . VAL A 1 113 ? 16.551  -0.345  -2.669  1.00 28.57  ? 113 VAL A N   1 
ATOM   349  C CA  . VAL A 1 113 ? 16.217  -1.417  -3.576  1.00 30.98  ? 113 VAL A CA  1 
ATOM   350  C C   . VAL A 1 113 ? 14.731  -1.718  -3.561  1.00 35.08  ? 113 VAL A C   1 
ATOM   351  O O   . VAL A 1 113 ? 14.121  -1.868  -4.619  1.00 30.33  ? 113 VAL A O   1 
ATOM   352  C CB  . VAL A 1 113 ? 16.961  -2.709  -3.189  1.00 28.69  ? 113 VAL A CB  1 
ATOM   353  C CG1 . VAL A 1 113 ? 16.379  -3.934  -3.938  1.00 27.06  ? 113 VAL A CG1 1 
ATOM   354  C CG2 . VAL A 1 113 ? 18.461  -2.531  -3.459  1.00 25.58  ? 113 VAL A CG2 1 
ATOM   355  N N   . ILE A 1 114 ? 14.111  -1.778  -2.372  1.00 31.59  ? 114 ILE A N   1 
ATOM   356  C CA  . ILE A 1 114 ? 12.670  -2.056  -2.379  1.00 27.49  ? 114 ILE A CA  1 
ATOM   357  C C   . ILE A 1 114 ? 11.880  -0.890  -2.958  1.00 28.53  ? 114 ILE A C   1 
ATOM   358  O O   . ILE A 1 114 ? 10.885  -1.089  -3.670  1.00 28.37  ? 114 ILE A O   1 
ATOM   359  C CB  . ILE A 1 114 ? 12.159  -2.561  -1.013  1.00 26.54  ? 114 ILE A CB  1 
ATOM   360  C CG1 . ILE A 1 114 ? 10.834  -3.348  -1.257  1.00 30.37  ? 114 ILE A CG1 1 
ATOM   361  C CG2 . ILE A 1 114 ? 11.958  -1.353  -0.063  1.00 24.75  ? 114 ILE A CG2 1 
ATOM   362  C CD1 . ILE A 1 114 ? 10.156  -3.804  0.050   1.00 30.16  ? 114 ILE A CD1 1 
ATOM   363  N N   . GLY A 1 115 ? 12.337  0.319   -2.697  1.00 25.90  ? 115 GLY A N   1 
ATOM   364  C CA  . GLY A 1 115 ? 11.663  1.497   -3.257  1.00 24.29  ? 115 GLY A CA  1 
ATOM   365  C C   . GLY A 1 115 ? 11.691  1.513   -4.811  1.00 29.49  ? 115 GLY A C   1 
ATOM   366  O O   . GLY A 1 115 ? 10.673  1.811   -5.444  1.00 28.08  ? 115 GLY A O   1 
ATOM   367  N N   . GLU A 1 116 ? 12.837  1.186   -5.404  1.00 32.28  ? 116 GLU A N   1 
ATOM   368  C CA  . GLU A 1 116 ? 12.956  1.139   -6.841  1.00 32.75  ? 116 GLU A CA  1 
ATOM   369  C C   . GLU A 1 116 ? 12.154  0.003   -7.465  1.00 29.49  ? 116 GLU A C   1 
ATOM   370  O O   . GLU A 1 116 ? 11.469  0.218   -8.467  1.00 31.00  ? 116 GLU A O   1 
ATOM   371  C CB  . GLU A 1 116 ? 14.408  1.148   -7.302  1.00 37.46  ? 116 GLU A CB  1 
ATOM   372  C CG  . GLU A 1 116 ? 14.591  1.061   -8.842  1.00 37.33  ? 116 GLU A CG  1 
ATOM   373  C CD  . GLU A 1 116 ? 14.163  2.333   -9.561  1.00 42.44  ? 116 GLU A CD  1 
ATOM   374  O OE1 . GLU A 1 116 ? 13.716  3.352   -8.869  1.00 37.96  ? 116 GLU A OE1 1 
ATOM   375  O OE2 . GLU A 1 116 ? 14.247  2.305   -10.833 1.00 37.23  ? 116 GLU A OE2 1 
ATOM   376  N N   . LEU A 1 117 ? 12.212  -1.194  -6.872  1.00 26.78  ? 117 LEU A N   1 
ATOM   377  C CA  . LEU A 1 117 ? 11.373  -2.260  -7.319  1.00 30.19  ? 117 LEU A CA  1 
ATOM   378  C C   . LEU A 1 117 ? 9.865   -1.869  -7.281  1.00 32.46  ? 117 LEU A C   1 
ATOM   379  O O   . LEU A 1 117 ? 9.137   -2.101  -8.240  1.00 30.64  ? 117 LEU A O   1 
ATOM   380  C CB  . LEU A 1 117 ? 11.617  -3.548  -6.558  1.00 30.35  ? 117 LEU A CB  1 
ATOM   381  C CG  . LEU A 1 117 ? 13.035  -4.102  -6.695  1.00 32.47  ? 117 LEU A CG  1 
ATOM   382  C CD1 . LEU A 1 117 ? 13.268  -5.170  -5.667  1.00 30.84  ? 117 LEU A CD1 1 
ATOM   383  C CD2 . LEU A 1 117 ? 13.314  -4.623  -8.125  1.00 31.57  ? 117 LEU A CD2 1 
ATOM   384  N N   . GLU A 1 118 ? 9.432   -1.245  -6.198  1.00 33.66  ? 118 GLU A N   1 
ATOM   385  C CA  . GLU A 1 118 ? 8.035   -0.816  -6.052  1.00 30.92  ? 118 GLU A CA  1 
ATOM   386  C C   . GLU A 1 118 ? 7.669   0.190   -7.107  1.00 32.42  ? 118 GLU A C   1 
ATOM   387  O O   . GLU A 1 118 ? 6.636   0.068   -7.721  1.00 30.03  ? 118 GLU A O   1 
ATOM   388  C CB  . GLU A 1 118 ? 7.801   -0.223  -4.654  1.00 31.11  ? 118 GLU A CB  1 
ATOM   389  C CG  . GLU A 1 118 ? 7.699   -1.329  -3.607  1.00 33.06  ? 118 GLU A CG  1 
ATOM   390  C CD  . GLU A 1 118 ? 7.956   -0.798  -2.193  1.00 34.86  ? 118 GLU A CD  1 
ATOM   391  O OE1 . GLU A 1 118 ? 8.280   0.411   -2.008  1.00 31.87  ? 118 GLU A OE1 1 
ATOM   392  O OE2 . GLU A 1 118 ? 7.781   -1.605  -1.274  1.00 29.51  ? 118 GLU A OE2 1 
ATOM   393  N N   . ARG A 1 119 ? 8.556   1.148   -7.355  1.00 28.59  ? 119 ARG A N   1 
ATOM   394  C CA  . ARG A 1 119 ? 8.278   2.121   -8.397  1.00 31.69  ? 119 ARG A CA  1 
ATOM   395  C C   . ARG A 1 119 ? 8.128   1.440   -9.753  1.00 35.15  ? 119 ARG A C   1 
ATOM   396  O O   . ARG A 1 119 ? 7.225   1.810   -10.516 1.00 35.48  ? 119 ARG A O   1 
ATOM   397  C CB  . ARG A 1 119 ? 9.401   3.145   -8.509  1.00 28.91  ? 119 ARG A CB  1 
ATOM   398  C CG  . ARG A 1 119 ? 9.114   4.219   -9.554  1.00 32.04  ? 119 ARG A CG  1 
ATOM   399  C CD  . ARG A 1 119 ? 10.336  5.038   -9.964  1.00 28.44  ? 119 ARG A CD  1 
ATOM   400  N NE  . ARG A 1 119 ? 11.439  4.278   -10.621 1.00 27.02  ? 119 ARG A NE  1 
ATOM   401  C CZ  . ARG A 1 119 ? 11.523  4.089   -11.949 1.00 32.50  ? 119 ARG A CZ  1 
ATOM   402  N NH1 . ARG A 1 119 ? 10.560  4.532   -12.775 1.00 31.68  ? 119 ARG A NH1 1 
ATOM   403  N NH2 . ARG A 1 119 ? 12.557  3.431   -12.461 1.00 33.33  ? 119 ARG A NH2 1 
ATOM   404  N N   . GLN A 1 120 ? 9.001   0.479   -10.050 1.00 31.48  ? 120 GLN A N   1 
ATOM   405  C CA  . GLN A 1 120 ? 8.983   -0.192  -11.342 1.00 33.29  ? 120 GLN A CA  1 
ATOM   406  C C   . GLN A 1 120 ? 7.862   -1.239  -11.407 1.00 33.80  ? 120 GLN A C   1 
ATOM   407  O O   . GLN A 1 120 ? 7.673   -1.862  -12.426 1.00 31.45  ? 120 GLN A O   1 
ATOM   408  C CB  . GLN A 1 120 ? 10.322  -0.903  -11.649 1.00 28.70  ? 120 GLN A CB  1 
ATOM   409  C CG  . GLN A 1 120 ? 11.438  0.027   -12.042 1.00 31.66  ? 120 GLN A CG  1 
ATOM   410  C CD  . GLN A 1 120 ? 12.698  -0.742  -12.353 1.00 34.78  ? 120 GLN A CD  1 
ATOM   411  O OE1 . GLN A 1 120 ? 12.643  -1.827  -12.936 1.00 29.81  ? 120 GLN A OE1 1 
ATOM   412  N NE2 . GLN A 1 120 ? 13.854  -0.215  -11.920 1.00 35.84  ? 120 GLN A NE2 1 
ATOM   413  N N   . GLU A 1 121 ? 7.193   -1.480  -10.290 1.00 33.52  ? 121 GLU A N   1 
ATOM   414  C CA  . GLU A 1 121 ? 6.179   -2.542  -10.191 1.00 29.20  ? 121 GLU A CA  1 
ATOM   415  C C   . GLU A 1 121 ? 6.674   -3.929  -10.388 1.00 36.16  ? 121 GLU A C   1 
ATOM   416  O O   . GLU A 1 121 ? 5.955   -4.811  -10.880 1.00 32.71  ? 121 GLU A O   1 
ATOM   417  C CB  . GLU A 1 121 ? 4.950   -2.192  -11.055 1.00 34.13  ? 121 GLU A CB  1 
ATOM   418  C CG  . GLU A 1 121 ? 4.493   -0.768  -10.711 1.00 34.42  ? 121 GLU A CG  1 
ATOM   419  C CD  . GLU A 1 121 ? 3.262   -0.288  -11.418 1.00 42.40  ? 121 GLU A CD  1 
ATOM   420  O OE1 . GLU A 1 121 ? 2.503   -1.117  -11.956 1.00 41.11  ? 121 GLU A OE1 1 
ATOM   421  O OE2 . GLU A 1 121 ? 3.019   0.933   -11.326 1.00 46.99  ? 121 GLU A OE2 1 
ATOM   422  N N   . GLU A 1 122 ? 7.911   -4.154  -9.978  1.00 32.38  ? 122 GLU A N   1 
ATOM   423  C CA  . GLU A 1 122 ? 8.460   -5.522  -9.869  1.00 34.58  ? 122 GLU A CA  1 
ATOM   424  C C   . GLU A 1 122 ? 8.031   -6.067  -8.537  1.00 34.74  ? 122 GLU A C   1 
ATOM   425  O O   . GLU A 1 122 ? 8.867   -6.168  -7.584  1.00 31.86  ? 122 GLU A O   1 
ATOM   426  C CB  . GLU A 1 122 ? 9.998   -5.458  -9.955  1.00 31.03  ? 122 GLU A CB  1 
ATOM   427  C CG  . GLU A 1 122 ? 10.471  -4.933  -11.298 1.00 33.40  ? 122 GLU A CG  1 
ATOM   428  C CD  . GLU A 1 122 ? 10.279  -5.922  -12.434 1.00 37.23  ? 122 GLU A CD  1 
ATOM   429  O OE1 . GLU A 1 122 ? 10.130  -7.141  -12.129 1.00 39.58  ? 122 GLU A OE1 1 
ATOM   430  O OE2 . GLU A 1 122 ? 10.344  -5.482  -13.612 1.00 42.54  ? 122 GLU A OE2 1 
ATOM   431  N N   . THR A 1 123 ? 6.733   -6.367  -8.416  1.00 36.65  ? 123 THR A N   1 
ATOM   432  C CA  . THR A 1 123 ? 6.143   -6.605  -7.073  1.00 35.24  ? 123 THR A CA  1 
ATOM   433  C C   . THR A 1 123 ? 6.570   -7.971  -6.479  1.00 37.47  ? 123 THR A C   1 
ATOM   434  O O   . THR A 1 123 ? 6.727   -8.114  -5.267  1.00 36.90  ? 123 THR A O   1 
ATOM   435  C CB  . THR A 1 123 ? 4.594   -6.536  -7.097  1.00 37.37  ? 123 THR A CB  1 
ATOM   436  O OG1 . THR A 1 123 ? 4.078   -7.609  -7.907  1.00 40.83  ? 123 THR A OG1 1 
ATOM   437  C CG2 . THR A 1 123 ? 4.170   -5.203  -7.655  1.00 35.86  ? 123 THR A CG2 1 
ATOM   438  N N   . ALA A 1 124 ? 6.740   -8.956  -7.324  1.00 36.24  ? 124 ALA A N   1 
ATOM   439  C CA  . ALA A 1 124 ? 7.237   -10.266 -6.830  1.00 37.89  ? 124 ALA A CA  1 
ATOM   440  C C   . ALA A 1 124 ? 8.670   -10.093 -6.201  1.00 34.76  ? 124 ALA A C   1 
ATOM   441  O O   . ALA A 1 124 ? 8.981   -10.672 -5.162  1.00 30.36  ? 124 ALA A O   1 
ATOM   442  C CB  . ALA A 1 124 ? 7.264   -11.310 -7.956  1.00 37.65  ? 124 ALA A CB  1 
ATOM   443  N N   . LEU A 1 125 ? 9.509   -9.300  -6.828  1.00 30.92  ? 125 LEU A N   1 
ATOM   444  C CA  . LEU A 1 125 ? 10.843  -9.059  -6.246  1.00 29.45  ? 125 LEU A CA  1 
ATOM   445  C C   . LEU A 1 125 ? 10.759  -8.188  -4.991  1.00 28.77  ? 125 LEU A C   1 
ATOM   446  O O   . LEU A 1 125 ? 11.541  -8.357  -4.059  1.00 29.90  ? 125 LEU A O   1 
ATOM   447  C CB  . LEU A 1 125 ? 11.740  -8.370  -7.295  1.00 26.79  ? 125 LEU A CB  1 
ATOM   448  C CG  . LEU A 1 125 ? 12.084  -9.300  -8.510  1.00 28.89  ? 125 LEU A CG  1 
ATOM   449  C CD1 . LEU A 1 125 ? 12.767  -8.495  -9.630  1.00 28.12  ? 125 LEU A CD1 1 
ATOM   450  C CD2 . LEU A 1 125 ? 12.982  -10.453 -7.978  1.00 28.31  ? 125 LEU A CD2 1 
ATOM   451  N N   . ALA A 1 126 ? 9.833   -7.243  -5.001  1.00 27.47  ? 126 ALA A N   1 
ATOM   452  C CA  . ALA A 1 126 ? 9.593   -6.352  -3.873  1.00 31.14  ? 126 ALA A CA  1 
ATOM   453  C C   . ALA A 1 126 ? 9.119   -7.180  -2.688  1.00 30.83  ? 126 ALA A C   1 
ATOM   454  O O   . ALA A 1 126 ? 9.569   -6.964  -1.570  1.00 31.56  ? 126 ALA A O   1 
ATOM   455  C CB  . ALA A 1 126 ? 8.559   -5.305  -4.195  1.00 26.88  ? 126 ALA A CB  1 
ATOM   456  N N   . ILE A 1 127 ? 8.238   -8.108  -2.912  1.00 31.44  ? 127 ILE A N   1 
ATOM   457  C CA  . ILE A 1 127 ? 7.791   -8.985  -1.806  1.00 34.35  ? 127 ILE A CA  1 
ATOM   458  C C   . ILE A 1 127 ? 8.965   -9.766  -1.250  1.00 34.52  ? 127 ILE A C   1 
ATOM   459  O O   . ILE A 1 127 ? 9.077   -9.905  -0.036  1.00 32.59  ? 127 ILE A O   1 
ATOM   460  C CB  . ILE A 1 127 ? 6.629   -9.909  -2.230  1.00 35.07  ? 127 ILE A CB  1 
ATOM   461  C CG1 . ILE A 1 127 ? 5.367   -9.056  -2.431  1.00 38.00  ? 127 ILE A CG1 1 
ATOM   462  C CG2 . ILE A 1 127 ? 6.363   -11.009 -1.211  1.00 33.68  ? 127 ILE A CG2 1 
ATOM   463  C CD1 . ILE A 1 127 ? 4.191   -9.881  -3.011  1.00 45.98  ? 127 ILE A CD1 1 
ATOM   464  N N   . LYS A 1 128 ? 9.866   -10.221 -2.113  1.00 36.84  ? 128 LYS A N   1 
ATOM   465  C CA  . LYS A 1 128 ? 11.078  -10.903 -1.605  1.00 37.59  ? 128 LYS A CA  1 
ATOM   466  C C   . LYS A 1 128 ? 11.954  -9.956  -0.793  1.00 33.91  ? 128 LYS A C   1 
ATOM   467  O O   . LYS A 1 128 ? 12.490  -10.351 0.232   1.00 33.07  ? 128 LYS A O   1 
ATOM   468  C CB  . LYS A 1 128 ? 11.893  -11.538 -2.723  1.00 40.56  ? 128 LYS A CB  1 
ATOM   469  C CG  . LYS A 1 128 ? 11.129  -12.594 -3.515  1.00 39.88  ? 128 LYS A CG  1 
ATOM   470  C CD  . LYS A 1 128 ? 12.071  -13.634 -4.083  1.00 52.26  ? 128 LYS A CD  1 
ATOM   471  C CE  . LYS A 1 128 ? 11.882  -15.002 -3.429  1.00 59.24  ? 128 LYS A CE  1 
ATOM   472  N NZ  . LYS A 1 128 ? 10.521  -15.513 -3.794  1.00 60.83  ? 128 LYS A NZ  1 
ATOM   473  N N   . MET A 1 129 ? 12.105  -8.705  -1.245  1.00 28.54  ? 129 MET A N   1 
ATOM   474  C CA  . MET A 1 129 ? 12.886  -7.743  -0.484  1.00 29.12  ? 129 MET A CA  1 
ATOM   475  C C   . MET A 1 129 ? 12.243  -7.489  0.870   1.00 29.45  ? 129 MET A C   1 
ATOM   476  O O   . MET A 1 129 ? 12.927  -7.367  1.871   1.00 30.05  ? 129 MET A O   1 
ATOM   477  C CB  . MET A 1 129 ? 13.004  -6.391  -1.229  1.00 29.70  ? 129 MET A CB  1 
ATOM   478  C CG  . MET A 1 129 ? 14.100  -6.396  -2.317  1.00 33.53  ? 129 MET A CG  1 
ATOM   479  S SD  . MET A 1 129 ? 15.704  -7.029  -1.680  1.00 39.23  ? 129 MET A SD  1 
ATOM   480  C CE  . MET A 1 129 ? 16.082  -5.806  -0.416  1.00 32.94  ? 129 MET A CE  1 
ATOM   481  N N   . PHE A 1 130 ? 10.912  -7.389  0.896   1.00 30.57  ? 130 PHE A N   1 
ATOM   482  C CA  . PHE A 1 130 ? 10.234  -7.125  2.149   1.00 27.97  ? 130 PHE A CA  1 
ATOM   483  C C   . PHE A 1 130 ? 10.488  -8.266  3.127   1.00 30.80  ? 130 PHE A C   1 
ATOM   484  O O   . PHE A 1 130 ? 10.695  -8.032  4.336   1.00 28.83  ? 130 PHE A O   1 
ATOM   485  C CB  . PHE A 1 130 ? 8.757   -6.952  1.909   1.00 32.04  ? 130 PHE A CB  1 
ATOM   486  C CG  . PHE A 1 130 ? 7.981   -6.657  3.135   1.00 34.13  ? 130 PHE A CG  1 
ATOM   487  C CD1 . PHE A 1 130 ? 8.233   -5.515  3.855   1.00 37.84  ? 130 PHE A CD1 1 
ATOM   488  C CD2 . PHE A 1 130 ? 6.942   -7.524  3.568   1.00 40.09  ? 130 PHE A CD2 1 
ATOM   489  C CE1 . PHE A 1 130 ? 7.502   -5.227  5.011   1.00 42.85  ? 130 PHE A CE1 1 
ATOM   490  C CE2 . PHE A 1 130 ? 6.204   -7.217  4.713   1.00 38.34  ? 130 PHE A CE2 1 
ATOM   491  C CZ  . PHE A 1 130 ? 6.477   -6.068  5.418   1.00 39.29  ? 130 PHE A CZ  1 
ATOM   492  N N   . GLU A 1 131 ? 10.442  -9.507  2.639   1.00 28.33  ? 131 GLU A N   1 
ATOM   493  C CA  . GLU A 1 131 ? 10.761  -10.655 3.490   1.00 31.78  ? 131 GLU A CA  1 
ATOM   494  C C   . GLU A 1 131 ? 12.179  -10.608 4.065   1.00 36.37  ? 131 GLU A C   1 
ATOM   495  O O   . GLU A 1 131 ? 12.359  -10.869 5.261   1.00 36.05  ? 131 GLU A O   1 
ATOM   496  C CB  . GLU A 1 131 ? 10.544  -11.962 2.737   1.00 33.71  ? 131 GLU A CB  1 
ATOM   497  C CG  . GLU A 1 131 ? 9.047   -12.239 2.616   1.00 46.29  ? 131 GLU A CG  1 
ATOM   498  C CD  . GLU A 1 131 ? 8.676   -13.166 1.477   1.00 55.21  ? 131 GLU A CD  1 
ATOM   499  O OE1 . GLU A 1 131 ? 9.592   -13.776 0.861   1.00 55.11  ? 131 GLU A OE1 1 
ATOM   500  O OE2 . GLU A 1 131 ? 7.448   -13.282 1.217   1.00 51.79  ? 131 GLU A OE2 1 
ATOM   501  N N   . VAL A 1 132 ? 13.158  -10.240 3.241   1.00 32.73  ? 132 VAL A N   1 
ATOM   502  C CA  . VAL A 1 132 ? 14.515  -10.090 3.737   1.00 30.96  ? 132 VAL A CA  1 
ATOM   503  C C   . VAL A 1 132 ? 14.578  -8.973  4.787   1.00 31.21  ? 132 VAL A C   1 
ATOM   504  O O   . VAL A 1 132 ? 15.221  -9.123  5.840   1.00 32.24  ? 132 VAL A O   1 
ATOM   505  C CB  . VAL A 1 132 ? 15.482  -9.702  2.605   1.00 37.24  ? 132 VAL A CB  1 
ATOM   506  C CG1 . VAL A 1 132 ? 16.878  -9.432  3.155   1.00 32.88  ? 132 VAL A CG1 1 
ATOM   507  C CG2 . VAL A 1 132 ? 15.508  -10.767 1.471   1.00 28.59  ? 132 VAL A CG2 1 
ATOM   508  N N   . ILE A 1 133 ? 13.971  -7.840  4.479   1.00 26.36  ? 133 ILE A N   1 
ATOM   509  C CA  . ILE A 1 133 ? 13.950  -6.700  5.348   1.00 30.88  ? 133 ILE A CA  1 
ATOM   510  C C   . ILE A 1 133 ? 13.412  -7.015  6.742   1.00 31.23  ? 133 ILE A C   1 
ATOM   511  O O   . ILE A 1 133 ? 13.992  -6.617  7.767   1.00 33.40  ? 133 ILE A O   1 
ATOM   512  C CB  . ILE A 1 133 ? 13.107  -5.534  4.708   1.00 31.95  ? 133 ILE A CB  1 
ATOM   513  C CG1 . ILE A 1 133 ? 13.945  -4.843  3.621   1.00 27.02  ? 133 ILE A CG1 1 
ATOM   514  C CG2 . ILE A 1 133 ? 12.721  -4.497  5.742   1.00 31.86  ? 133 ILE A CG2 1 
ATOM   515  C CD1 . ILE A 1 133 ? 13.118  -3.991  2.720   1.00 26.97  ? 133 ILE A CD1 1 
ATOM   516  N N   . GLN A 1 134 ? 12.314  -7.739  6.789   1.00 30.16  ? 134 GLN A N   1 
ATOM   517  C CA  . GLN A 1 134 ? 11.702  -8.066  8.073   1.00 34.32  ? 134 GLN A CA  1 
ATOM   518  C C   . GLN A 1 134 ? 12.640  -8.821  8.967   1.00 34.35  ? 134 GLN A C   1 
ATOM   519  O O   . GLN A 1 134 ? 12.479  -8.754  10.176  1.00 33.15  ? 134 GLN A O   1 
ATOM   520  C CB  . GLN A 1 134 ? 10.467  -8.935  7.886   1.00 30.75  ? 134 GLN A CB  1 
ATOM   521  C CG  . GLN A 1 134 ? 9.255   -8.141  7.535   1.00 33.77  ? 134 GLN A CG  1 
ATOM   522  C CD  . GLN A 1 134 ? 8.137   -9.069  7.085   1.00 44.05  ? 134 GLN A CD  1 
ATOM   523  O OE1 . GLN A 1 134 ? 8.131   -9.585  5.952   1.00 45.53  ? 134 GLN A OE1 1 
ATOM   524  N NE2 . GLN A 1 134 ? 7.218   -9.298  7.958   1.00 39.65  ? 134 GLN A NE2 1 
ATOM   525  N N   . LYS A 1 135 ? 13.625  -9.498  8.376   1.00 36.98  ? 135 LYS A N   1 
ATOM   526  C CA  . LYS A 1 135 ? 14.581  -10.314 9.158   1.00 36.44  ? 135 LYS A CA  1 
ATOM   527  C C   . LYS A 1 135 ? 15.770  -9.531  9.661   1.00 36.21  ? 135 LYS A C   1 
ATOM   528  O O   . LYS A 1 135 ? 16.595  -10.075 10.355  1.00 37.91  ? 135 LYS A O   1 
ATOM   529  C CB  . LYS A 1 135 ? 15.083  -11.490 8.292   1.00 38.77  ? 135 LYS A CB  1 
ATOM   530  C CG  . LYS A 1 135 ? 14.050  -12.623 8.165   1.00 42.74  ? 135 LYS A CG  1 
ATOM   531  C CD  . LYS A 1 135 ? 14.526  -13.584 7.076   1.00 47.96  ? 135 LYS A CD  1 
ATOM   532  C CE  . LYS A 1 135 ? 13.425  -14.556 6.663   1.00 55.98  ? 135 LYS A CE  1 
ATOM   533  N NZ  . LYS A 1 135 ? 13.842  -15.289 5.425   1.00 70.53  ? 135 LYS A NZ  1 
ATOM   534  N N   . GLN A 1 136 ? 15.896  -8.278  9.248   1.00 33.37  ? 136 GLN A N   1 
ATOM   535  C CA  . GLN A 1 136 ? 17.082  -7.469  9.570   1.00 29.76  ? 136 GLN A CA  1 
ATOM   536  C C   . GLN A 1 136 ? 17.058  -6.986  11.052  1.00 34.99  ? 136 GLN A C   1 
ATOM   537  O O   . GLN A 1 136 ? 15.985  -6.832  11.662  1.00 32.15  ? 136 GLN A O   1 
ATOM   538  C CB  . GLN A 1 136 ? 17.181  -6.287  8.622   1.00 30.00  ? 136 GLN A CB  1 
ATOM   539  C CG  . GLN A 1 136 ? 17.351  -6.696  7.159   1.00 32.70  ? 136 GLN A CG  1 
ATOM   540  C CD  . GLN A 1 136 ? 18.532  -7.660  6.985   1.00 34.72  ? 136 GLN A CD  1 
ATOM   541  O OE1 . GLN A 1 136 ? 19.686  -7.322  7.286   1.00 31.46  ? 136 GLN A OE1 1 
ATOM   542  N NE2 . GLN A 1 136 ? 18.239  -8.861  6.519   1.00 31.92  ? 136 GLN A NE2 1 
ATOM   543  N N   . GLU A 1 137 ? 18.251  -6.792  11.616  1.00 33.53  ? 137 GLU A N   1 
ATOM   544  C CA  . GLU A 1 137 ? 18.436  -6.405  13.039  1.00 32.94  ? 137 GLU A CA  1 
ATOM   545  C C   . GLU A 1 137 ? 17.846  -5.029  13.305  1.00 33.00  ? 137 GLU A C   1 
ATOM   546  O O   . GLU A 1 137 ? 17.454  -4.736  14.404  1.00 33.40  ? 137 GLU A O   1 
ATOM   547  C CB  . GLU A 1 137 ? 19.950  -6.289  13.296  1.00 40.11  ? 137 GLU A CB  1 
ATOM   548  C CG  . GLU A 1 137 ? 20.702  -7.527  13.719  1.00 51.59  ? 137 GLU A CG  1 
ATOM   549  C CD  . GLU A 1 137 ? 22.111  -7.161  14.270  1.00 71.41  ? 137 GLU A CD  1 
ATOM   550  O OE1 . GLU A 1 137 ? 22.233  -6.371  15.239  1.00 82.63  ? 137 GLU A OE1 1 
ATOM   551  O OE2 . GLU A 1 137 ? 23.124  -7.632  13.719  1.00 69.59  ? 137 GLU A OE2 1 
ATOM   552  N N   . TRP A 1 138 ? 17.812  -4.173  12.287  1.00 27.71  ? 138 TRP A N   1 
ATOM   553  C CA  . TRP A 1 138 ? 17.301  -2.818  12.416  1.00 29.59  ? 138 TRP A CA  1 
ATOM   554  C C   . TRP A 1 138 ? 15.806  -2.701  12.186  1.00 30.81  ? 138 TRP A C   1 
ATOM   555  O O   . TRP A 1 138 ? 15.248  -1.627  12.255  1.00 27.68  ? 138 TRP A O   1 
ATOM   556  C CB  . TRP A 1 138 ? 18.086  -1.904  11.481  1.00 31.33  ? 138 TRP A CB  1 
ATOM   557  C CG  . TRP A 1 138 ? 18.185  -2.428  10.045  1.00 35.99  ? 138 TRP A CG  1 
ATOM   558  C CD1 . TRP A 1 138 ? 19.285  -3.035  9.428   1.00 30.84  ? 138 TRP A CD1 1 
ATOM   559  C CD2 . TRP A 1 138 ? 17.161  -2.349  9.006   1.00 30.58  ? 138 TRP A CD2 1 
ATOM   560  N NE1 . TRP A 1 138 ? 18.995  -3.324  8.123   1.00 29.48  ? 138 TRP A NE1 1 
ATOM   561  C CE2 . TRP A 1 138 ? 17.744  -2.943  7.816   1.00 28.04  ? 138 TRP A CE2 1 
ATOM   562  C CE3 . TRP A 1 138 ? 15.836  -1.854  8.954   1.00 29.18  ? 138 TRP A CE3 1 
ATOM   563  C CZ2 . TRP A 1 138 ? 17.029  -3.033  6.620   1.00 33.39  ? 138 TRP A CZ2 1 
ATOM   564  C CZ3 . TRP A 1 138 ? 15.130  -1.955  7.739   1.00 31.46  ? 138 TRP A CZ3 1 
ATOM   565  C CH2 . TRP A 1 138 ? 15.725  -2.506  6.593   1.00 26.59  ? 138 TRP A CH2 1 
ATOM   566  N N   . TYR A 1 139 ? 15.129  -3.819  11.913  1.00 27.58  ? 139 TYR A N   1 
ATOM   567  C CA  . TYR A 1 139 ? 13.764  -3.716  11.366  1.00 33.97  ? 139 TYR A CA  1 
ATOM   568  C C   . TYR A 1 139 ? 12.752  -3.285  12.440  1.00 37.15  ? 139 TYR A C   1 
ATOM   569  O O   . TYR A 1 139 ? 12.779  -3.795  13.550  1.00 30.22  ? 139 TYR A O   1 
ATOM   570  C CB  . TYR A 1 139 ? 13.309  -5.047  10.764  1.00 30.64  ? 139 TYR A CB  1 
ATOM   571  C CG  . TYR A 1 139 ? 11.874  -5.037  10.314  1.00 32.17  ? 139 TYR A CG  1 
ATOM   572  C CD1 . TYR A 1 139 ? 11.482  -4.339  9.152   1.00 32.33  ? 139 TYR A CD1 1 
ATOM   573  C CD2 . TYR A 1 139 ? 10.890  -5.708  11.046  1.00 31.27  ? 139 TYR A CD2 1 
ATOM   574  C CE1 . TYR A 1 139 ? 10.148  -4.298  8.732   1.00 32.52  ? 139 TYR A CE1 1 
ATOM   575  C CE2 . TYR A 1 139 ? 9.554   -5.682  10.610  1.00 31.02  ? 139 TYR A CE2 1 
ATOM   576  C CZ  . TYR A 1 139 ? 9.202   -4.986  9.466   1.00 34.19  ? 139 TYR A CZ  1 
ATOM   577  O OH  . TYR A 1 139 ? 7.878   -4.974  9.061   1.00 36.97  ? 139 TYR A OH  1 
ATOM   578  N N   . GLN A 1 140 ? 11.901  -2.323  12.083  1.00 35.19  ? 140 GLN A N   1 
ATOM   579  C CA  . GLN A 1 140 ? 10.735  -1.990  12.875  1.00 34.93  ? 140 GLN A CA  1 
ATOM   580  C C   . GLN A 1 140 ? 9.577   -1.689  11.912  1.00 33.49  ? 140 GLN A C   1 
ATOM   581  O O   . GLN A 1 140 ? 9.720   -0.878  11.012  1.00 35.55  ? 140 GLN A O   1 
ATOM   582  C CB  . GLN A 1 140 ? 11.033  -0.799  13.793  1.00 33.72  ? 140 GLN A CB  1 
ATOM   583  C CG  . GLN A 1 140 ? 9.901   -0.359  14.731  1.00 36.08  ? 140 GLN A CG  1 
ATOM   584  C CD  . GLN A 1 140 ? 9.649   -1.378  15.843  1.00 39.20  ? 140 GLN A CD  1 
ATOM   585  O OE1 . GLN A 1 140 ? 10.519  -2.153  16.207  1.00 35.35  ? 140 GLN A OE1 1 
ATOM   586  N NE2 . GLN A 1 140 ? 8.434   -1.402  16.356  1.00 37.27  ? 140 GLN A NE2 1 
ATOM   587  N N   . PRO A 1 141 ? 8.439   -2.364  12.090  1.00 34.79  ? 141 PRO A N   1 
ATOM   588  C CA  . PRO A 1 141 ? 7.238   -2.196  11.221  1.00 31.45  ? 141 PRO A CA  1 
ATOM   589  C C   . PRO A 1 141 ? 6.935   -0.710  11.032  1.00 32.70  ? 141 PRO A C   1 
ATOM   590  O O   . PRO A 1 141 ? 6.947   0.054   11.988  1.00 31.41  ? 141 PRO A O   1 
ATOM   591  C CB  . PRO A 1 141 ? 6.118   -2.844  12.059  1.00 35.20  ? 141 PRO A CB  1 
ATOM   592  C CG  . PRO A 1 141 ? 6.845   -3.937  12.848  1.00 37.35  ? 141 PRO A CG  1 
ATOM   593  C CD  . PRO A 1 141 ? 8.226   -3.366  13.164  1.00 32.30  ? 141 PRO A CD  1 
ATOM   594  N N   . ASP A 1 142 ? 6.682   -0.309  9.813   1.00 32.88  ? 142 ASP A N   1 
ATOM   595  C CA  . ASP A 1 142 ? 6.512   1.088   9.463   1.00 31.91  ? 142 ASP A CA  1 
ATOM   596  C C   . ASP A 1 142 ? 5.338   1.178   8.495   1.00 33.92  ? 142 ASP A C   1 
ATOM   597  O O   . ASP A 1 142 ? 5.303   0.469   7.452   1.00 35.32  ? 142 ASP A O   1 
ATOM   598  C CB  . ASP A 1 142 ? 7.772   1.581   8.797   1.00 35.16  ? 142 ASP A CB  1 
ATOM   599  C CG  . ASP A 1 142 ? 7.704   3.069   8.444   1.00 47.07  ? 142 ASP A CG  1 
ATOM   600  O OD1 . ASP A 1 142 ? 6.605   3.664   8.446   1.00 58.83  ? 142 ASP A OD1 1 
ATOM   601  O OD2 . ASP A 1 142 ? 8.755   3.655   8.158   1.00 55.98  ? 142 ASP A OD2 1 
ATOM   602  N N   . VAL A 1 143 ? 4.388   2.046   8.800   1.00 32.26  ? 143 VAL A N   1 
ATOM   603  C CA  . VAL A 1 143 ? 3.215   2.198   7.933   1.00 32.69  ? 143 VAL A CA  1 
ATOM   604  C C   . VAL A 1 143 ? 3.608   2.539   6.491   1.00 32.67  ? 143 VAL A C   1 
ATOM   605  O O   . VAL A 1 143 ? 3.013   2.010   5.559   1.00 35.59  ? 143 VAL A O   1 
ATOM   606  C CB  . VAL A 1 143 ? 2.248   3.282   8.413   1.00 30.66  ? 143 VAL A CB  1 
ATOM   607  C CG1 . VAL A 1 143 ? 1.001   3.195   7.564   1.00 35.07  ? 143 VAL A CG1 1 
ATOM   608  C CG2 . VAL A 1 143 ? 1.840   3.026   9.842   1.00 44.63  ? 143 VAL A CG2 1 
ATOM   609  N N   . PHE A 1 144 ? 4.599   3.426   6.302   1.00 33.99  ? 144 PHE A N   1 
ATOM   610  C CA  . PHE A 1 144 ? 4.937   3.848   4.959   1.00 33.64  ? 144 PHE A CA  1 
ATOM   611  C C   . PHE A 1 144 ? 5.564   2.705   4.151   1.00 35.81  ? 144 PHE A C   1 
ATOM   612  O O   . PHE A 1 144 ? 5.365   2.588   2.949   1.00 33.92  ? 144 PHE A O   1 
ATOM   613  C CB  . PHE A 1 144 ? 5.843   5.080   4.952   1.00 39.14  ? 144 PHE A CB  1 
ATOM   614  C CG  . PHE A 1 144 ? 5.099   6.373   5.241   1.00 47.20  ? 144 PHE A CG  1 
ATOM   615  C CD1 . PHE A 1 144 ? 4.114   6.844   4.365   1.00 45.35  ? 144 PHE A CD1 1 
ATOM   616  C CD2 . PHE A 1 144 ? 5.336   7.089   6.408   1.00 52.35  ? 144 PHE A CD2 1 
ATOM   617  C CE1 . PHE A 1 144 ? 3.431   8.024   4.631   1.00 52.52  ? 144 PHE A CE1 1 
ATOM   618  C CE2 . PHE A 1 144 ? 4.656   8.283   6.672   1.00 58.85  ? 144 PHE A CE2 1 
ATOM   619  C CZ  . PHE A 1 144 ? 3.697   8.753   5.777   1.00 52.88  ? 144 PHE A CZ  1 
ATOM   620  N N   . MET A 1 145 ? 6.300   1.849   4.823   1.00 31.00  ? 145 MET A N   1 
ATOM   621  C CA  . MET A 1 145 ? 6.880   0.709   4.135   1.00 35.83  ? 145 MET A CA  1 
ATOM   622  C C   . MET A 1 145 ? 5.739   -0.212  3.629   1.00 38.32  ? 145 MET A C   1 
ATOM   623  O O   . MET A 1 145 ? 5.765   -0.705  2.517   1.00 37.38  ? 145 MET A O   1 
ATOM   624  C CB  . MET A 1 145 ? 7.850   -0.018  5.067   1.00 33.18  ? 145 MET A CB  1 
ATOM   625  C CG  . MET A 1 145 ? 8.683   -1.084  4.342   1.00 48.27  ? 145 MET A CG  1 
ATOM   626  S SD  . MET A 1 145 ? 9.673   -2.109  5.449   1.00 49.36  ? 145 MET A SD  1 
ATOM   627  C CE  . MET A 1 145 ? 10.507  -0.884  6.486   1.00 51.28  ? 145 MET A CE  1 
ATOM   628  N N   . TYR A 1 146 ? 4.745   -0.453  4.474   1.00 33.18  ? 146 TYR A N   1 
ATOM   629  C CA  . TYR A 1 146 ? 3.547   -1.169  4.080   1.00 33.94  ? 146 TYR A CA  1 
ATOM   630  C C   . TYR A 1 146 ? 2.742   -0.443  3.035   1.00 34.49  ? 146 TYR A C   1 
ATOM   631  O O   . TYR A 1 146 ? 2.302   -1.061  2.067   1.00 34.17  ? 146 TYR A O   1 
ATOM   632  C CB  . TYR A 1 146 ? 2.628   -1.390  5.276   1.00 35.81  ? 146 TYR A CB  1 
ATOM   633  C CG  . TYR A 1 146 ? 3.029   -2.567  6.093   1.00 31.98  ? 146 TYR A CG  1 
ATOM   634  C CD1 . TYR A 1 146 ? 2.730   -3.862  5.669   1.00 31.44  ? 146 TYR A CD1 1 
ATOM   635  C CD2 . TYR A 1 146 ? 3.662   -2.403  7.344   1.00 31.42  ? 146 TYR A CD2 1 
ATOM   636  C CE1 . TYR A 1 146 ? 3.080   -4.963  6.425   1.00 27.78  ? 146 TYR A CE1 1 
ATOM   637  C CE2 . TYR A 1 146 ? 4.006   -3.520  8.098   1.00 31.48  ? 146 TYR A CE2 1 
ATOM   638  C CZ  . TYR A 1 146 ? 3.722   -4.770  7.646   1.00 31.95  ? 146 TYR A CZ  1 
ATOM   639  O OH  . TYR A 1 146 ? 4.074   -5.887  8.398   1.00 36.32  ? 146 TYR A OH  1 
ATOM   640  N N   . LYS A 1 147 ? 2.584   0.871   3.197   1.00 30.18  ? 147 LYS A N   1 
ATOM   641  C CA  . LYS A 1 147 ? 1.828   1.619   2.221   1.00 33.73  ? 147 LYS A CA  1 
ATOM   642  C C   . LYS A 1 147 ? 2.472   1.442   0.795   1.00 34.30  ? 147 LYS A C   1 
ATOM   643  O O   . LYS A 1 147 ? 1.799   1.125   -0.197  1.00 31.47  ? 147 LYS A O   1 
ATOM   644  C CB  . LYS A 1 147 ? 1.797   3.104   2.568   1.00 31.12  ? 147 LYS A CB  1 
ATOM   645  C CG  . LYS A 1 147 ? 1.106   3.956   1.517   1.00 36.81  ? 147 LYS A CG  1 
ATOM   646  C CD  . LYS A 1 147 ? 1.640   5.380   1.476   1.00 38.15  ? 147 LYS A CD  1 
ATOM   647  C CE  . LYS A 1 147 ? 0.792   6.238   0.525   1.00 47.31  ? 147 LYS A CE  1 
ATOM   648  N NZ  . LYS A 1 147 ? 1.402   7.592   0.328   1.00 56.74  ? 147 LYS A NZ  1 
ATOM   649  N N   . ASP A 1 148 ? 3.771   1.672   0.701   1.00 33.56  ? 148 ASP A N   1 
ATOM   650  C CA  . ASP A 1 148 ? 4.437   1.596   -0.574  1.00 30.67  ? 148 ASP A CA  1 
ATOM   651  C C   . ASP A 1 148 ? 4.271   0.270   -1.271  1.00 34.60  ? 148 ASP A C   1 
ATOM   652  O O   . ASP A 1 148 ? 4.089   0.224   -2.479  1.00 33.07  ? 148 ASP A O   1 
ATOM   653  C CB  . ASP A 1 148 ? 5.924   1.975   -0.409  1.00 36.60  ? 148 ASP A CB  1 
ATOM   654  C CG  . ASP A 1 148 ? 6.105   3.437   -0.038  1.00 46.04  ? 148 ASP A CG  1 
ATOM   655  O OD1 . ASP A 1 148 ? 5.217   4.242   -0.423  1.00 42.98  ? 148 ASP A OD1 1 
ATOM   656  O OD2 . ASP A 1 148 ? 7.126   3.779   0.617   1.00 52.98  ? 148 ASP A OD2 1 
ATOM   657  N N   . LEU A 1 149 ? 4.345   -0.816  -0.517  1.00 26.80  ? 149 LEU A N   1 
ATOM   658  C CA  . LEU A 1 149 ? 4.230   -2.124  -1.109  1.00 30.64  ? 149 LEU A CA  1 
ATOM   659  C C   . LEU A 1 149 ? 2.811   -2.401  -1.559  1.00 32.60  ? 149 LEU A C   1 
ATOM   660  O O   . LEU A 1 149 ? 2.571   -2.764  -2.698  1.00 31.44  ? 149 LEU A O   1 
ATOM   661  C CB  . LEU A 1 149 ? 4.692   -3.184  -0.100  1.00 28.91  ? 149 LEU A CB  1 
ATOM   662  C CG  . LEU A 1 149 ? 4.803   -4.605  -0.613  1.00 36.68  ? 149 LEU A CG  1 
ATOM   663  C CD1 . LEU A 1 149 ? 5.300   -4.720  -2.064  1.00 34.01  ? 149 LEU A CD1 1 
ATOM   664  C CD2 . LEU A 1 149 ? 5.616   -5.467  0.354   1.00 34.20  ? 149 LEU A CD2 1 
ATOM   665  N N   . ILE A 1 150 ? 1.849   -2.164  -0.664  1.00 33.50  ? 150 ILE A N   1 
ATOM   666  C CA  . ILE A 1 150 ? 0.414   -2.325  -0.995  1.00 32.43  ? 150 ILE A CA  1 
ATOM   667  C C   . ILE A 1 150 ? 0.032   -1.534  -2.246  1.00 30.32  ? 150 ILE A C   1 
ATOM   668  O O   . ILE A 1 150 ? -0.621  -2.046  -3.115  1.00 30.48  ? 150 ILE A O   1 
ATOM   669  C CB  . ILE A 1 150 ? -0.423  -1.857  0.205   1.00 30.16  ? 150 ILE A CB  1 
ATOM   670  C CG1 . ILE A 1 150 ? -0.143  -2.812  1.396   1.00 32.89  ? 150 ILE A CG1 1 
ATOM   671  C CG2 . ILE A 1 150 ? -1.925  -1.668  -0.180  1.00 25.25  ? 150 ILE A CG2 1 
ATOM   672  C CD1 . ILE A 1 150 ? -0.619  -2.327  2.753   1.00 30.93  ? 150 ILE A CD1 1 
ATOM   673  N N   . VAL A 1 151 ? 0.462   -0.275  -2.340  1.00 28.30  ? 151 VAL A N   1 
ATOM   674  C CA  . VAL A 1 151 ? 0.116   0.552   -3.459  1.00 29.88  ? 151 VAL A CA  1 
ATOM   675  C C   . VAL A 1 151 ? 0.739   0.017   -4.743  1.00 37.82  ? 151 VAL A C   1 
ATOM   676  O O   . VAL A 1 151 ? 0.092   0.038   -5.819  1.00 33.51  ? 151 VAL A O   1 
ATOM   677  C CB  . VAL A 1 151 ? 0.502   2.022   -3.196  1.00 33.04  ? 151 VAL A CB  1 
ATOM   678  C CG1 . VAL A 1 151 ? 0.391   2.890   -4.442  1.00 38.08  ? 151 VAL A CG1 1 
ATOM   679  C CG2 . VAL A 1 151 ? -0.367  2.598   -2.035  1.00 33.92  ? 151 VAL A CG2 1 
ATOM   680  N N   . SER A 1 152 ? 1.944   -0.505  -4.644  1.00 29.15  ? 152 SER A N   1 
ATOM   681  C CA  . SER A 1 152 ? 2.583   -1.128  -5.786  1.00 33.77  ? 152 SER A CA  1 
ATOM   682  C C   . SER A 1 152 ? 1.855   -2.368  -6.218  1.00 34.68  ? 152 SER A C   1 
ATOM   683  O O   . SER A 1 152 ? 1.650   -2.569  -7.433  1.00 32.52  ? 152 SER A O   1 
ATOM   684  C CB  . SER A 1 152 ? 4.060   -1.469  -5.496  1.00 32.10  ? 152 SER A CB  1 
ATOM   685  O OG  . SER A 1 152 ? 4.686   -1.864  -6.696  1.00 35.13  ? 152 SER A OG  1 
ATOM   686  N N   . LEU A 1 153 ? 1.467   -3.216  -5.250  1.00 31.90  ? 153 LEU A N   1 
ATOM   687  C CA  . LEU A 1 153 ? 0.674   -4.402  -5.549  1.00 31.87  ? 153 LEU A CA  1 
ATOM   688  C C   . LEU A 1 153 ? -0.665  -4.046  -6.234  1.00 33.61  ? 153 LEU A C   1 
ATOM   689  O O   . LEU A 1 153 ? -1.011  -4.614  -7.250  1.00 34.87  ? 153 LEU A O   1 
ATOM   690  C CB  . LEU A 1 153 ? 0.444   -5.248  -4.286  1.00 29.29  ? 153 LEU A CB  1 
ATOM   691  C CG  . LEU A 1 153 ? 1.719   -6.000  -3.843  1.00 36.19  ? 153 LEU A CG  1 
ATOM   692  C CD1 . LEU A 1 153 ? 1.598   -6.529  -2.412  1.00 31.10  ? 153 LEU A CD1 1 
ATOM   693  C CD2 . LEU A 1 153 ? 1.987   -7.159  -4.781  1.00 36.19  ? 153 LEU A CD2 1 
ATOM   694  N N   . ALA A 1 154 ? -1.411  -3.093  -5.686  1.00 34.58  ? 154 ALA A N   1 
ATOM   695  C CA  . ALA A 1 154 ? -2.683  -2.698  -6.332  1.00 36.73  ? 154 ALA A CA  1 
ATOM   696  C C   . ALA A 1 154 ? -2.463  -2.240  -7.783  1.00 35.34  ? 154 ALA A C   1 
ATOM   697  O O   . ALA A 1 154 ? -3.246  -2.545  -8.695  1.00 36.51  ? 154 ALA A O   1 
ATOM   698  C CB  . ALA A 1 154 ? -3.428  -1.653  -5.486  1.00 28.91  ? 154 ALA A CB  1 
ATOM   699  N N   . LYS A 1 155 ? -1.393  -1.483  -8.020  1.00 38.95  ? 155 LYS A N   1 
ATOM   700  C CA  . LYS A 1 155 ? -1.078  -0.994  -9.355  1.00 40.07  ? 155 LYS A CA  1 
ATOM   701  C C   . LYS A 1 155 ? -0.720  -2.129  -10.348 1.00 41.46  ? 155 LYS A C   1 
ATOM   702  O O   . LYS A 1 155 ? -0.749  -1.922  -11.567 1.00 39.19  ? 155 LYS A O   1 
ATOM   703  C CB  . LYS A 1 155 ? 0.057   0.026   -9.280  1.00 37.68  ? 155 LYS A CB  1 
ATOM   704  C CG  . LYS A 1 155 ? -0.438  1.465   -9.202  1.00 37.93  ? 155 LYS A CG  1 
ATOM   705  C CD  . LYS A 1 155 ? 0.627   2.339   -8.586  1.00 38.34  ? 155 LYS A CD  1 
ATOM   706  C CE  . LYS A 1 155 ? 0.122   3.782   -8.425  1.00 45.51  ? 155 LYS A CE  1 
ATOM   707  N NZ  . LYS A 1 155 ? 1.210   4.615   -7.843  1.00 44.67  ? 155 LYS A NZ  1 
ATOM   708  N N   . SER A 1 156 ? -0.408  -3.294  -9.808  1.00 36.68  ? 156 SER A N   1 
ATOM   709  C CA  . SER A 1 156 ? -0.023  -4.488  -10.553 1.00 37.40  ? 156 SER A CA  1 
ATOM   710  C C   . SER A 1 156 ? -1.149  -5.503  -10.574 1.00 34.90  ? 156 SER A C   1 
ATOM   711  O O   . SER A 1 156 ? -0.958  -6.625  -10.979 1.00 35.36  ? 156 SER A O   1 
ATOM   712  C CB  . SER A 1 156 ? 1.188   -5.190  -9.869  1.00 39.21  ? 156 SER A CB  1 
ATOM   713  O OG  . SER A 1 156 ? 2.351   -4.402  -9.938  1.00 46.45  ? 156 SER A OG  1 
ATOM   714  N N   . LYS A 1 157 ? -2.326  -5.082  -10.124 1.00 34.81  ? 157 LYS A N   1 
ATOM   715  C CA  . LYS A 1 157 ? -3.504  -5.951  -10.026 1.00 38.68  ? 157 LYS A CA  1 
ATOM   716  C C   . LYS A 1 157 ? -3.294  -7.185  -9.194  1.00 38.31  ? 157 LYS A C   1 
ATOM   717  O O   . LYS A 1 157 ? -3.825  -8.253  -9.501  1.00 38.63  ? 157 LYS A O   1 
ATOM   718  C CB  . LYS A 1 157 ? -4.027  -6.298  -11.418 1.00 39.72  ? 157 LYS A CB  1 
ATOM   719  C CG  . LYS A 1 157 ? -4.936  -5.217  -11.979 1.00 49.50  ? 157 LYS A CG  1 
ATOM   720  C CD  . LYS A 1 157 ? -5.266  -5.471  -13.466 1.00 58.10  ? 157 LYS A CD  1 
ATOM   721  C CE  . LYS A 1 157 ? -6.759  -5.246  -13.730 1.00 70.43  ? 157 LYS A CE  1 
ATOM   722  N NZ  . LYS A 1 157 ? -7.325  -3.964  -13.178 1.00 61.28  ? 157 LYS A NZ  1 
ATOM   723  N N   . ARG A 1 158 ? -2.514  -7.068  -8.117  1.00 36.67  ? 158 ARG A N   1 
ATOM   724  C CA  . ARG A 1 158 ? -2.400  -8.196  -7.186  1.00 39.93  ? 158 ARG A CA  1 
ATOM   725  C C   . ARG A 1 158 ? -3.183  -7.633  -5.973  1.00 41.34  ? 158 ARG A C   1 
ATOM   726  O O   . ARG A 1 158 ? -2.597  -7.111  -5.025  1.00 34.63  ? 158 ARG A O   1 
ATOM   727  C CB  . ARG A 1 158 ? -0.945  -8.506  -6.834  1.00 38.68  ? 158 ARG A CB  1 
ATOM   728  C CG  . ARG A 1 158 ? 0.011   -8.396  -8.027  1.00 46.77  ? 158 ARG A CG  1 
ATOM   729  C CD  . ARG A 1 158 ? 0.586   -9.729  -8.441  1.00 52.61  ? 158 ARG A CD  1 
ATOM   730  N NE  . ARG A 1 158 ? 1.008   -10.565 -7.302  1.00 60.92  ? 158 ARG A NE  1 
ATOM   731  C CZ  . ARG A 1 158 ? 2.251   -10.680 -6.804  1.00 61.32  ? 158 ARG A CZ  1 
ATOM   732  N NH1 . ARG A 1 158 ? 3.276   -10.031 -7.315  1.00 45.25  ? 158 ARG A NH1 1 
ATOM   733  N NH2 . ARG A 1 158 ? 2.468   -11.471 -5.764  1.00 71.25  ? 158 ARG A NH2 1 
ATOM   734  N N   . MET A 1 159 ? -4.501  -7.748  -6.043  1.00 35.64  ? 159 MET A N   1 
ATOM   735  C CA  . MET A 1 159 ? -5.418  -7.196  -5.039  1.00 39.09  ? 159 MET A CA  1 
ATOM   736  C C   . MET A 1 159 ? -5.408  -8.040  -3.781  1.00 40.70  ? 159 MET A C   1 
ATOM   737  O O   . MET A 1 159 ? -5.384  -7.463  -2.670  1.00 37.96  ? 159 MET A O   1 
ATOM   738  C CB  . MET A 1 159 ? -6.832  -7.058  -5.560  1.00 34.35  ? 159 MET A CB  1 
ATOM   739  C CG  . MET A 1 159 ? -7.052  -5.876  -6.499  1.00 47.11  ? 159 MET A CG  1 
ATOM   740  S SD  . MET A 1 159 ? -6.605  -6.318  -8.239  1.00 67.18  ? 159 MET A SD  1 
ATOM   741  C CE  . MET A 1 159 ? -7.984  -7.373  -8.742  1.00 46.75  ? 159 MET A CE  1 
ATOM   742  N N   . ASP A 1 160 ? -5.406  -9.365  -3.950  1.00 34.04  ? 160 ASP A N   1 
ATOM   743  C CA  . ASP A 1 160 ? -5.427  -10.255 -2.801  1.00 38.14  ? 160 ASP A CA  1 
ATOM   744  C C   . ASP A 1 160 ? -4.160  -10.104 -2.001  1.00 37.86  ? 160 ASP A C   1 
ATOM   745  O O   . ASP A 1 160 ? -4.230  -10.079 -0.756  1.00 37.24  ? 160 ASP A O   1 
ATOM   746  C CB  . ASP A 1 160 ? -5.537  -11.733 -3.180  1.00 38.64  ? 160 ASP A CB  1 
ATOM   747  C CG  . ASP A 1 160 ? -6.831  -12.079 -3.826  1.00 47.63  ? 160 ASP A CG  1 
ATOM   748  O OD1 . ASP A 1 160 ? -7.838  -11.327 -3.679  1.00 45.51  ? 160 ASP A OD1 1 
ATOM   749  O OD2 . ASP A 1 160 ? -6.829  -13.121 -4.517  1.00 58.49  ? 160 ASP A OD2 1 
ATOM   750  N N   . GLU A 1 161 ? -3.013  -10.026 -2.676  1.00 32.32  ? 161 GLU A N   1 
ATOM   751  C CA  . GLU A 1 161 ? -1.764  -9.834  -1.970  1.00 38.20  ? 161 GLU A CA  1 
ATOM   752  C C   . GLU A 1 161 ? -1.787  -8.485  -1.256  1.00 33.59  ? 161 GLU A C   1 
ATOM   753  O O   . GLU A 1 161 ? -1.448  -8.405  -0.093  1.00 31.81  ? 161 GLU A O   1 
ATOM   754  C CB  . GLU A 1 161 ? -0.552  -9.912  -2.899  1.00 44.12  ? 161 GLU A CB  1 
ATOM   755  C CG  . GLU A 1 161 ? -0.180  -11.305 -3.339  1.00 50.23  ? 161 GLU A CG  1 
ATOM   756  C CD  . GLU A 1 161 ? -0.998  -11.788 -4.534  1.00 62.89  ? 161 GLU A CD  1 
ATOM   757  O OE1 . GLU A 1 161 ? -2.029  -11.121 -4.912  1.00 53.70  ? 161 GLU A OE1 1 
ATOM   758  O OE2 . GLU A 1 161 ? -0.600  -12.861 -5.093  1.00 62.33  ? 161 GLU A OE2 1 
ATOM   759  N N   . ALA A 1 162 ? -2.237  -7.441  -1.944  1.00 32.37  ? 162 ALA A N   1 
ATOM   760  C CA  . ALA A 1 162 ? -2.360  -6.115  -1.339  1.00 26.90  ? 162 ALA A CA  1 
ATOM   761  C C   . ALA A 1 162 ? -3.252  -6.132  -0.088  1.00 34.17  ? 162 ALA A C   1 
ATOM   762  O O   . ALA A 1 162 ? -2.849  -5.606  0.973   1.00 30.88  ? 162 ALA A O   1 
ATOM   763  C CB  . ALA A 1 162 ? -2.903  -5.115  -2.362  1.00 31.76  ? 162 ALA A CB  1 
ATOM   764  N N   . MET A 1 163 ? -4.448  -6.725  -0.190  1.00 34.41  ? 163 MET A N   1 
ATOM   765  C CA  . MET A 1 163 ? -5.356  -6.746  0.967   1.00 34.05  ? 163 MET A CA  1 
ATOM   766  C C   . MET A 1 163 ? -4.685  -7.468  2.125   1.00 27.63  ? 163 MET A C   1 
ATOM   767  O O   . MET A 1 163 ? -4.770  -7.038  3.268   1.00 29.48  ? 163 MET A O   1 
ATOM   768  C CB  . MET A 1 163 ? -6.661  -7.467  0.608   1.00 35.94  ? 163 MET A CB  1 
ATOM   769  C CG  . MET A 1 163 ? -7.805  -6.509  0.405   1.00 55.46  ? 163 MET A CG  1 
ATOM   770  S SD  . MET A 1 163 ? -8.340  -5.513  1.822   1.00 43.84  ? 163 MET A SD  1 
ATOM   771  C CE  . MET A 1 163 ? -9.627  -6.611  2.437   1.00 61.84  ? 163 MET A CE  1 
ATOM   772  N N   . ALA A 1 164 ? -4.014  -8.574  1.831   1.00 32.12  ? 164 ALA A N   1 
ATOM   773  C CA  . ALA A 1 164 ? -3.366  -9.366  2.849   1.00 33.93  ? 164 ALA A CA  1 
ATOM   774  C C   . ALA A 1 164 ? -2.280  -8.595  3.581   1.00 32.79  ? 164 ALA A C   1 
ATOM   775  O O   . ALA A 1 164 ? -2.177  -8.669  4.818   1.00 35.73  ? 164 ALA A O   1 
ATOM   776  C CB  . ALA A 1 164 ? -2.796  -10.639 2.219   1.00 33.44  ? 164 ALA A CB  1 
ATOM   777  N N   . LEU A 1 165 ? -1.497  -7.818  2.852   1.00 31.38  ? 165 LEU A N   1 
ATOM   778  C CA  . LEU A 1 165 ? -0.516  -6.935  3.475   1.00 32.83  ? 165 LEU A CA  1 
ATOM   779  C C   . LEU A 1 165 ? -1.187  -5.873  4.329   1.00 32.74  ? 165 LEU A C   1 
ATOM   780  O O   . LEU A 1 165 ? -0.706  -5.549  5.423   1.00 33.78  ? 165 LEU A O   1 
ATOM   781  C CB  . LEU A 1 165 ? 0.369   -6.281  2.417   1.00 31.94  ? 165 LEU A CB  1 
ATOM   782  C CG  . LEU A 1 165 ? 1.838   -6.646  2.315   1.00 42.29  ? 165 LEU A CG  1 
ATOM   783  C CD1 . LEU A 1 165 ? 2.294   -7.566  3.432   1.00 43.13  ? 165 LEU A CD1 1 
ATOM   784  C CD2 . LEU A 1 165 ? 2.206   -7.260  0.990   1.00 36.56  ? 165 LEU A CD2 1 
ATOM   785  N N   . TRP A 1 166 ? -2.310  -5.343  3.867   1.00 29.90  ? 166 TRP A N   1 
ATOM   786  C CA  . TRP A 1 166 ? -3.061  -4.374  4.688   1.00 30.36  ? 166 TRP A CA  1 
ATOM   787  C C   . TRP A 1 166 ? -3.531  -4.968  5.991   1.00 30.69  ? 166 TRP A C   1 
ATOM   788  O O   . TRP A 1 166 ? -3.403  -4.339  7.046   1.00 31.81  ? 166 TRP A O   1 
ATOM   789  C CB  . TRP A 1 166 ? -4.240  -3.775  3.887   1.00 32.62  ? 166 TRP A CB  1 
ATOM   790  C CG  . TRP A 1 166 ? -5.055  -2.781  4.680   1.00 27.66  ? 166 TRP A CG  1 
ATOM   791  C CD1 . TRP A 1 166 ? -6.218  -3.058  5.439   1.00 30.51  ? 166 TRP A CD1 1 
ATOM   792  C CD2 . TRP A 1 166 ? -4.829  -1.365  4.828   1.00 27.93  ? 166 TRP A CD2 1 
ATOM   793  N NE1 . TRP A 1 166 ? -6.663  -1.904  6.014   1.00 32.89  ? 166 TRP A NE1 1 
ATOM   794  C CE2 . TRP A 1 166 ? -5.863  -0.871  5.714   1.00 26.29  ? 166 TRP A CE2 1 
ATOM   795  C CE3 . TRP A 1 166 ? -3.885  -0.473  4.334   1.00 28.46  ? 166 TRP A CE3 1 
ATOM   796  C CZ2 . TRP A 1 166 ? -5.951  0.476   6.070   1.00 32.21  ? 166 TRP A CZ2 1 
ATOM   797  C CZ3 . TRP A 1 166 ? -3.961  0.879   4.689   1.00 30.49  ? 166 TRP A CZ3 1 
ATOM   798  C CH2 . TRP A 1 166 ? -4.988  1.350   5.551   1.00 30.92  ? 166 TRP A CH2 1 
ATOM   799  N N   . GLU A 1 167 ? -3.983  -6.213  5.952   1.00 29.92  ? 167 GLU A N   1 
ATOM   800  C CA  . GLU A 1 167 ? -4.386  -6.899  7.207   1.00 38.67  ? 167 GLU A CA  1 
ATOM   801  C C   . GLU A 1 167 ? -3.195  -7.104  8.139   1.00 39.09  ? 167 GLU A C   1 
ATOM   802  O O   . GLU A 1 167 ? -3.282  -6.817  9.362   1.00 38.08  ? 167 GLU A O   1 
ATOM   803  C CB  . GLU A 1 167 ? -5.090  -8.224  6.903   1.00 31.27  ? 167 GLU A CB  1 
ATOM   804  C CG  . GLU A 1 167 ? -6.461  -8.072  6.265   1.00 43.51  ? 167 GLU A CG  1 
ATOM   805  C CD  . GLU A 1 167 ? -7.383  -7.203  7.129   1.00 52.53  ? 167 GLU A CD  1 
ATOM   806  O OE1 . GLU A 1 167 ? -7.445  -7.431  8.371   1.00 56.73  ? 167 GLU A OE1 1 
ATOM   807  O OE2 . GLU A 1 167 ? -8.034  -6.300  6.588   1.00 50.53  ? 167 GLU A OE2 1 
ATOM   808  N N   . LYS A 1 168 ? -2.066  -7.537  7.566   1.00 33.02  ? 168 LYS A N   1 
ATOM   809  C CA  . LYS A 1 168 ? -0.849  -7.726  8.367   1.00 32.52  ? 168 LYS A CA  1 
ATOM   810  C C   . LYS A 1 168 ? -0.418  -6.441  8.996   1.00 37.12  ? 168 LYS A C   1 
ATOM   811  O O   . LYS A 1 168 ? 0.017   -6.395  10.159  1.00 39.96  ? 168 LYS A O   1 
ATOM   812  C CB  . LYS A 1 168 ? 0.285   -8.266  7.449   1.00 38.78  ? 168 LYS A CB  1 
ATOM   813  C CG  . LYS A 1 168 ? 1.588   -8.519  8.159   1.00 40.62  ? 168 LYS A CG  1 
ATOM   814  C CD  . LYS A 1 168 ? 2.653   -8.907  7.105   1.00 44.38  ? 168 LYS A CD  1 
ATOM   815  C CE  . LYS A 1 168 ? 4.015   -9.203  7.728   1.00 45.98  ? 168 LYS A CE  1 
ATOM   816  N NZ  . LYS A 1 168 ? 3.870   -10.397 8.560   1.00 56.30  ? 168 LYS A NZ  1 
ATOM   817  N N   . MET A 1 169 ? -0.495  -5.359  8.229   1.00 31.09  ? 169 MET A N   1 
ATOM   818  C CA  . MET A 1 169 ? -0.163  -4.041  8.789   1.00 36.60  ? 169 MET A CA  1 
ATOM   819  C C   . MET A 1 169 ? -1.015  -3.695  10.032  1.00 39.81  ? 169 MET A C   1 
ATOM   820  O O   . MET A 1 169 ? -0.474  -3.247  11.065  1.00 38.72  ? 169 MET A O   1 
ATOM   821  C CB  . MET A 1 169 ? -0.348  -2.984  7.747   1.00 33.42  ? 169 MET A CB  1 
ATOM   822  C CG  . MET A 1 169 ? -0.041  -1.588  8.271   1.00 42.89  ? 169 MET A CG  1 
ATOM   823  S SD  . MET A 1 169 ? -0.821  -0.408  7.181   1.00 58.53  ? 169 MET A SD  1 
ATOM   824  C CE  . MET A 1 169 ? -2.515  -0.464  7.836   1.00 49.90  ? 169 MET A CE  1 
ATOM   825  N N   . LYS A 1 170 ? -2.321  -3.914  9.925   1.00 39.79  ? 170 LYS A N   1 
ATOM   826  C CA  . LYS A 1 170 ? -3.249  -3.613  11.042  1.00 38.51  ? 170 LYS A CA  1 
ATOM   827  C C   . LYS A 1 170 ? -2.889  -4.411  12.276  1.00 43.63  ? 170 LYS A C   1 
ATOM   828  O O   . LYS A 1 170 ? -2.958  -3.884  13.393  1.00 44.63  ? 170 LYS A O   1 
ATOM   829  C CB  . LYS A 1 170 ? -4.696  -3.938  10.663  1.00 42.05  ? 170 LYS A CB  1 
ATOM   830  C CG  . LYS A 1 170 ? -5.478  -2.805  10.055  1.00 44.53  ? 170 LYS A CG  1 
ATOM   831  C CD  . LYS A 1 170 ? -6.717  -3.396  9.319   1.00 47.31  ? 170 LYS A CD  1 
ATOM   832  C CE  . LYS A 1 170 ? -7.617  -4.154  10.277  1.00 44.87  ? 170 LYS A CE  1 
ATOM   833  N NZ  . LYS A 1 170 ? -8.747  -4.771  9.539   1.00 51.06  ? 170 LYS A NZ  1 
ATOM   834  N N   . LYS A 1 171 ? -2.525  -5.681  12.086  1.00 43.12  ? 171 LYS A N   1 
ATOM   835  C CA  . LYS A 1 171 ? -2.143  -6.534  13.192  1.00 46.29  ? 171 LYS A CA  1 
ATOM   836  C C   . LYS A 1 171 ? -0.928  -6.006  13.966  1.00 49.61  ? 171 LYS A C   1 
ATOM   837  O O   . LYS A 1 171 ? -0.796  -6.290  15.144  1.00 54.04  ? 171 LYS A O   1 
ATOM   838  C CB  . LYS A 1 171 ? -1.910  -7.968  12.717  1.00 44.30  ? 171 LYS A CB  1 
ATOM   839  C CG  . LYS A 1 171 ? -3.195  -8.672  12.340  1.00 56.26  ? 171 LYS A CG  1 
ATOM   840  C CD  . LYS A 1 171 ? -2.959  -10.170 12.155  1.00 61.84  ? 171 LYS A CD  1 
ATOM   841  C CE  . LYS A 1 171 ? -4.227  -10.932 11.773  1.00 65.72  ? 171 LYS A CE  1 
ATOM   842  N NZ  . LYS A 1 171 ? -4.902  -10.371 10.560  1.00 67.97  ? 171 LYS A NZ  1 
ATOM   843  N N   . GLU A 1 172 ? -0.067  -5.244  13.303  1.00 48.48  ? 172 GLU A N   1 
ATOM   844  C CA  . GLU A 1 172 ? 1.104   -4.678  13.945  1.00 48.07  ? 172 GLU A CA  1 
ATOM   845  C C   . GLU A 1 172 ? 0.784   -3.366  14.649  1.00 49.31  ? 172 GLU A C   1 
ATOM   846  O O   . GLU A 1 172 ? 1.671   -2.702  15.178  1.00 47.86  ? 172 GLU A O   1 
ATOM   847  C CB  . GLU A 1 172 ? 2.252   -4.468  12.947  1.00 47.51  ? 172 GLU A CB  1 
ATOM   848  C CG  . GLU A 1 172 ? 2.257   -5.482  11.831  1.00 61.51  ? 172 GLU A CG  1 
ATOM   849  C CD  . GLU A 1 172 ? 3.471   -6.373  11.836  1.00 65.84  ? 172 GLU A CD  1 
ATOM   850  O OE1 . GLU A 1 172 ? 4.544   -5.916  11.429  1.00 73.26  ? 172 GLU A OE1 1 
ATOM   851  O OE2 . GLU A 1 172 ? 3.356   -7.555  12.196  1.00 78.28  ? 172 GLU A OE2 1 
ATOM   852  N N   . ASN A 1 173 ? -0.492  -3.001  14.664  1.00 50.56  ? 173 ASN A N   1 
ATOM   853  C CA  . ASN A 1 173 ? -0.942  -1.835  15.429  1.00 48.13  ? 173 ASN A CA  1 
ATOM   854  C C   . ASN A 1 173 ? -0.270  -0.547  14.970  1.00 51.13  ? 173 ASN A C   1 
ATOM   855  O O   . ASN A 1 173 ? 0.269   0.191   15.771  1.00 53.68  ? 173 ASN A O   1 
ATOM   856  C CB  . ASN A 1 173 ? -0.743  -2.057  16.956  1.00 57.57  ? 173 ASN A CB  1 
ATOM   857  C CG  . ASN A 1 173 ? -1.532  -3.267  17.474  1.00 65.14  ? 173 ASN A CG  1 
ATOM   858  O OD1 . ASN A 1 173 ? -2.699  -3.480  17.101  1.00 64.73  ? 173 ASN A OD1 1 
ATOM   859  N ND2 . ASN A 1 173 ? -0.893  -4.071  18.310  1.00 63.66  ? 173 ASN A ND2 1 
ATOM   860  N N   . LEU A 1 174 ? -0.342  -0.278  13.672  1.00 43.50  ? 174 LEU A N   1 
ATOM   861  C CA  . LEU A 1 174 ? 0.237   0.930   13.082  1.00 45.48  ? 174 LEU A CA  1 
ATOM   862  C C   . LEU A 1 174 ? -0.889  1.941   12.752  1.00 43.49  ? 174 LEU A C   1 
ATOM   863  O O   . LEU A 1 174 ? -2.047  1.577   12.677  1.00 45.15  ? 174 LEU A O   1 
ATOM   864  C CB  . LEU A 1 174 ? 1.032   0.543   11.827  1.00 36.92  ? 174 LEU A CB  1 
ATOM   865  C CG  . LEU A 1 174 ? 2.271   -0.323  12.138  1.00 46.39  ? 174 LEU A CG  1 
ATOM   866  C CD1 . LEU A 1 174 ? 2.837   -0.949  10.867  1.00 41.70  ? 174 LEU A CD1 1 
ATOM   867  C CD2 . LEU A 1 174 ? 3.356   0.421   12.901  1.00 39.63  ? 174 LEU A CD2 1 
ATOM   868  N N   . PHE A 1 175 ? -0.529  3.190   12.548  1.00 46.60  ? 175 PHE A N   1 
ATOM   869  C CA  . PHE A 1 175 ? -1.482  4.272   12.378  1.00 44.25  ? 175 PHE A CA  1 
ATOM   870  C C   . PHE A 1 175 ? -1.382  4.999   11.065  1.00 42.11  ? 175 PHE A C   1 
ATOM   871  O O   . PHE A 1 175 ? -0.644  5.982   10.936  1.00 43.40  ? 175 PHE A O   1 
ATOM   872  C CB  . PHE A 1 175 ? -1.401  5.250   13.571  1.00 50.40  ? 175 PHE A CB  1 
ATOM   873  C CG  . PHE A 1 175 ? -1.494  4.571   14.918  1.00 54.57  ? 175 PHE A CG  1 
ATOM   874  C CD1 . PHE A 1 175 ? -2.622  3.808   15.265  1.00 56.34  ? 175 PHE A CD1 1 
ATOM   875  C CD2 . PHE A 1 175 ? -0.435  4.675   15.840  1.00 59.00  ? 175 PHE A CD2 1 
ATOM   876  C CE1 . PHE A 1 175 ? -2.701  3.170   16.500  1.00 63.72  ? 175 PHE A CE1 1 
ATOM   877  C CE2 . PHE A 1 175 ? -0.523  4.055   17.084  1.00 55.07  ? 175 PHE A CE2 1 
ATOM   878  C CZ  . PHE A 1 175 ? -1.648  3.296   17.416  1.00 61.28  ? 175 PHE A CZ  1 
ATOM   879  N N   . PRO A 1 176 ? -2.147  4.528   10.055  1.00 40.89  ? 176 PRO A N   1 
ATOM   880  C CA  . PRO A 1 176 ? -2.163  5.224   8.751   1.00 37.84  ? 176 PRO A CA  1 
ATOM   881  C C   . PRO A 1 176 ? -2.664  6.688   8.891   1.00 35.40  ? 176 PRO A C   1 
ATOM   882  O O   . PRO A 1 176 ? -3.606  6.949   9.615   1.00 37.66  ? 176 PRO A O   1 
ATOM   883  C CB  . PRO A 1 176 ? -3.153  4.402   7.934   1.00 32.79  ? 176 PRO A CB  1 
ATOM   884  C CG  . PRO A 1 176 ? -3.056  3.013   8.541   1.00 39.50  ? 176 PRO A CG  1 
ATOM   885  C CD  . PRO A 1 176 ? -2.856  3.231   10.021  1.00 39.86  ? 176 PRO A CD  1 
ATOM   886  N N   . ASP A 1 177 ? -2.013  7.634   8.261   1.00 37.75  ? 177 ASP A N   1 
ATOM   887  C CA  . ASP A 1 177 ? -2.581  8.976   8.159   1.00 38.40  ? 177 ASP A CA  1 
ATOM   888  C C   . ASP A 1 177 ? -3.681  8.961   7.089   1.00 40.38  ? 177 ASP A C   1 
ATOM   889  O O   . ASP A 1 177 ? -3.919  7.931   6.446   1.00 37.30  ? 177 ASP A O   1 
ATOM   890  C CB  . ASP A 1 177 ? -1.486  10.042  7.862   1.00 37.20  ? 177 ASP A CB  1 
ATOM   891  C CG  . ASP A 1 177 ? -0.736  9.808   6.557   1.00 50.42  ? 177 ASP A CG  1 
ATOM   892  O OD1 . ASP A 1 177 ? -1.280  9.186   5.589   1.00 44.52  ? 177 ASP A OD1 1 
ATOM   893  O OD2 . ASP A 1 177 ? 0.437   10.301  6.472   1.00 54.94  ? 177 ASP A OD2 1 
ATOM   894  N N   . SER A 1 178 ? -4.323  10.099  6.875   1.00 38.87  ? 178 SER A N   1 
ATOM   895  C CA  . SER A 1 178 ? -5.495  10.129  6.016   1.00 41.32  ? 178 SER A CA  1 
ATOM   896  C C   . SER A 1 178 ? -5.089  9.871   4.571   1.00 38.79  ? 178 SER A C   1 
ATOM   897  O O   . SER A 1 178 ? -5.827  9.238   3.825   1.00 43.79  ? 178 SER A O   1 
ATOM   898  C CB  . SER A 1 178 ? -6.215  11.486  6.126   1.00 41.84  ? 178 SER A CB  1 
ATOM   899  O OG  . SER A 1 178 ? -7.391  11.455  5.313   1.00 39.87  ? 178 SER A OG  1 
ATOM   900  N N   . GLN A 1 179 ? -3.914  10.362  4.166   1.00 43.05  ? 179 GLN A N   1 
ATOM   901  C CA  . GLN A 1 179 ? -3.505  10.184  2.781   1.00 37.86  ? 179 GLN A CA  1 
ATOM   902  C C   . GLN A 1 179 ? -3.226  8.724   2.461   1.00 33.06  ? 179 GLN A C   1 
ATOM   903  O O   . GLN A 1 179 ? -3.481  8.274   1.345   1.00 37.27  ? 179 GLN A O   1 
ATOM   904  C CB  . GLN A 1 179 ? -2.297  11.044  2.440   1.00 48.44  ? 179 GLN A CB  1 
ATOM   905  C CG  . GLN A 1 179 ? -2.203  11.324  0.943   1.00 63.75  ? 179 GLN A CG  1 
ATOM   906  C CD  . GLN A 1 179 ? -0.981  10.704  0.313   1.00 71.10  ? 179 GLN A CD  1 
ATOM   907  O OE1 . GLN A 1 179 ? 0.016   10.461  1.001   1.00 81.74  ? 179 GLN A OE1 1 
ATOM   908  N NE2 . GLN A 1 179 ? -1.030  10.469  -1.003  1.00 72.96  ? 179 GLN A NE2 1 
ATOM   909  N N   . THR A 1 180 ? -2.726  8.003   3.442   1.00 31.65  ? 180 THR A N   1 
ATOM   910  C CA  . THR A 1 180 ? -2.500  6.573   3.312   1.00 36.03  ? 180 THR A CA  1 
ATOM   911  C C   . THR A 1 180 ? -3.818  5.808   3.088   1.00 32.25  ? 180 THR A C   1 
ATOM   912  O O   . THR A 1 180 ? -3.911  5.013   2.143   1.00 30.96  ? 180 THR A O   1 
ATOM   913  C CB  . THR A 1 180 ? -1.770  5.960   4.538   1.00 35.21  ? 180 THR A CB  1 
ATOM   914  O OG1 . THR A 1 180 ? -0.429  6.418   4.545   1.00 39.29  ? 180 THR A OG1 1 
ATOM   915  C CG2 . THR A 1 180 ? -1.720  4.456   4.431   1.00 35.48  ? 180 THR A CG2 1 
ATOM   916  N N   . TYR A 1 181 ? -4.804  6.005   3.972   1.00 29.23  ? 181 TYR A N   1 
ATOM   917  C CA  . TYR A 1 181 ? -6.148  5.419   3.725   1.00 29.06  ? 181 TYR A CA  1 
ATOM   918  C C   . TYR A 1 181 ? -6.621  5.737   2.322   1.00 31.72  ? 181 TYR A C   1 
ATOM   919  O O   . TYR A 1 181 ? -7.093  4.866   1.595   1.00 33.18  ? 181 TYR A O   1 
ATOM   920  C CB  . TYR A 1 181 ? -7.176  5.906   4.724   1.00 28.30  ? 181 TYR A CB  1 
ATOM   921  C CG  . TYR A 1 181 ? -7.001  5.304   6.111   1.00 33.98  ? 181 TYR A CG  1 
ATOM   922  C CD1 . TYR A 1 181 ? -7.335  3.971   6.373   1.00 31.42  ? 181 TYR A CD1 1 
ATOM   923  C CD2 . TYR A 1 181 ? -6.539  6.089   7.153   1.00 34.36  ? 181 TYR A CD2 1 
ATOM   924  C CE1 . TYR A 1 181 ? -7.186  3.437   7.633   1.00 33.53  ? 181 TYR A CE1 1 
ATOM   925  C CE2 . TYR A 1 181 ? -6.384  5.577   8.415   1.00 33.61  ? 181 TYR A CE2 1 
ATOM   926  C CZ  . TYR A 1 181 ? -6.715  4.246   8.659   1.00 38.75  ? 181 TYR A CZ  1 
ATOM   927  O OH  . TYR A 1 181 ? -6.541  3.749   9.934   1.00 39.94  ? 181 TYR A OH  1 
ATOM   928  N N   . THR A 1 182 ? -6.453  7.006   1.927   1.00 29.14  ? 182 THR A N   1 
ATOM   929  C CA  . THR A 1 182 ? -7.040  7.471   0.699   1.00 29.71  ? 182 THR A CA  1 
ATOM   930  C C   . THR A 1 182 ? -6.331  6.811   -0.481  1.00 30.68  ? 182 THR A C   1 
ATOM   931  O O   . THR A 1 182 ? -6.967  6.369   -1.441  1.00 32.08  ? 182 THR A O   1 
ATOM   932  C CB  . THR A 1 182 ? -6.857  9.035   0.585   1.00 31.77  ? 182 THR A CB  1 
ATOM   933  O OG1 . THR A 1 182 ? -7.495  9.672   1.717   1.00 36.41  ? 182 THR A OG1 1 
ATOM   934  C CG2 . THR A 1 182 ? -7.410  9.562   -0.669  1.00 36.84  ? 182 THR A CG2 1 
ATOM   935  N N   . GLU A 1 183 ? -5.003  6.744   -0.426  1.00 31.55  ? 183 GLU A N   1 
ATOM   936  C CA  . GLU A 1 183 ? -4.245  6.214   -1.565  1.00 33.62  ? 183 GLU A CA  1 
ATOM   937  C C   . GLU A 1 183 ? -4.548  4.714   -1.783  1.00 32.07  ? 183 GLU A C   1 
ATOM   938  O O   . GLU A 1 183 ? -4.692  4.239   -2.900  1.00 32.41  ? 183 GLU A O   1 
ATOM   939  C CB  . GLU A 1 183 ? -2.768  6.446   -1.313  1.00 35.39  ? 183 GLU A CB  1 
ATOM   940  C CG  . GLU A 1 183 ? -1.947  6.466   -2.575  1.00 49.56  ? 183 GLU A CG  1 
ATOM   941  C CD  . GLU A 1 183 ? -0.537  7.026   -2.326  1.00 58.92  ? 183 GLU A CD  1 
ATOM   942  O OE1 . GLU A 1 183 ? 0.433   6.413   -2.839  1.00 58.61  ? 183 GLU A OE1 1 
ATOM   943  O OE2 . GLU A 1 183 ? -0.412  8.063   -1.600  1.00 58.17  ? 183 GLU A OE2 1 
ATOM   944  N N   . VAL A 1 184 ? -4.635  3.975   -0.703  1.00 28.15  ? 184 VAL A N   1 
ATOM   945  C CA  . VAL A 1 184 ? -4.993  2.557   -0.781  1.00 29.36  ? 184 VAL A CA  1 
ATOM   946  C C   . VAL A 1 184 ? -6.403  2.372   -1.360  1.00 29.83  ? 184 VAL A C   1 
ATOM   947  O O   . VAL A 1 184 ? -6.626  1.554   -2.252  1.00 29.85  ? 184 VAL A O   1 
ATOM   948  C CB  . VAL A 1 184 ? -4.857  1.894   0.610   1.00 27.96  ? 184 VAL A CB  1 
ATOM   949  C CG1 . VAL A 1 184 ? -5.333  0.431   0.551   1.00 34.45  ? 184 VAL A CG1 1 
ATOM   950  C CG2 . VAL A 1 184 ? -3.398  1.973   1.056   1.00 29.29  ? 184 VAL A CG2 1 
ATOM   951  N N   . ILE A 1 185 ? -7.351  3.156   -0.861  1.00 32.69  ? 185 ILE A N   1 
ATOM   952  C CA  . ILE A 1 185 ? -8.726  3.110   -1.341  1.00 32.68  ? 185 ILE A CA  1 
ATOM   953  C C   . ILE A 1 185 ? -8.824  3.424   -2.825  1.00 31.99  ? 185 ILE A C   1 
ATOM   954  O O   . ILE A 1 185 ? -9.456  2.683   -3.568  1.00 30.97  ? 185 ILE A O   1 
ATOM   955  C CB  . ILE A 1 185 ? -9.617  4.116   -0.521  1.00 37.41  ? 185 ILE A CB  1 
ATOM   956  C CG1 . ILE A 1 185 ? -9.897  3.509   0.844   1.00 28.88  ? 185 ILE A CG1 1 
ATOM   957  C CG2 . ILE A 1 185 ? -10.912 4.431   -1.268  1.00 31.66  ? 185 ILE A CG2 1 
ATOM   958  C CD1 . ILE A 1 185 ? -10.290 4.505   1.905   1.00 36.73  ? 185 ILE A CD1 1 
ATOM   959  N N   . ARG A 1 186 ? -8.163  4.486   -3.256  1.00 35.93  ? 186 ARG A N   1 
ATOM   960  C CA  . ARG A 1 186 ? -8.077  4.813   -4.696  1.00 36.24  ? 186 ARG A CA  1 
ATOM   961  C C   . ARG A 1 186 ? -7.467  3.668   -5.478  1.00 34.84  ? 186 ARG A C   1 
ATOM   962  O O   . ARG A 1 186 ? -7.967  3.304   -6.555  1.00 36.32  ? 186 ARG A O   1 
ATOM   963  C CB  . ARG A 1 186 ? -7.240  6.092   -4.908  1.00 39.85  ? 186 ARG A CB  1 
ATOM   964  C CG  . ARG A 1 186 ? -7.237  6.598   -6.373  1.00 43.42  ? 186 ARG A CG  1 
ATOM   965  C CD  . ARG A 1 186 ? -6.959  8.106   -6.475  1.00 51.01  ? 186 ARG A CD  1 
ATOM   966  N NE  . ARG A 1 186 ? -6.016  8.566   -5.464  1.00 50.12  ? 186 ARG A NE  1 
ATOM   967  C CZ  . ARG A 1 186 ? -6.167  9.630   -4.676  1.00 52.61  ? 186 ARG A CZ  1 
ATOM   968  N NH1 . ARG A 1 186 ? -7.232  10.403  -4.769  1.00 52.60  ? 186 ARG A NH1 1 
ATOM   969  N NH2 . ARG A 1 186 ? -5.214  9.910   -3.788  1.00 57.41  ? 186 ARG A NH2 1 
ATOM   970  N N   . GLY A 1 187 ? -6.419  3.065   -4.929  1.00 32.77  ? 187 GLY A N   1 
ATOM   971  C CA  . GLY A 1 187 ? -5.802  1.910   -5.580  1.00 33.07  ? 187 GLY A CA  1 
ATOM   972  C C   . GLY A 1 187 ? -6.761  0.740   -5.763  1.00 36.20  ? 187 GLY A C   1 
ATOM   973  O O   . GLY A 1 187 ? -6.815  0.121   -6.839  1.00 32.02  ? 187 GLY A O   1 
ATOM   974  N N   . PHE A 1 188 ? -7.538  0.412   -4.733  1.00 31.72  ? 188 PHE A N   1 
ATOM   975  C CA  . PHE A 1 188 ? -8.456  -0.729  -4.869  1.00 32.72  ? 188 PHE A CA  1 
ATOM   976  C C   . PHE A 1 188 ? -9.572  -0.386  -5.843  1.00 34.26  ? 188 PHE A C   1 
ATOM   977  O O   . PHE A 1 188 ? -9.922  -1.222  -6.664  1.00 33.87  ? 188 PHE A O   1 
ATOM   978  C CB  . PHE A 1 188 ? -9.026  -1.171  -3.510  1.00 30.74  ? 188 PHE A CB  1 
ATOM   979  C CG  . PHE A 1 188 ? -8.064  -1.970  -2.695  1.00 34.13  ? 188 PHE A CG  1 
ATOM   980  C CD1 . PHE A 1 188 ? -7.530  -3.167  -3.186  1.00 36.84  ? 188 PHE A CD1 1 
ATOM   981  C CD2 . PHE A 1 188 ? -7.698  -1.550  -1.420  1.00 33.48  ? 188 PHE A CD2 1 
ATOM   982  C CE1 . PHE A 1 188 ? -6.632  -3.909  -2.429  1.00 37.98  ? 188 PHE A CE1 1 
ATOM   983  C CE2 . PHE A 1 188 ? -6.776  -2.287  -0.658  1.00 28.94  ? 188 PHE A CE2 1 
ATOM   984  C CZ  . PHE A 1 188 ? -6.251  -3.462  -1.155  1.00 35.95  ? 188 PHE A CZ  1 
ATOM   985  N N   . LEU A 1 189 ? -10.081 0.846   -5.788  1.00 34.47  ? 189 LEU A N   1 
ATOM   986  C CA  . LEU A 1 189 ? -11.217 1.247   -6.668  1.00 36.50  ? 189 LEU A CA  1 
ATOM   987  C C   . LEU A 1 189 ? -10.802 1.184   -8.142  1.00 39.49  ? 189 LEU A C   1 
ATOM   988  O O   . LEU A 1 189 ? -11.547 0.698   -8.998  1.00 39.85  ? 189 LEU A O   1 
ATOM   989  C CB  . LEU A 1 189 ? -11.657 2.672   -6.347  1.00 36.13  ? 189 LEU A CB  1 
ATOM   990  C CG  . LEU A 1 189 ? -12.435 2.766   -5.022  1.00 41.39  ? 189 LEU A CG  1 
ATOM   991  C CD1 . LEU A 1 189 ? -12.576 4.253   -4.652  1.00 38.02  ? 189 LEU A CD1 1 
ATOM   992  C CD2 . LEU A 1 189 ? -13.777 2.037   -5.101  1.00 37.24  ? 189 LEU A CD2 1 
ATOM   993  N N   . ARG A 1 190 ? -9.584  1.637   -8.409  1.00 39.15  ? 190 ARG A N   1 
ATOM   994  C CA  . ARG A 1 190 ? -9.011  1.640   -9.737  1.00 40.38  ? 190 ARG A CA  1 
ATOM   995  C C   . ARG A 1 190 ? -8.982  0.236   -10.318 1.00 41.27  ? 190 ARG A C   1 
ATOM   996  O O   . ARG A 1 190 ? -9.206  0.050   -11.518 1.00 43.85  ? 190 ARG A O   1 
ATOM   997  C CB  . ARG A 1 190 ? -7.607  2.281   -9.706  1.00 33.83  ? 190 ARG A CB  1 
ATOM   998  C CG  . ARG A 1 190 ? -6.836  2.174   -11.040 1.00 41.96  ? 190 ARG A CG  1 
ATOM   999  C CD  . ARG A 1 190 ? -7.616  2.904   -12.153 1.00 41.90  ? 190 ARG A CD  1 
ATOM   1000 N NE  . ARG A 1 190 ? -6.961  2.825   -13.449 1.00 42.52  ? 190 ARG A NE  1 
ATOM   1001 C CZ  . ARG A 1 190 ? -7.220  1.873   -14.351 1.00 46.04  ? 190 ARG A CZ  1 
ATOM   1002 N NH1 . ARG A 1 190 ? -8.093  0.890   -14.088 1.00 35.28  ? 190 ARG A NH1 1 
ATOM   1003 N NH2 . ARG A 1 190 ? -6.579  1.891   -15.513 1.00 55.23  ? 190 ARG A NH2 1 
ATOM   1004 N N   . ASP A 1 191 ? -8.747  -0.743  -9.458  1.00 42.70  ? 191 ASP A N   1 
ATOM   1005 C CA  . ASP A 1 191 ? -8.654  -2.160  -9.876  1.00 40.86  ? 191 ASP A CA  1 
ATOM   1006 C C   . ASP A 1 191 ? -9.999  -2.846  -9.936  1.00 41.82  ? 191 ASP A C   1 
ATOM   1007 O O   . ASP A 1 191 ? -10.047 -4.070  -10.149 1.00 38.98  ? 191 ASP A O   1 
ATOM   1008 C CB  . ASP A 1 191 ? -7.824  -2.967  -8.871  1.00 35.07  ? 191 ASP A CB  1 
ATOM   1009 C CG  . ASP A 1 191 ? -6.334  -2.747  -9.028  1.00 44.55  ? 191 ASP A CG  1 
ATOM   1010 O OD1 . ASP A 1 191 ? -5.925  -2.107  -10.041 1.00 43.02  ? 191 ASP A OD1 1 
ATOM   1011 O OD2 . ASP A 1 191 ? -5.589  -3.234  -8.132  1.00 44.96  ? 191 ASP A OD2 1 
ATOM   1012 N N   . GLY A 1 192 ? -11.072 -2.105  -9.675  1.00 42.45  ? 192 GLY A N   1 
ATOM   1013 C CA  . GLY A 1 192 ? -12.408 -2.703  -9.701  1.00 45.57  ? 192 GLY A CA  1 
ATOM   1014 C C   . GLY A 1 192 ? -12.658 -3.634  -8.516  1.00 45.10  ? 192 GLY A C   1 
ATOM   1015 O O   . GLY A 1 192 ? -13.309 -4.662  -8.652  1.00 44.99  ? 192 GLY A O   1 
ATOM   1016 N N   . CYS A 1 193 ? -12.146 -3.255  -7.340  1.00 42.40  ? 193 CYS A N   1 
ATOM   1017 C CA  . CYS A 1 193 ? -12.352 -4.005  -6.108  1.00 37.35  ? 193 CYS A CA  1 
ATOM   1018 C C   . CYS A 1 193 ? -13.017 -3.153  -5.048  1.00 40.46  ? 193 CYS A C   1 
ATOM   1019 O O   . CYS A 1 193 ? -12.363 -2.755  -4.085  1.00 34.77  ? 193 CYS A O   1 
ATOM   1020 C CB  . CYS A 1 193 ? -11.030 -4.523  -5.577  1.00 40.51  ? 193 CYS A CB  1 
ATOM   1021 S SG  . CYS A 1 193 ? -10.326 -5.795  -6.627  1.00 52.00  ? 193 CYS A SG  1 
ATOM   1022 N N   . PRO A 1 194 ? -14.335 -2.891  -5.194  1.00 36.27  ? 194 PRO A N   1 
ATOM   1023 C CA  . PRO A 1 194 ? -14.981 -2.101  -4.157  1.00 32.06  ? 194 PRO A CA  1 
ATOM   1024 C C   . PRO A 1 194 ? -14.993 -2.777  -2.793  1.00 34.80  ? 194 PRO A C   1 
ATOM   1025 O O   . PRO A 1 194 ? -14.937 -2.073  -1.798  1.00 37.62  ? 194 PRO A O   1 
ATOM   1026 C CB  . PRO A 1 194 ? -16.402 -1.900  -4.707  1.00 31.39  ? 194 PRO A CB  1 
ATOM   1027 C CG  . PRO A 1 194 ? -16.575 -2.927  -5.784  1.00 37.08  ? 194 PRO A CG  1 
ATOM   1028 C CD  . PRO A 1 194 ? -15.202 -3.026  -6.377  1.00 40.89  ? 194 PRO A CD  1 
ATOM   1029 N N   . ALA A 1 195 ? -15.115 -4.114  -2.732  1.00 34.15  ? 195 ALA A N   1 
ATOM   1030 C CA  . ALA A 1 195 ? -15.170 -4.749  -1.421  1.00 32.80  ? 195 ALA A CA  1 
ATOM   1031 C C   . ALA A 1 195 ? -13.901 -4.432  -0.633  1.00 33.71  ? 195 ALA A C   1 
ATOM   1032 O O   . ALA A 1 195 ? -13.979 -4.034  0.546   1.00 33.67  ? 195 ALA A O   1 
ATOM   1033 C CB  . ALA A 1 195 ? -15.399 -6.289  -1.525  1.00 32.56  ? 195 ALA A CB  1 
ATOM   1034 N N   . ASP A 1 196 ? -12.732 -4.576  -1.269  1.00 32.93  ? 196 ASP A N   1 
ATOM   1035 C CA  . ASP A 1 196 ? -11.464 -4.233  -0.620  1.00 29.64  ? 196 ASP A CA  1 
ATOM   1036 C C   . ASP A 1 196 ? -11.427 -2.753  -0.229  1.00 32.42  ? 196 ASP A C   1 
ATOM   1037 O O   . ASP A 1 196 ? -11.015 -2.422  0.883   1.00 32.02  ? 196 ASP A O   1 
ATOM   1038 C CB  . ASP A 1 196 ? -10.271 -4.533  -1.551  1.00 31.31  ? 196 ASP A CB  1 
ATOM   1039 C CG  . ASP A 1 196 ? -10.022 -6.002  -1.719  1.00 38.76  ? 196 ASP A CG  1 
ATOM   1040 O OD1 . ASP A 1 196 ? -10.511 -6.798  -0.891  1.00 36.24  ? 196 ASP A OD1 1 
ATOM   1041 O OD2 . ASP A 1 196 ? -9.336  -6.395  -2.698  1.00 46.24  ? 196 ASP A OD2 1 
ATOM   1042 N N   . ALA A 1 197 ? -11.839 -1.873  -1.126  1.00 26.82  ? 197 ALA A N   1 
ATOM   1043 C CA  . ALA A 1 197 ? -11.857 -0.424  -0.773  1.00 29.45  ? 197 ALA A CA  1 
ATOM   1044 C C   . ALA A 1 197 ? -12.669 -0.170  0.484   1.00 32.43  ? 197 ALA A C   1 
ATOM   1045 O O   . ALA A 1 197 ? -12.219 0.517   1.448   1.00 30.48  ? 197 ALA A O   1 
ATOM   1046 C CB  . ALA A 1 197 ? -12.451 0.373   -1.935  1.00 25.82  ? 197 ALA A CB  1 
ATOM   1047 N N   . MET A 1 198 ? -13.888 -0.709  0.501   1.00 32.59  ? 198 MET A N   1 
ATOM   1048 C CA  . MET A 1 198 ? -14.806 -0.582  1.665   1.00 33.70  ? 198 MET A CA  1 
ATOM   1049 C C   . MET A 1 198 ? -14.150 -1.113  2.933   1.00 30.70  ? 198 MET A C   1 
ATOM   1050 O O   . MET A 1 198 ? -14.303 -0.522  3.995   1.00 32.02  ? 198 MET A O   1 
ATOM   1051 C CB  . MET A 1 198 ? -16.129 -1.338  1.376   1.00 32.78  ? 198 MET A CB  1 
ATOM   1052 C CG  . MET A 1 198 ? -17.030 -0.667  0.359   1.00 37.07  ? 198 MET A CG  1 
ATOM   1053 S SD  . MET A 1 198 ? -17.410 1.057   0.800   1.00 38.90  ? 198 MET A SD  1 
ATOM   1054 C CE  . MET A 1 198 ? -18.383 0.834   2.294   1.00 33.96  ? 198 MET A CE  1 
ATOM   1055 N N   . ASN A 1 199 ? -13.417 -2.228  2.828   1.00 32.41  ? 199 ASN A N   1 
ATOM   1056 C CA  . ASN A 1 199 ? -12.694 -2.775  3.990   1.00 32.24  ? 199 ASN A CA  1 
ATOM   1057 C C   . ASN A 1 199 ? -11.741 -1.731  4.578   1.00 37.92  ? 199 ASN A C   1 
ATOM   1058 O O   . ASN A 1 199 ? -11.719 -1.506  5.791   1.00 35.94  ? 199 ASN A O   1 
ATOM   1059 C CB  . ASN A 1 199 ? -11.788 -3.923  3.530   1.00 44.77  ? 199 ASN A CB  1 
ATOM   1060 C CG  . ASN A 1 199 ? -12.295 -5.275  3.911   1.00 56.27  ? 199 ASN A CG  1 
ATOM   1061 O OD1 . ASN A 1 199 ? -11.654 -6.005  4.668   1.00 70.51  ? 199 ASN A OD1 1 
ATOM   1062 N ND2 . ASN A 1 199 ? -13.430 -5.639  3.375   1.00 56.21  ? 199 ASN A ND2 1 
ATOM   1063 N N   . VAL A 1 200 ? -10.943 -1.103  3.713   1.00 32.51  ? 200 VAL A N   1 
ATOM   1064 C CA  . VAL A 1 200 ? -10.003 -0.109  4.141   1.00 33.03  ? 200 VAL A CA  1 
ATOM   1065 C C   . VAL A 1 200 ? -10.718 1.148   4.686   1.00 32.99  ? 200 VAL A C   1 
ATOM   1066 O O   . VAL A 1 200 ? -10.293 1.730   5.679   1.00 32.12  ? 200 VAL A O   1 
ATOM   1067 C CB  . VAL A 1 200 ? -9.066  0.295   2.960   1.00 31.17  ? 200 VAL A CB  1 
ATOM   1068 C CG1 . VAL A 1 200 ? -8.170  1.435   3.433   1.00 26.91  ? 200 VAL A CG1 1 
ATOM   1069 C CG2 . VAL A 1 200 ? -8.228  -0.930  2.550   1.00 27.58  ? 200 VAL A CG2 1 
ATOM   1070 N N   . TYR A 1 201 ? -11.790 1.540   3.992   1.00 34.45  ? 201 TYR A N   1 
ATOM   1071 C CA  . TYR A 1 201 ? -12.714 2.594   4.450   1.00 30.60  ? 201 TYR A CA  1 
ATOM   1072 C C   . TYR A 1 201 ? -13.244 2.317   5.871   1.00 34.42  ? 201 TYR A C   1 
ATOM   1073 O O   . TYR A 1 201 ? -13.232 3.217   6.718   1.00 33.39  ? 201 TYR A O   1 
ATOM   1074 C CB  . TYR A 1 201 ? -13.879 2.690   3.495   1.00 30.74  ? 201 TYR A CB  1 
ATOM   1075 C CG  . TYR A 1 201 ? -15.029 3.553   3.971   1.00 31.88  ? 201 TYR A CG  1 
ATOM   1076 C CD1 . TYR A 1 201 ? -14.942 4.971   3.941   1.00 30.61  ? 201 TYR A CD1 1 
ATOM   1077 C CD2 . TYR A 1 201 ? -16.205 2.976   4.400   1.00 34.39  ? 201 TYR A CD2 1 
ATOM   1078 C CE1 . TYR A 1 201 ? -16.022 5.752   4.353   1.00 31.96  ? 201 TYR A CE1 1 
ATOM   1079 C CE2 . TYR A 1 201 ? -17.287 3.732   4.851   1.00 32.84  ? 201 TYR A CE2 1 
ATOM   1080 C CZ  . TYR A 1 201 ? -17.202 5.111   4.807   1.00 35.86  ? 201 TYR A CZ  1 
ATOM   1081 O OH  . TYR A 1 201 ? -18.270 5.835   5.227   1.00 40.55  ? 201 TYR A OH  1 
ATOM   1082 N N   . GLU A 1 202 ? -13.727 1.110   6.126   1.00 29.87  ? 202 GLU A N   1 
ATOM   1083 C CA  . GLU A 1 202 ? -14.223 0.795   7.492   1.00 34.32  ? 202 GLU A CA  1 
ATOM   1084 C C   . GLU A 1 202 ? -13.078 0.849   8.512   1.00 37.20  ? 202 GLU A C   1 
ATOM   1085 O O   . GLU A 1 202 ? -13.278 1.228   9.670   1.00 34.71  ? 202 GLU A O   1 
ATOM   1086 C CB  . GLU A 1 202 ? -14.877 -0.599  7.545   1.00 34.11  ? 202 GLU A CB  1 
ATOM   1087 C CG  . GLU A 1 202 ? -16.144 -0.766  6.706   1.00 35.82  ? 202 GLU A CG  1 
ATOM   1088 C CD  . GLU A 1 202 ? -17.296 0.187   7.103   1.00 43.98  ? 202 GLU A CD  1 
ATOM   1089 O OE1 . GLU A 1 202 ? -17.253 0.813   8.174   1.00 41.22  ? 202 GLU A OE1 1 
ATOM   1090 O OE2 . GLU A 1 202 ? -18.237 0.331   6.334   1.00 44.55  ? 202 GLU A OE2 1 
ATOM   1091 N N   . ASP A 1 203 ? -11.861 0.490   8.100   1.00 34.96  ? 203 ASP A N   1 
ATOM   1092 C CA  . ASP A 1 203 ? -10.708 0.663   8.996   1.00 32.30  ? 203 ASP A CA  1 
ATOM   1093 C C   . ASP A 1 203 ? -10.480 2.148   9.235   1.00 35.09  ? 203 ASP A C   1 
ATOM   1094 O O   . ASP A 1 203 ? -10.173 2.562   10.360  1.00 39.95  ? 203 ASP A O   1 
ATOM   1095 C CB  . ASP A 1 203 ? -9.459  0.045   8.406   1.00 35.11  ? 203 ASP A CB  1 
ATOM   1096 C CG  . ASP A 1 203 ? -9.515  -1.476  8.374   1.00 41.08  ? 203 ASP A CG  1 
ATOM   1097 O OD1 . ASP A 1 203 ? -10.145 -2.027  9.269   1.00 40.21  ? 203 ASP A OD1 1 
ATOM   1098 O OD2 . ASP A 1 203 ? -8.957  -2.109  7.438   1.00 36.55  ? 203 ASP A OD2 1 
ATOM   1099 N N   . MET A 1 204 ? -10.615 2.947   8.196   1.00 28.13  ? 204 MET A N   1 
ATOM   1100 C CA  . MET A 1 204 ? -10.390 4.393   8.327   1.00 33.44  ? 204 MET A CA  1 
ATOM   1101 C C   . MET A 1 204 ? -11.377 5.023   9.318   1.00 39.66  ? 204 MET A C   1 
ATOM   1102 O O   . MET A 1 204 ? -11.010 5.925   10.073  1.00 37.62  ? 204 MET A O   1 
ATOM   1103 C CB  . MET A 1 204 ? -10.492 5.084   6.998   1.00 35.54  ? 204 MET A CB  1 
ATOM   1104 C CG  . MET A 1 204 ? -10.058 6.562   6.986   1.00 34.17  ? 204 MET A CG  1 
ATOM   1105 S SD  . MET A 1 204 ? -10.648 7.422   5.492   1.00 45.65  ? 204 MET A SD  1 
ATOM   1106 C CE  . MET A 1 204 ? -12.426 7.426   5.942   1.00 44.58  ? 204 MET A CE  1 
ATOM   1107 N N   . LEU A 1 205 ? -12.630 4.561   9.299   1.00 37.42  ? 205 LEU A N   1 
ATOM   1108 C CA  . LEU A 1 205 ? -13.614 5.070   10.248  1.00 41.11  ? 205 LEU A CA  1 
ATOM   1109 C C   . LEU A 1 205 ? -13.267 4.728   11.706  1.00 48.17  ? 205 LEU A C   1 
ATOM   1110 O O   . LEU A 1 205 ? -13.620 5.498   12.610  1.00 48.56  ? 205 LEU A O   1 
ATOM   1111 C CB  . LEU A 1 205 ? -15.039 4.609   9.906   1.00 36.63  ? 205 LEU A CB  1 
ATOM   1112 C CG  . LEU A 1 205 ? -15.669 5.079   8.582   1.00 34.61  ? 205 LEU A CG  1 
ATOM   1113 C CD1 . LEU A 1 205 ? -17.170 4.748   8.606   1.00 36.35  ? 205 LEU A CD1 1 
ATOM   1114 C CD2 . LEU A 1 205 ? -15.453 6.567   8.335   1.00 33.72  ? 205 LEU A CD2 1 
ATOM   1115 N N   . LYS A 1 206 ? -12.553 3.627   11.936  1.00 45.67  ? 206 LYS A N   1 
ATOM   1116 C CA  . LYS A 1 206 ? -12.118 3.271   13.302  1.00 47.63  ? 206 LYS A CA  1 
ATOM   1117 C C   . LYS A 1 206 ? -10.791 3.893   13.734  1.00 47.59  ? 206 LYS A C   1 
ATOM   1118 O O   . LYS A 1 206 ? -10.339 3.683   14.844  1.00 49.03  ? 206 LYS A O   1 
ATOM   1119 C CB  . LYS A 1 206 ? -12.064 1.739   13.480  1.00 46.58  ? 206 LYS A CB  1 
ATOM   1120 C CG  . LYS A 1 206 ? -13.426 1.055   13.258  1.00 45.03  ? 206 LYS A CG  1 
ATOM   1121 C CD  . LYS A 1 206 ? -13.325 -0.431  13.605  1.00 51.04  ? 206 LYS A CD  1 
ATOM   1122 C CE  . LYS A 1 206 ? -14.047 -1.318  12.604  1.00 55.49  ? 206 LYS A CE  1 
ATOM   1123 N NZ  . LYS A 1 206 ? -13.048 -2.054  11.786  1.00 56.81  ? 206 LYS A NZ  1 
ATOM   1124 N N   . SER A 1 207 ? -10.154 4.657   12.840  1.00 51.21  ? 207 SER A N   1 
ATOM   1125 C CA  . SER A 1 207 ? -8.868  5.306   13.167  1.00 47.11  ? 207 SER A CA  1 
ATOM   1126 C C   . SER A 1 207 ? -8.988  6.191   14.425  1.00 57.81  ? 207 SER A C   1 
ATOM   1127 O O   . SER A 1 207 ? -10.064 6.724   14.703  1.00 59.59  ? 207 SER A O   1 
ATOM   1128 C CB  . SER A 1 207 ? -8.434  6.167   12.007  1.00 41.95  ? 207 SER A CB  1 
ATOM   1129 O OG  . SER A 1 207 ? -7.283  6.912   12.356  1.00 51.49  ? 207 SER A OG  1 
ATOM   1130 N N   . PRO A 1 208 ? -7.881  6.377   15.172  1.00 56.79  ? 208 PRO A N   1 
ATOM   1131 C CA  . PRO A 1 208 ? -7.867  7.393   16.250  1.00 59.40  ? 208 PRO A CA  1 
ATOM   1132 C C   . PRO A 1 208 ? -8.238  8.778   15.713  1.00 57.64  ? 208 PRO A C   1 
ATOM   1133 O O   . PRO A 1 208 ? -9.030  9.482   16.314  1.00 64.60  ? 208 PRO A O   1 
ATOM   1134 C CB  . PRO A 1 208 ? -6.409  7.386   16.710  1.00 60.34  ? 208 PRO A CB  1 
ATOM   1135 C CG  . PRO A 1 208 ? -5.917  6.025   16.379  1.00 61.79  ? 208 PRO A CG  1 
ATOM   1136 C CD  . PRO A 1 208 ? -6.608  5.635   15.097  1.00 61.56  ? 208 PRO A CD  1 
ATOM   1137 N N   . ASP A 1 209 ? -7.679  9.147   14.575  1.00 59.39  ? 209 ASP A N   1 
ATOM   1138 C CA  . ASP A 1 209 ? -7.986  10.428  13.916  1.00 62.51  ? 209 ASP A CA  1 
ATOM   1139 C C   . ASP A 1 209 ? -9.407  10.527  13.365  1.00 63.58  ? 209 ASP A C   1 
ATOM   1140 O O   . ASP A 1 209 ? -9.924  9.558   12.800  1.00 57.87  ? 209 ASP A O   1 
ATOM   1141 C CB  . ASP A 1 209 ? -7.031  10.671  12.744  1.00 66.28  ? 209 ASP A CB  1 
ATOM   1142 C CG  . ASP A 1 209 ? -5.578  10.649  13.153  1.00 78.33  ? 209 ASP A CG  1 
ATOM   1143 O OD1 . ASP A 1 209 ? -4.724  10.277  12.297  1.00 73.20  ? 209 ASP A OD1 1 
ATOM   1144 O OD2 . ASP A 1 209 ? -5.303  11.002  14.328  1.00 75.10  ? 209 ASP A OD2 1 
ATOM   1145 N N   . PRO A 1 210 ? -10.036 11.700  13.541  1.00 61.71  ? 210 PRO A N   1 
ATOM   1146 C CA  . PRO A 1 210 ? -11.210 12.097  12.770  1.00 67.67  ? 210 PRO A CA  1 
ATOM   1147 C C   . PRO A 1 210 ? -10.941 12.056  11.248  1.00 59.84  ? 210 PRO A C   1 
ATOM   1148 O O   . PRO A 1 210 ? -9.943  12.572  10.778  1.00 54.78  ? 210 PRO A O   1 
ATOM   1149 C CB  . PRO A 1 210 ? -11.480 13.558  13.223  1.00 67.14  ? 210 PRO A CB  1 
ATOM   1150 C CG  . PRO A 1 210 ? -10.281 13.954  14.054  1.00 66.59  ? 210 PRO A CG  1 
ATOM   1151 C CD  . PRO A 1 210 ? -9.766  12.653  14.627  1.00 69.17  ? 210 PRO A CD  1 
ATOM   1152 N N   . PRO A 1 211 ? -11.862 11.443  10.494  1.00 58.78  ? 211 PRO A N   1 
ATOM   1153 C CA  . PRO A 1 211 ? -11.729 11.314  9.038   1.00 53.34  ? 211 PRO A CA  1 
ATOM   1154 C C   . PRO A 1 211 ? -11.674 12.654  8.327   1.00 51.66  ? 211 PRO A C   1 
ATOM   1155 O O   . PRO A 1 211 ? -12.322 13.607  8.731   1.00 57.82  ? 211 PRO A O   1 
ATOM   1156 C CB  . PRO A 1 211 ? -13.006 10.543  8.646   1.00 54.38  ? 211 PRO A CB  1 
ATOM   1157 C CG  . PRO A 1 211 ? -13.386 9.774   9.883   1.00 54.55  ? 211 PRO A CG  1 
ATOM   1158 C CD  . PRO A 1 211 ? -13.046 10.717  11.016  1.00 56.39  ? 211 PRO A CD  1 
ATOM   1159 N N   . GLU A 1 212 ? -10.882 12.728  7.283   1.00 46.73  ? 212 GLU A N   1 
ATOM   1160 C CA  . GLU A 1 212 ? -10.860 13.918  6.415   1.00 47.33  ? 212 GLU A CA  1 
ATOM   1161 C C   . GLU A 1 212 ? -11.785 13.665  5.240   1.00 46.53  ? 212 GLU A C   1 
ATOM   1162 O O   . GLU A 1 212 ? -12.080 12.508  4.906   1.00 43.26  ? 212 GLU A O   1 
ATOM   1163 C CB  . GLU A 1 212 ? -9.419  14.212  5.930   1.00 46.54  ? 212 GLU A CB  1 
ATOM   1164 C CG  . GLU A 1 212 ? -8.515  14.724  7.054   1.00 53.88  ? 212 GLU A CG  1 
ATOM   1165 C CD  . GLU A 1 212 ? -7.060  14.877  6.627   1.00 67.10  ? 212 GLU A CD  1 
ATOM   1166 O OE1 . GLU A 1 212 ? -6.782  15.147  5.416   1.00 52.51  ? 212 GLU A OE1 1 
ATOM   1167 O OE2 . GLU A 1 212 ? -6.192  14.701  7.514   1.00 71.84  ? 212 GLU A OE2 1 
ATOM   1168 N N   . GLU A 1 213 ? -12.260 14.740  4.610   1.00 41.51  ? 213 GLU A N   1 
ATOM   1169 C CA  . GLU A 1 213 ? -13.260 14.574  3.583   1.00 40.64  ? 213 GLU A CA  1 
ATOM   1170 C C   . GLU A 1 213 ? -12.779 13.922  2.279   1.00 40.73  ? 213 GLU A C   1 
ATOM   1171 O O   . GLU A 1 213 ? -13.565 13.247  1.589   1.00 40.10  ? 213 GLU A O   1 
ATOM   1172 C CB  . GLU A 1 213 ? -13.935 15.939  3.278   1.00 44.98  ? 213 GLU A CB  1 
ATOM   1173 C CG  . GLU A 1 213 ? -15.128 15.827  2.316   1.00 42.33  ? 213 GLU A CG  1 
ATOM   1174 C CD  . GLU A 1 213 ? -15.863 17.139  2.121   1.00 57.94  ? 213 GLU A CD  1 
ATOM   1175 O OE1 . GLU A 1 213 ? -15.607 18.106  2.904   1.00 51.46  ? 213 GLU A OE1 1 
ATOM   1176 O OE2 . GLU A 1 213 ? -16.701 17.208  1.185   1.00 60.14  ? 213 GLU A OE2 1 
ATOM   1177 N N   . LEU A 1 214 ? -11.500 14.101  1.944   1.00 39.58  ? 214 LEU A N   1 
ATOM   1178 C CA  . LEU A 1 214 ? -11.010 13.665  0.624   1.00 41.51  ? 214 LEU A CA  1 
ATOM   1179 C C   . LEU A 1 214 ? -11.309 12.166  0.350   1.00 39.92  ? 214 LEU A C   1 
ATOM   1180 O O   . LEU A 1 214 ? -11.748 11.813  -0.742  1.00 45.20  ? 214 LEU A O   1 
ATOM   1181 C CB  . LEU A 1 214 ? -9.521  13.955  0.437   1.00 41.01  ? 214 LEU A CB  1 
ATOM   1182 C CG  . LEU A 1 214 ? -8.859  13.410  -0.848  1.00 37.57  ? 214 LEU A CG  1 
ATOM   1183 C CD1 . LEU A 1 214 ? -9.468  14.032  -2.118  1.00 41.67  ? 214 LEU A CD1 1 
ATOM   1184 C CD2 . LEU A 1 214 ? -7.335  13.600  -0.811  1.00 44.13  ? 214 LEU A CD2 1 
ATOM   1185 N N   . PRO A 1 215 ? -11.031 11.299  1.328   1.00 37.91  ? 215 PRO A N   1 
ATOM   1186 C CA  . PRO A 1 215 ? -11.273 9.875   1.080   1.00 39.30  ? 215 PRO A CA  1 
ATOM   1187 C C   . PRO A 1 215 ? -12.764 9.572   0.732   1.00 41.71  ? 215 PRO A C   1 
ATOM   1188 O O   . PRO A 1 215 ? -13.051 8.702   -0.103  1.00 43.72  ? 215 PRO A O   1 
ATOM   1189 C CB  . PRO A 1 215 ? -10.855 9.208   2.397   1.00 35.10  ? 215 PRO A CB  1 
ATOM   1190 C CG  . PRO A 1 215 ? -10.612 10.303  3.396   1.00 31.43  ? 215 PRO A CG  1 
ATOM   1191 C CD  . PRO A 1 215 ? -10.292 11.522  2.582   1.00 37.69  ? 215 PRO A CD  1 
ATOM   1192 N N   . PHE A 1 216 ? -13.681 10.313  1.333   1.00 40.12  ? 216 PHE A N   1 
ATOM   1193 C CA  . PHE A 1 216 ? -15.102 10.220  0.989   1.00 39.31  ? 216 PHE A CA  1 
ATOM   1194 C C   . PHE A 1 216 ? -15.405 10.640  -0.442  1.00 40.51  ? 216 PHE A C   1 
ATOM   1195 O O   . PHE A 1 216 ? -16.256 10.029  -1.065  1.00 41.09  ? 216 PHE A O   1 
ATOM   1196 C CB  . PHE A 1 216 ? -15.973 11.039  1.949   1.00 34.73  ? 216 PHE A CB  1 
ATOM   1197 C CG  . PHE A 1 216 ? -15.966 10.530  3.362   1.00 35.60  ? 216 PHE A CG  1 
ATOM   1198 C CD1 . PHE A 1 216 ? -15.004 10.953  4.267   1.00 33.63  ? 216 PHE A CD1 1 
ATOM   1199 C CD2 . PHE A 1 216 ? -16.948 9.638   3.797   1.00 36.41  ? 216 PHE A CD2 1 
ATOM   1200 C CE1 . PHE A 1 216 ? -15.019 10.503  5.572   1.00 37.27  ? 216 PHE A CE1 1 
ATOM   1201 C CE2 . PHE A 1 216 ? -16.955 9.182   5.106   1.00 35.20  ? 216 PHE A CE2 1 
ATOM   1202 C CZ  . PHE A 1 216 ? -15.991 9.610   5.987   1.00 36.89  ? 216 PHE A CZ  1 
ATOM   1203 N N   . ARG A 1 217 ? -14.734 11.669  -0.946  1.00 45.09  ? 217 ARG A N   1 
ATOM   1204 C CA  . ARG A 1 217 ? -14.980 12.153  -2.314  1.00 47.07  ? 217 ARG A CA  1 
ATOM   1205 C C   . ARG A 1 217 ? -14.477 11.103  -3.293  1.00 43.41  ? 217 ARG A C   1 
ATOM   1206 O O   . ARG A 1 217 ? -15.100 10.844  -4.316  1.00 40.13  ? 217 ARG A O   1 
ATOM   1207 C CB  . ARG A 1 217 ? -14.225 13.450  -2.599  1.00 48.33  ? 217 ARG A CB  1 
ATOM   1208 C CG  . ARG A 1 217 ? -14.573 14.622  -1.721  1.00 54.37  ? 217 ARG A CG  1 
ATOM   1209 C CD  . ARG A 1 217 ? -13.828 15.877  -2.209  1.00 65.08  ? 217 ARG A CD  1 
ATOM   1210 N NE  . ARG A 1 217 ? -14.270 17.031  -1.400  1.00 67.02  ? 217 ARG A NE  1 
ATOM   1211 C CZ  . ARG A 1 217 ? -13.523 17.615  -0.491  1.00 66.89  ? 217 ARG A CZ  1 
ATOM   1212 N NH1 . ARG A 1 217 ? -12.253 17.191  -0.301  1.00 68.73  ? 217 ARG A NH1 1 
ATOM   1213 N NH2 . ARG A 1 217 ? -14.021 18.647  0.190   1.00 61.42  ? 217 ARG A NH2 1 
ATOM   1214 N N   . VAL A 1 218 ? -13.321 10.523  -2.988  1.00 42.18  ? 218 VAL A N   1 
ATOM   1215 C CA  . VAL A 1 218 ? -12.786 9.449   -3.812  1.00 41.32  ? 218 VAL A CA  1 
ATOM   1216 C C   . VAL A 1 218 ? -13.808 8.300   -3.873  1.00 41.20  ? 218 VAL A C   1 
ATOM   1217 O O   . VAL A 1 218 ? -14.190 7.826   -4.952  1.00 36.90  ? 218 VAL A O   1 
ATOM   1218 C CB  . VAL A 1 218 ? -11.449 8.954   -3.233  1.00 46.06  ? 218 VAL A CB  1 
ATOM   1219 C CG1 . VAL A 1 218 ? -10.967 7.723   -3.980  1.00 37.28  ? 218 VAL A CG1 1 
ATOM   1220 C CG2 . VAL A 1 218 ? -10.385 10.065  -3.291  1.00 45.32  ? 218 VAL A CG2 1 
ATOM   1221 N N   . LEU A 1 219 ? -14.291 7.888   -2.708  1.00 43.15  ? 219 LEU A N   1 
ATOM   1222 C CA  . LEU A 1 219 ? -15.170 6.716   -2.640  1.00 40.91  ? 219 LEU A CA  1 
ATOM   1223 C C   . LEU A 1 219 ? -16.468 6.939   -3.391  1.00 44.03  ? 219 LEU A C   1 
ATOM   1224 O O   . LEU A 1 219 ? -16.871 6.090   -4.205  1.00 39.87  ? 219 LEU A O   1 
ATOM   1225 C CB  . LEU A 1 219 ? -15.484 6.347   -1.197  1.00 37.28  ? 219 LEU A CB  1 
ATOM   1226 C CG  . LEU A 1 219 ? -14.634 5.261   -0.612  1.00 40.04  ? 219 LEU A CG  1 
ATOM   1227 C CD1 . LEU A 1 219 ? -15.036 5.020   0.841   1.00 42.72  ? 219 LEU A CD1 1 
ATOM   1228 C CD2 . LEU A 1 219 ? -14.731 3.971   -1.430  1.00 36.59  ? 219 LEU A CD2 1 
ATOM   1229 N N   . LEU A 1 220 ? -17.115 8.078   -3.125  1.00 42.53  ? 220 LEU A N   1 
ATOM   1230 C CA  . LEU A 1 220 ? -18.393 8.392   -3.763  1.00 48.15  ? 220 LEU A CA  1 
ATOM   1231 C C   . LEU A 1 220 ? -18.297 8.465   -5.268  1.00 47.06  ? 220 LEU A C   1 
ATOM   1232 O O   . LEU A 1 220 ? -19.274 8.221   -5.963  1.00 47.82  ? 220 LEU A O   1 
ATOM   1233 C CB  . LEU A 1 220 ? -18.986 9.690   -3.183  1.00 40.45  ? 220 LEU A CB  1 
ATOM   1234 C CG  . LEU A 1 220 ? -19.302 9.537   -1.675  1.00 42.96  ? 220 LEU A CG  1 
ATOM   1235 C CD1 . LEU A 1 220 ? -19.340 10.916  -1.049  1.00 49.65  ? 220 LEU A CD1 1 
ATOM   1236 C CD2 . LEU A 1 220 ? -20.609 8.782   -1.426  1.00 44.04  ? 220 LEU A CD2 1 
ATOM   1237 N N   . LYS A 1 221 ? -17.135 8.814   -5.792  1.00 45.66  ? 221 LYS A N   1 
ATOM   1238 C CA  . LYS A 1 221 ? -16.998 8.878   -7.235  1.00 47.04  ? 221 LYS A CA  1 
ATOM   1239 C C   . LYS A 1 221 ? -16.641 7.511   -7.808  1.00 45.27  ? 221 LYS A C   1 
ATOM   1240 O O   . LYS A 1 221 ? -17.078 7.168   -8.907  1.00 53.88  ? 221 LYS A O   1 
ATOM   1241 C CB  . LYS A 1 221 ? -15.998 9.953   -7.662  1.00 44.87  ? 221 LYS A CB  1 
ATOM   1242 C CG  . LYS A 1 221 ? -15.501 9.773   -9.097  1.00 58.06  ? 221 LYS A CG  1 
ATOM   1243 C CD  . LYS A 1 221 ? -14.132 9.103   -9.181  1.00 72.85  ? 221 LYS A CD  1 
ATOM   1244 C CE  . LYS A 1 221 ? -13.790 8.727   -10.626 1.00 80.03  ? 221 LYS A CE  1 
ATOM   1245 N NZ  . LYS A 1 221 ? -12.434 9.220   -10.982 1.00 79.77  ? 221 LYS A NZ  1 
ATOM   1246 N N   . GLY A 1 222 ? -15.857 6.734   -7.063  1.00 41.12  ? 222 GLY A N   1 
ATOM   1247 C CA  . GLY A 1 222 ? -15.498 5.368   -7.486  1.00 36.89  ? 222 GLY A CA  1 
ATOM   1248 C C   . GLY A 1 222 ? -16.650 4.365   -7.307  1.00 41.35  ? 222 GLY A C   1 
ATOM   1249 O O   . GLY A 1 222 ? -16.665 3.347   -7.959  1.00 47.00  ? 222 GLY A O   1 
ATOM   1250 N N   . LEU A 1 223 ? -17.623 4.670   -6.452  1.00 42.64  ? 223 LEU A N   1 
ATOM   1251 C CA  . LEU A 1 223 ? -18.732 3.751   -6.159  1.00 40.42  ? 223 LEU A CA  1 
ATOM   1252 C C   . LEU A 1 223 ? -20.040 4.004   -6.923  1.00 46.19  ? 223 LEU A C   1 
ATOM   1253 O O   . LEU A 1 223 ? -21.093 3.420   -6.582  1.00 51.18  ? 223 LEU A O   1 
ATOM   1254 C CB  . LEU A 1 223 ? -19.057 3.764   -4.659  1.00 40.30  ? 223 LEU A CB  1 
ATOM   1255 C CG  . LEU A 1 223 ? -17.962 3.207   -3.706  1.00 35.51  ? 223 LEU A CG  1 
ATOM   1256 C CD1 . LEU A 1 223 ? -18.429 3.368   -2.294  1.00 31.18  ? 223 LEU A CD1 1 
ATOM   1257 C CD2 . LEU A 1 223 ? -17.641 1.759   -4.085  1.00 31.09  ? 223 LEU A CD2 1 
ATOM   1258 N N   . LEU A 1 224 ? -19.996 4.834   -7.948  1.00 47.17  ? 224 LEU A N   1 
ATOM   1259 C CA  . LEU A 1 224 ? -21.220 5.117   -8.736  1.00 52.74  ? 224 LEU A CA  1 
ATOM   1260 C C   . LEU A 1 224 ? -21.889 3.861   -9.252  1.00 47.58  ? 224 LEU A C   1 
ATOM   1261 O O   . LEU A 1 224 ? -23.092 3.712   -9.069  1.00 56.22  ? 224 LEU A O   1 
ATOM   1262 C CB  . LEU A 1 224 ? -20.943 6.096   -9.889  1.00 50.47  ? 224 LEU A CB  1 
ATOM   1263 C CG  . LEU A 1 224 ? -20.784 7.524   -9.384  1.00 54.88  ? 224 LEU A CG  1 
ATOM   1264 C CD1 . LEU A 1 224 ? -20.074 8.361   -10.431 1.00 55.19  ? 224 LEU A CD1 1 
ATOM   1265 C CD2 . LEU A 1 224 ? -22.152 8.104   -8.992  1.00 48.65  ? 224 LEU A CD2 1 
ATOM   1266 N N   . PRO A 1 225 ? -21.109 2.944   -9.865  1.00 50.64  ? 225 PRO A N   1 
ATOM   1267 C CA  . PRO A 1 225 ? -21.653 1.651   -10.333 1.00 51.81  ? 225 PRO A CA  1 
ATOM   1268 C C   . PRO A 1 225 ? -22.217 0.780   -9.217  1.00 48.33  ? 225 PRO A C   1 
ATOM   1269 O O   . PRO A 1 225 ? -22.790 -0.242  -9.518  1.00 49.79  ? 225 PRO A O   1 
ATOM   1270 C CB  . PRO A 1 225 ? -20.429 0.933   -10.936 1.00 50.82  ? 225 PRO A CB  1 
ATOM   1271 C CG  . PRO A 1 225 ? -19.415 1.997   -11.127 1.00 51.82  ? 225 PRO A CG  1 
ATOM   1272 C CD  . PRO A 1 225 ? -19.656 3.049   -10.098 1.00 47.20  ? 225 PRO A CD  1 
ATOM   1273 N N   . HIS A 1 226 ? -22.056 1.187   -7.948  1.00 47.90  ? 226 HIS A N   1 
ATOM   1274 C CA  . HIS A 1 226 ? -22.498 0.343   -6.809  1.00 44.03  ? 226 HIS A CA  1 
ATOM   1275 C C   . HIS A 1 226 ? -23.268 1.111   -5.789  1.00 43.62  ? 226 HIS A C   1 
ATOM   1276 O O   . HIS A 1 226 ? -22.809 1.270   -4.652  1.00 49.00  ? 226 HIS A O   1 
ATOM   1277 C CB  . HIS A 1 226 ? -21.299 -0.344  -6.166  1.00 48.78  ? 226 HIS A CB  1 
ATOM   1278 C CG  . HIS A 1 226 ? -20.450 -1.089  -7.140  1.00 48.59  ? 226 HIS A CG  1 
ATOM   1279 N ND1 . HIS A 1 226 ? -20.851 -2.271  -7.702  1.00 45.93  ? 226 HIS A ND1 1 
ATOM   1280 C CD2 . HIS A 1 226 ? -19.191 -0.793  -7.661  1.00 43.44  ? 226 HIS A CD2 1 
ATOM   1281 C CE1 . HIS A 1 226 ? -19.888 -2.707  -8.540  1.00 50.88  ? 226 HIS A CE1 1 
ATOM   1282 N NE2 . HIS A 1 226 ? -18.866 -1.811  -8.510  1.00 55.27  ? 226 HIS A NE2 1 
ATOM   1283 N N   . PRO A 1 227 ? -24.455 1.582   -6.157  1.00 42.93  ? 227 PRO A N   1 
ATOM   1284 C CA  . PRO A 1 227 ? -25.199 2.624   -5.402  1.00 49.34  ? 227 PRO A CA  1 
ATOM   1285 C C   . PRO A 1 227 ? -25.539 2.249   -3.968  1.00 42.34  ? 227 PRO A C   1 
ATOM   1286 O O   . PRO A 1 227 ? -25.731 3.142   -3.136  1.00 46.64  ? 227 PRO A O   1 
ATOM   1287 C CB  . PRO A 1 227 ? -26.485 2.837   -6.240  1.00 50.65  ? 227 PRO A CB  1 
ATOM   1288 C CG  . PRO A 1 227 ? -26.600 1.619   -7.116  1.00 51.88  ? 227 PRO A CG  1 
ATOM   1289 C CD  . PRO A 1 227 ? -25.182 1.154   -7.379  1.00 49.77  ? 227 PRO A CD  1 
ATOM   1290 N N   . LEU A 1 228 ? -25.602 0.960   -3.658  1.00 40.30  ? 228 LEU A N   1 
ATOM   1291 C CA  . LEU A 1 228 ? -25.816 0.580   -2.264  1.00 40.10  ? 228 LEU A CA  1 
ATOM   1292 C C   . LEU A 1 228 ? -24.597 0.906   -1.374  1.00 41.33  ? 228 LEU A C   1 
ATOM   1293 O O   . LEU A 1 228 ? -24.740 1.400   -0.240  1.00 43.08  ? 228 LEU A O   1 
ATOM   1294 C CB  . LEU A 1 228 ? -26.200 -0.893  -2.137  1.00 46.27  ? 228 LEU A CB  1 
ATOM   1295 C CG  . LEU A 1 228 ? -27.573 -1.214  -2.790  1.00 48.13  ? 228 LEU A CG  1 
ATOM   1296 C CD1 . LEU A 1 228 ? -27.816 -2.723  -2.826  1.00 44.99  ? 228 LEU A CD1 1 
ATOM   1297 C CD2 . LEU A 1 228 ? -28.706 -0.506  -2.047  1.00 42.87  ? 228 LEU A CD2 1 
ATOM   1298 N N   . LEU A 1 229 ? -23.404 0.651   -1.891  1.00 37.13  ? 229 LEU A N   1 
ATOM   1299 C CA  . LEU A 1 229 ? -22.167 1.009   -1.181  1.00 37.15  ? 229 LEU A CA  1 
ATOM   1300 C C   . LEU A 1 229 ? -22.033 2.538   -1.167  1.00 35.24  ? 229 LEU A C   1 
ATOM   1301 O O   . LEU A 1 229 ? -21.777 3.126   -0.150  1.00 33.94  ? 229 LEU A O   1 
ATOM   1302 C CB  . LEU A 1 229 ? -20.935 0.377   -1.871  1.00 35.88  ? 229 LEU A CB  1 
ATOM   1303 C CG  . LEU A 1 229 ? -20.975 -1.165  -2.092  1.00 40.33  ? 229 LEU A CG  1 
ATOM   1304 C CD1 . LEU A 1 229 ? -19.588 -1.645  -2.513  1.00 37.59  ? 229 LEU A CD1 1 
ATOM   1305 C CD2 . LEU A 1 229 ? -21.445 -1.947  -0.889  1.00 45.20  ? 229 LEU A CD2 1 
ATOM   1306 N N   . ARG A 1 230 ? -22.272 3.148   -2.301  1.00 32.13  ? 230 ARG A N   1 
ATOM   1307 C CA  . ARG A 1 230 ? -22.125 4.596   -2.413  1.00 46.28  ? 230 ARG A CA  1 
ATOM   1308 C C   . ARG A 1 230 ? -23.074 5.292   -1.434  1.00 47.89  ? 230 ARG A C   1 
ATOM   1309 O O   . ARG A 1 230 ? -22.642 6.158   -0.674  1.00 47.39  ? 230 ARG A O   1 
ATOM   1310 C CB  . ARG A 1 230 ? -22.354 5.037   -3.852  1.00 42.05  ? 230 ARG A CB  1 
ATOM   1311 C CG  . ARG A 1 230 ? -22.245 6.530   -4.037  1.00 43.75  ? 230 ARG A CG  1 
ATOM   1312 C CD  . ARG A 1 230 ? -22.290 6.917   -5.488  1.00 44.86  ? 230 ARG A CD  1 
ATOM   1313 N NE  . ARG A 1 230 ? -21.869 8.307   -5.701  1.00 48.51  ? 230 ARG A NE  1 
ATOM   1314 C CZ  . ARG A 1 230 ? -22.624 9.383   -5.440  1.00 53.30  ? 230 ARG A CZ  1 
ATOM   1315 N NH1 . ARG A 1 230 ? -23.845 9.254   -4.954  1.00 49.43  ? 230 ARG A NH1 1 
ATOM   1316 N NH2 . ARG A 1 230 ? -22.164 10.600  -5.685  1.00 48.64  ? 230 ARG A NH2 1 
ATOM   1317 N N   . ASN A 1 231 ? -24.343 4.870   -1.402  1.00 50.97  ? 231 ASN A N   1 
ATOM   1318 C CA  . ASN A 1 231 ? -25.312 5.478   -0.458  1.00 46.72  ? 231 ASN A CA  1 
ATOM   1319 C C   . ASN A 1 231 ? -24.954 5.269   0.973   1.00 45.71  ? 231 ASN A C   1 
ATOM   1320 O O   . ASN A 1 231 ? -25.205 6.134   1.817   1.00 47.27  ? 231 ASN A O   1 
ATOM   1321 C CB  . ASN A 1 231 ? -26.747 4.969   -0.707  1.00 48.25  ? 231 ASN A CB  1 
ATOM   1322 C CG  . ASN A 1 231 ? -27.277 5.405   -2.067  1.00 55.39  ? 231 ASN A CG  1 
ATOM   1323 O OD1 . ASN A 1 231 ? -26.883 6.452   -2.585  1.00 54.80  ? 231 ASN A OD1 1 
ATOM   1324 N ND2 . ASN A 1 231 ? -28.157 4.600   -2.653  1.00 52.56  ? 231 ASN A ND2 1 
ATOM   1325 N N   . LYS A 1 232 ? -24.360 4.120   1.282   1.00 41.09  ? 232 LYS A N   1 
ATOM   1326 C CA  . LYS A 1 232 ? -23.953 3.900   2.677   1.00 41.99  ? 232 LYS A CA  1 
ATOM   1327 C C   . LYS A 1 232 ? -22.839 4.885   3.054   1.00 40.23  ? 232 LYS A C   1 
ATOM   1328 O O   . LYS A 1 232 ? -22.895 5.522   4.116   1.00 39.61  ? 232 LYS A O   1 
ATOM   1329 C CB  . LYS A 1 232 ? -23.508 2.457   2.892   1.00 48.54  ? 232 LYS A CB  1 
ATOM   1330 C CG  . LYS A 1 232 ? -22.554 2.291   4.063   1.00 50.99  ? 232 LYS A CG  1 
ATOM   1331 C CD  . LYS A 1 232 ? -22.250 0.840   4.387   1.00 54.37  ? 232 LYS A CD  1 
ATOM   1332 C CE  . LYS A 1 232 ? -21.464 0.775   5.696   1.00 52.96  ? 232 LYS A CE  1 
ATOM   1333 N NZ  . LYS A 1 232 ? -22.094 1.733   6.661   1.00 59.45  ? 232 LYS A NZ  1 
ATOM   1334 N N   . VAL A 1 233 ? -21.832 5.013   2.192   1.00 37.18  ? 233 VAL A N   1 
ATOM   1335 C CA  . VAL A 1 233 ? -20.761 6.001   2.406   1.00 39.12  ? 233 VAL A CA  1 
ATOM   1336 C C   . VAL A 1 233 ? -21.322 7.440   2.537   1.00 38.98  ? 233 VAL A C   1 
ATOM   1337 O O   . VAL A 1 233 ? -20.950 8.184   3.441   1.00 33.34  ? 233 VAL A O   1 
ATOM   1338 C CB  . VAL A 1 233 ? -19.750 5.972   1.262   1.00 38.91  ? 233 VAL A CB  1 
ATOM   1339 C CG1 . VAL A 1 233 ? -18.795 7.180   1.365   1.00 38.73  ? 233 VAL A CG1 1 
ATOM   1340 C CG2 . VAL A 1 233 ? -18.964 4.674   1.306   1.00 38.48  ? 233 VAL A CG2 1 
ATOM   1341 N N   . LYS A 1 234 ? -22.221 7.788   1.622   1.00 38.73  ? 234 LYS A N   1 
ATOM   1342 C CA  . LYS A 1 234 ? -22.890 9.108   1.622   1.00 44.19  ? 234 LYS A CA  1 
ATOM   1343 C C   . LYS A 1 234 ? -23.566 9.363   2.975   1.00 41.11  ? 234 LYS A C   1 
ATOM   1344 O O   . LYS A 1 234 ? -23.494 10.437  3.526   1.00 40.31  ? 234 LYS A O   1 
ATOM   1345 C CB  . LYS A 1 234 ? -23.890 9.155   0.467   1.00 44.70  ? 234 LYS A CB  1 
ATOM   1346 C CG  . LYS A 1 234 ? -24.522 10.493  0.201   1.00 56.74  ? 234 LYS A CG  1 
ATOM   1347 C CD  . LYS A 1 234 ? -24.864 10.607  -1.279  1.00 61.97  ? 234 LYS A CD  1 
ATOM   1348 C CE  . LYS A 1 234 ? -26.064 11.517  -1.527  1.00 75.31  ? 234 LYS A CE  1 
ATOM   1349 N NZ  . LYS A 1 234 ? -27.290 11.051  -0.816  1.00 82.24  ? 234 LYS A NZ  1 
ATOM   1350 N N   . LYS A 1 235 ? -24.163 8.325   3.533   1.00 39.74  ? 235 LYS A N   1 
ATOM   1351 C CA  . LYS A 1 235 ? -24.856 8.437   4.813   1.00 41.54  ? 235 LYS A CA  1 
ATOM   1352 C C   . LYS A 1 235 ? -23.888 8.503   5.959   1.00 41.34  ? 235 LYS A C   1 
ATOM   1353 O O   . LYS A 1 235 ? -24.164 9.188   6.941   1.00 48.86  ? 235 LYS A O   1 
ATOM   1354 C CB  . LYS A 1 235 ? -25.824 7.257   4.999   1.00 44.17  ? 235 LYS A CB  1 
ATOM   1355 C CG  . LYS A 1 235 ? -26.501 7.189   6.379   1.00 48.69  ? 235 LYS A CG  1 
ATOM   1356 C CD  . LYS A 1 235 ? -27.894 6.597   6.244   1.00 56.70  ? 235 LYS A CD  1 
ATOM   1357 C CE  . LYS A 1 235 ? -28.046 5.220   6.895   1.00 62.10  ? 235 LYS A CE  1 
ATOM   1358 N NZ  . LYS A 1 235 ? -28.232 5.340   8.377   1.00 57.92  ? 235 LYS A NZ  1 
ATOM   1359 N N   . ASP A 1 236 ? -22.762 7.784   5.869   1.00 42.13  ? 236 ASP A N   1 
ATOM   1360 C CA  . ASP A 1 236 ? -21.760 7.860   6.934   1.00 41.80  ? 236 ASP A CA  1 
ATOM   1361 C C   . ASP A 1 236 ? -21.238 9.303   6.995   1.00 39.27  ? 236 ASP A C   1 
ATOM   1362 O O   . ASP A 1 236 ? -21.018 9.844   8.074   1.00 42.39  ? 236 ASP A O   1 
ATOM   1363 C CB  . ASP A 1 236 ? -20.594 6.903   6.669   1.00 39.90  ? 236 ASP A CB  1 
ATOM   1364 C CG  . ASP A 1 236 ? -20.963 5.442   6.861   1.00 46.26  ? 236 ASP A CG  1 
ATOM   1365 O OD1 . ASP A 1 236 ? -22.055 5.139   7.384   1.00 49.85  ? 236 ASP A OD1 1 
ATOM   1366 O OD2 . ASP A 1 236 ? -20.138 4.563   6.492   1.00 49.95  ? 236 ASP A OD2 1 
ATOM   1367 N N   . PHE A 1 237 ? -21.058 9.917   5.836   1.00 36.34  ? 237 PHE A N   1 
ATOM   1368 C CA  . PHE A 1 237 ? -20.544 11.261  5.804   1.00 39.84  ? 237 PHE A CA  1 
ATOM   1369 C C   . PHE A 1 237 ? -21.502 12.258  6.461   1.00 49.61  ? 237 PHE A C   1 
ATOM   1370 O O   . PHE A 1 237 ? -21.100 13.020  7.357   1.00 50.17  ? 237 PHE A O   1 
ATOM   1371 C CB  . PHE A 1 237 ? -20.262 11.721  4.380   1.00 49.92  ? 237 PHE A CB  1 
ATOM   1372 C CG  . PHE A 1 237 ? -19.536 13.034  4.320   1.00 51.41  ? 237 PHE A CG  1 
ATOM   1373 C CD1 . PHE A 1 237 ? -18.145 13.085  4.386   1.00 54.93  ? 237 PHE A CD1 1 
ATOM   1374 C CD2 . PHE A 1 237 ? -20.240 14.234  4.250   1.00 57.47  ? 237 PHE A CD2 1 
ATOM   1375 C CE1 . PHE A 1 237 ? -17.468 14.297  4.349   1.00 57.62  ? 237 PHE A CE1 1 
ATOM   1376 C CE2 . PHE A 1 237 ? -19.560 15.454  4.220   1.00 50.75  ? 237 PHE A CE2 1 
ATOM   1377 C CZ  . PHE A 1 237 ? -18.181 15.484  4.265   1.00 54.19  ? 237 PHE A CZ  1 
ATOM   1378 N N   . GLU A 1 238 ? -22.762 12.263  6.005   1.00 50.96  ? 238 GLU A N   1 
ATOM   1379 C CA  . GLU A 1 238 ? -23.750 13.204  6.514   1.00 54.61  ? 238 GLU A CA  1 
ATOM   1380 C C   . GLU A 1 238 ? -23.880 13.062  8.008   1.00 47.01  ? 238 GLU A C   1 
ATOM   1381 O O   . GLU A 1 238 ? -24.117 14.033  8.702   1.00 57.19  ? 238 GLU A O   1 
ATOM   1382 C CB  . GLU A 1 238 ? -25.112 12.993  5.840   1.00 56.44  ? 238 GLU A CB  1 
ATOM   1383 C CG  . GLU A 1 238 ? -25.108 13.241  4.341   1.00 62.09  ? 238 GLU A CG  1 
ATOM   1384 C CD  . GLU A 1 238 ? -26.381 12.720  3.664   1.00 85.61  ? 238 GLU A CD  1 
ATOM   1385 O OE1 . GLU A 1 238 ? -27.215 12.067  4.347   1.00 90.47  ? 238 GLU A OE1 1 
ATOM   1386 O OE2 . GLU A 1 238 ? -26.560 12.955  2.440   1.00 80.18  ? 238 GLU A OE2 1 
ATOM   1387 N N   . GLU A 1 239 ? -23.712 11.843  8.515   1.00 52.00  ? 239 GLU A N   1 
ATOM   1388 C CA  . GLU A 1 239 ? -23.875 11.604  9.945   1.00 50.59  ? 239 GLU A CA  1 
ATOM   1389 C C   . GLU A 1 239 ? -22.633 12.009  10.729  1.00 61.15  ? 239 GLU A C   1 
ATOM   1390 O O   . GLU A 1 239 ? -22.712 12.282  11.928  1.00 70.15  ? 239 GLU A O   1 
ATOM   1391 C CB  . GLU A 1 239 ? -24.272 10.160  10.196  1.00 53.04  ? 239 GLU A CB  1 
ATOM   1392 C CG  . GLU A 1 239 ? -23.114 9.244   10.530  1.00 68.61  ? 239 GLU A CG  1 
ATOM   1393 C CD  . GLU A 1 239 ? -23.062 8.844   11.977  1.00 77.12  ? 239 GLU A CD  1 
ATOM   1394 O OE1 . GLU A 1 239 ? -22.498 7.763   12.266  1.00 82.08  ? 239 GLU A OE1 1 
ATOM   1395 O OE2 . GLU A 1 239 ? -23.613 9.584   12.819  1.00 80.36  ? 239 GLU A OE2 1 
ATOM   1396 N N   . LEU A 1 240 ? -21.482 12.057  10.059  1.00 56.73  ? 240 LEU A N   1 
ATOM   1397 C CA  . LEU A 1 240 ? -20.220 12.379  10.723  1.00 58.90  ? 240 LEU A CA  1 
ATOM   1398 C C   . LEU A 1 240 ? -19.880 13.843  10.589  1.00 64.36  ? 240 LEU A C   1 
ATOM   1399 O O   . LEU A 1 240 ? -19.133 14.396  11.402  1.00 70.26  ? 240 LEU A O   1 
ATOM   1400 C CB  . LEU A 1 240 ? -19.073 11.539  10.141  1.00 53.47  ? 240 LEU A CB  1 
ATOM   1401 C CG  . LEU A 1 240 ? -19.059 10.067  10.608  1.00 62.28  ? 240 LEU A CG  1 
ATOM   1402 C CD1 . LEU A 1 240 ? -18.104 9.257   9.727   1.00 53.20  ? 240 LEU A CD1 1 
ATOM   1403 C CD2 . LEU A 1 240 ? -18.675 9.945   12.084  1.00 53.63  ? 240 LEU A CD2 1 
ATOM   1404 N N   . PHE A 1 241 ? -20.430 14.475  9.561   1.00 61.19  ? 241 PHE A N   1 
ATOM   1405 C CA  . PHE A 1 241 ? -20.159 15.898  9.306   1.00 69.18  ? 241 PHE A CA  1 
ATOM   1406 C C   . PHE A 1 241 ? -21.433 16.620  8.897   1.00 62.48  ? 241 PHE A C   1 
ATOM   1407 O O   . PHE A 1 241 ? -21.553 17.062  7.756   1.00 57.83  ? 241 PHE A O   1 
ATOM   1408 C CB  . PHE A 1 241 ? -19.089 16.056  8.237   1.00 62.38  ? 241 PHE A CB  1 
ATOM   1409 C CG  . PHE A 1 241 ? -17.846 15.267  8.518   1.00 75.24  ? 241 PHE A CG  1 
ATOM   1410 C CD1 . PHE A 1 241 ? -17.066 15.535  9.663   1.00 71.02  ? 241 PHE A CD1 1 
ATOM   1411 C CD2 . PHE A 1 241 ? -17.449 14.248  7.643   1.00 72.58  ? 241 PHE A CD2 1 
ATOM   1412 C CE1 . PHE A 1 241 ? -15.909 14.803  9.926   1.00 80.63  ? 241 PHE A CE1 1 
ATOM   1413 C CE2 . PHE A 1 241 ? -16.298 13.512  7.902   1.00 88.35  ? 241 PHE A CE2 1 
ATOM   1414 C CZ  . PHE A 1 241 ? -15.526 13.794  9.043   1.00 89.91  ? 241 PHE A CZ  1 
ATOM   1415 N N   . PRO A 1 242 ? -22.382 16.731  9.843   1.00 66.22  ? 242 PRO A N   1 
ATOM   1416 C CA  . PRO A 1 242 ? -23.690 17.326  9.552   1.00 70.95  ? 242 PRO A CA  1 
ATOM   1417 C C   . PRO A 1 242 ? -23.529 18.732  8.981   1.00 67.14  ? 242 PRO A C   1 
ATOM   1418 O O   . PRO A 1 242 ? -24.182 19.091  7.998   1.00 69.00  ? 242 PRO A O   1 
ATOM   1419 C CB  . PRO A 1 242 ? -24.366 17.386  10.931  1.00 71.48  ? 242 PRO A CB  1 
ATOM   1420 C CG  . PRO A 1 242 ? -23.630 16.392  11.779  1.00 71.80  ? 242 PRO A CG  1 
ATOM   1421 C CD  . PRO A 1 242 ? -22.221 16.396  11.272  1.00 65.30  ? 242 PRO A CD  1 
ATOM   1422 N N   . GLU A 1 243 ? -22.654 19.513  9.607   1.00 70.28  ? 243 GLU A N   1 
ATOM   1423 C CA  . GLU A 1 243 ? -22.438 20.892  9.201   1.00 74.74  ? 243 GLU A CA  1 
ATOM   1424 C C   . GLU A 1 243 ? -21.698 20.912  7.876   1.00 74.43  ? 243 GLU A C   1 
ATOM   1425 O O   . GLU A 1 243 ? -22.114 21.609  6.938   1.00 84.51  ? 243 GLU A O   1 
ATOM   1426 C CB  . GLU A 1 243 ? -21.654 21.640  10.265  1.00 78.07  ? 243 GLU A CB  1 
ATOM   1427 C CG  . GLU A 1 243 ? -21.979 23.124  10.337  1.00 81.97  ? 243 GLU A CG  1 
ATOM   1428 C CD  . GLU A 1 243 ? -21.752 23.680  11.722  1.00 80.97  ? 243 GLU A CD  1 
ATOM   1429 O OE1 . GLU A 1 243 ? -20.600 23.582  12.202  1.00 80.84  ? 243 GLU A OE1 1 
ATOM   1430 O OE2 . GLU A 1 243 ? -22.724 24.210  12.329  1.00 72.90  ? 243 GLU A OE2 1 
ATOM   1431 N N   . LYS A 1 244 ? -20.619 20.131  7.787   1.00 68.08  ? 244 LYS A N   1 
ATOM   1432 C CA  . LYS A 1 244 ? -19.817 20.119  6.572   1.00 66.59  ? 244 LYS A CA  1 
ATOM   1433 C C   . LYS A 1 244 ? -20.544 19.484  5.381   1.00 57.58  ? 244 LYS A C   1 
ATOM   1434 O O   . LYS A 1 244 ? -20.316 19.871  4.239   1.00 56.13  ? 244 LYS A O   1 
ATOM   1435 C CB  . LYS A 1 244 ? -18.454 19.442  6.792   1.00 68.37  ? 244 LYS A CB  1 
ATOM   1436 C CG  . LYS A 1 244 ? -17.462 19.722  5.656   1.00 57.27  ? 244 LYS A CG  1 
ATOM   1437 C CD  . LYS A 1 244 ? -16.008 19.521  6.096   1.00 63.97  ? 244 LYS A CD  1 
ATOM   1438 C CE  . LYS A 1 244 ? -15.585 20.539  7.150   1.00 67.74  ? 244 LYS A CE  1 
ATOM   1439 N NZ  . LYS A 1 244 ? -14.105 20.646  7.311   1.00 75.62  ? 244 LYS A NZ  1 
ATOM   1440 N N   . HIS A 1 245 ? -21.401 18.493  5.640   1.00 61.33  ? 245 HIS A N   1 
ATOM   1441 C CA  . HIS A 1 245 ? -22.144 17.855  4.551   1.00 63.11  ? 245 HIS A CA  1 
ATOM   1442 C C   . HIS A 1 245 ? -22.943 18.925  3.847   1.00 60.31  ? 245 HIS A C   1 
ATOM   1443 O O   . HIS A 1 245 ? -23.104 18.909  2.632   1.00 55.40  ? 245 HIS A O   1 
ATOM   1444 C CB  . HIS A 1 245 ? -23.047 16.733  5.073   1.00 66.72  ? 245 HIS A CB  1 
ATOM   1445 C CG  . HIS A 1 245 ? -24.514 17.044  4.988   1.00 83.91  ? 245 HIS A CG  1 
ATOM   1446 N ND1 . HIS A 1 245 ? -25.192 17.686  5.988   1.00 90.56  ? 245 HIS A ND1 1 
ATOM   1447 C CD2 . HIS A 1 245 ? -25.437 16.803  3.976   1.00 79.00  ? 245 HIS A CD2 1 
ATOM   1448 C CE1 . HIS A 1 245 ? -26.478 17.842  5.625   1.00 83.01  ? 245 HIS A CE1 1 
ATOM   1449 N NE2 . HIS A 1 245 ? -26.629 17.309  4.393   1.00 88.55  ? 245 HIS A NE2 1 
ATOM   1450 N N   . ALA A 1 246 ? -23.424 19.884  4.640   1.00 65.92  ? 246 ALA A N   1 
ATOM   1451 C CA  . ALA A 1 246 ? -24.372 20.892  4.171   1.00 70.90  ? 246 ALA A CA  1 
ATOM   1452 C C   . ALA A 1 246 ? -23.763 21.882  3.167   1.00 61.22  ? 246 ALA A C   1 
ATOM   1453 O O   . ALA A 1 246 ? -24.325 22.119  2.109   1.00 61.54  ? 246 ALA A O   1 
ATOM   1454 C CB  . ALA A 1 246 ? -24.993 21.626  5.358   1.00 70.10  ? 246 ALA A CB  1 
ATOM   1455 N N   . TYR A 1 247 ? -22.614 22.464  3.499   1.00 57.86  ? 247 TYR A N   1 
ATOM   1456 C CA  . TYR A 1 247 ? -22.033 23.472  2.621   1.00 60.51  ? 247 TYR A CA  1 
ATOM   1457 C C   . TYR A 1 247 ? -20.901 22.949  1.732   1.00 61.82  ? 247 TYR A C   1 
ATOM   1458 O O   . TYR A 1 247 ? -20.406 23.652  0.857   1.00 60.56  ? 247 TYR A O   1 
ATOM   1459 C CB  . TYR A 1 247 ? -21.617 24.703  3.418   1.00 59.16  ? 247 TYR A CB  1 
ATOM   1460 C CG  . TYR A 1 247 ? -20.473 24.466  4.361   1.00 63.36  ? 247 TYR A CG  1 
ATOM   1461 C CD1 . TYR A 1 247 ? -19.155 24.456  3.877   1.00 54.03  ? 247 TYR A CD1 1 
ATOM   1462 C CD2 . TYR A 1 247 ? -20.697 24.273  5.746   1.00 54.70  ? 247 TYR A CD2 1 
ATOM   1463 C CE1 . TYR A 1 247 ? -18.092 24.254  4.727   1.00 54.28  ? 247 TYR A CE1 1 
ATOM   1464 C CE2 . TYR A 1 247 ? -19.627 24.068  6.615   1.00 54.01  ? 247 TYR A CE2 1 
ATOM   1465 C CZ  . TYR A 1 247 ? -18.314 24.083  6.096   1.00 59.36  ? 247 TYR A CZ  1 
ATOM   1466 O OH  . TYR A 1 247 ? -17.163 23.894  6.865   1.00 52.36  ? 247 TYR A OH  1 
ATOM   1467 N N   . ASP A 1 248 ? -20.505 21.701  1.965   1.00 56.91  ? 248 ASP A N   1 
ATOM   1468 C CA  . ASP A 1 248 ? -19.467 21.075  1.164   1.00 62.01  ? 248 ASP A CA  1 
ATOM   1469 C C   . ASP A 1 248 ? -19.753 19.576  1.012   1.00 68.56  ? 248 ASP A C   1 
ATOM   1470 O O   . ASP A 1 248 ? -19.242 18.752  1.794   1.00 58.29  ? 248 ASP A O   1 
ATOM   1471 C CB  . ASP A 1 248 ? -18.094 21.303  1.799   1.00 59.10  ? 248 ASP A CB  1 
ATOM   1472 C CG  . ASP A 1 248 ? -16.951 20.815  0.905   1.00 62.46  ? 248 ASP A CG  1 
ATOM   1473 O OD1 . ASP A 1 248 ? -17.190 20.514  -0.289  1.00 60.97  ? 248 ASP A OD1 1 
ATOM   1474 O OD2 . ASP A 1 248 ? -15.811 20.750  1.406   1.00 57.19  ? 248 ASP A OD2 1 
ATOM   1475 N N   . PRO A 1 249 ? -20.601 19.224  0.022   1.00 69.42  ? 249 PRO A N   1 
ATOM   1476 C CA  . PRO A 1 249 ? -20.863 17.804  -0.247  1.00 70.64  ? 249 PRO A CA  1 
ATOM   1477 C C   . PRO A 1 249 ? -19.628 17.141  -0.902  1.00 71.37  ? 249 PRO A C   1 
ATOM   1478 O O   . PRO A 1 249 ? -19.042 17.688  -1.863  1.00 67.64  ? 249 PRO A O   1 
ATOM   1479 C CB  . PRO A 1 249 ? -22.037 17.837  -1.227  1.00 63.40  ? 249 PRO A CB  1 
ATOM   1480 C CG  . PRO A 1 249 ? -22.588 19.226  -1.153  1.00 68.66  ? 249 PRO A CG  1 
ATOM   1481 C CD  . PRO A 1 249 ? -21.415 20.103  -0.833  1.00 64.79  ? 249 PRO A CD  1 
ATOM   1482 N N   . PRO A 1 250 ? -19.211 15.984  -0.365  1.00 63.24  ? 250 PRO A N   1 
ATOM   1483 C CA  . PRO A 1 250 ? -18.219 15.169  -1.071  1.00 70.37  ? 250 PRO A CA  1 
ATOM   1484 C C   . PRO A 1 250 ? -18.948 14.400  -2.175  1.00 73.07  ? 250 PRO A C   1 
ATOM   1485 O O   . PRO A 1 250 ? -18.345 14.076  -3.203  1.00 65.06  ? 250 PRO A O   1 
ATOM   1486 C CB  . PRO A 1 250 ? -17.687 14.228  0.018   1.00 67.39  ? 250 PRO A CB  1 
ATOM   1487 C CG  . PRO A 1 250 ? -18.833 14.113  1.013   1.00 70.04  ? 250 PRO A CG  1 
ATOM   1488 C CD  . PRO A 1 250 ? -19.641 15.386  0.918   1.00 61.27  ? 250 PRO A CD  1 
ATOM   1489 N N   . GLU A 1 251 ? -20.247 14.162  -1.951  1.00 84.16  ? 251 GLU A N   1 
ATOM   1490 C CA  . GLU A 1 251 ? -21.148 13.509  -2.905  1.00 88.88  ? 251 GLU A CA  1 
ATOM   1491 C C   . GLU A 1 251 ? -21.199 14.277  -4.214  1.00 95.01  ? 251 GLU A C   1 
ATOM   1492 O O   . GLU A 1 251 ? -21.159 13.685  -5.285  1.00 95.75  ? 251 GLU A O   1 
ATOM   1493 C CB  . GLU A 1 251 ? -22.579 13.442  -2.332  1.00 84.37  ? 251 GLU A CB  1 
ATOM   1494 C CG  . GLU A 1 251 ? -22.704 13.726  -0.837  1.00 75.55  ? 251 GLU A CG  1 
ATOM   1495 C CD  . GLU A 1 251 ? -24.001 14.422  -0.487  1.00 78.99  ? 251 GLU A CD  1 
ATOM   1496 O OE1 . GLU A 1 251 ? -24.494 15.189  -1.328  1.00 88.83  ? 251 GLU A OE1 1 
ATOM   1497 O OE2 . GLU A 1 251 ? -24.542 14.221  0.621   1.00 75.95  ? 251 GLU A OE2 1 
ATOM   1498 N N   . GLU A 1 252 ? -21.309 15.603  -4.108  1.00 95.12  ? 252 GLU A N   1 
ATOM   1499 C CA  . GLU A 1 252 ? -21.434 16.498  -5.262  1.00 94.78  ? 252 GLU A CA  1 
ATOM   1500 C C   . GLU A 1 252 ? -20.495 16.142  -6.431  1.00 94.03  ? 252 GLU A C   1 
ATOM   1501 O O   . GLU A 1 252 ? -19.320 15.818  -6.221  1.00 88.40  ? 252 GLU A O   1 
ATOM   1502 C CB  . GLU A 1 252 ? -21.192 17.935  -4.802  1.00 94.62  ? 252 GLU A CB  1 
ATOM   1503 C CG  . GLU A 1 252 ? -20.395 18.793  -5.773  1.00 92.60  ? 252 GLU A CG  1 
ATOM   1504 C CD  . GLU A 1 252 ? -20.637 20.272  -5.583  1.00 90.76  ? 252 GLU A CD  1 
ATOM   1505 O OE1 . GLU A 1 252 ? -20.691 20.722  -4.409  1.00 85.08  ? 252 GLU A OE1 1 
ATOM   1506 O OE2 . GLU A 1 252 ? -20.773 20.971  -6.619  1.00 77.76  ? 252 GLU A OE2 1 
HETATM 1507 O O   . HOH B 2 .   ? 14.245  0.635   11.169  1.00 31.72  ? 301 HOH A O   1 
HETATM 1508 O O   . HOH B 2 .   ? 25.709  -6.373  -1.990  1.00 33.07  ? 302 HOH A O   1 
HETATM 1509 O O   . HOH B 2 .   ? 11.896  2.126   0.580   1.00 33.22  ? 303 HOH A O   1 
HETATM 1510 O O   . HOH B 2 .   ? 23.989  1.736   -2.755  1.00 38.60  ? 304 HOH A O   1 
HETATM 1511 O O   . HOH B 2 .   ? 6.365   -6.723  9.967   1.00 42.82  ? 305 HOH A O   1 
HETATM 1512 O O   . HOH B 2 .   ? 8.120   -0.681  1.048   1.00 31.86  ? 306 HOH A O   1 
HETATM 1513 O O   . HOH B 2 .   ? 24.705  -1.390  1.467   1.00 45.76  ? 307 HOH A O   1 
HETATM 1514 O O   . HOH B 2 .   ? 16.577  -1.097  -13.015 1.00 40.84  ? 308 HOH A O   1 
HETATM 1515 O O   . HOH B 2 .   ? 4.640   3.783   11.137  1.00 35.70  ? 309 HOH A O   1 
HETATM 1516 O O   . HOH B 2 .   ? 4.471   2.365   -4.179  1.00 34.93  ? 310 HOH A O   1 
HETATM 1517 O O   . HOH B 2 .   ? -19.855 2.168   7.907   1.00 36.61  ? 311 HOH A O   1 
HETATM 1518 O O   . HOH B 2 .   ? 10.792  -3.090  -14.622 1.00 28.43  ? 312 HOH A O   1 
HETATM 1519 O O   . HOH B 2 .   ? 24.025  -6.824  -11.188 1.00 38.91  ? 313 HOH A O   1 
HETATM 1520 O O   . HOH B 2 .   ? 15.390  -14.265 -14.895 1.00 45.57  ? 314 HOH A O   1 
HETATM 1521 O O   . HOH B 2 .   ? 7.205   -2.546  7.862   1.00 37.62  ? 315 HOH A O   1 
HETATM 1522 O O   . HOH B 2 .   ? -4.466  0.290   -8.577  1.00 42.62  ? 316 HOH A O   1 
HETATM 1523 O O   . HOH B 2 .   ? 12.034  -0.747  9.612   1.00 36.33  ? 317 HOH A O   1 
HETATM 1524 O O   . HOH B 2 .   ? 20.844  -4.882  6.877   1.00 36.74  ? 318 HOH A O   1 
HETATM 1525 O O   . HOH B 2 .   ? -9.145  10.344  6.611   1.00 34.37  ? 319 HOH A O   1 
HETATM 1526 O O   . HOH B 2 .   ? 10.077  -9.449  11.531  1.00 45.78  ? 320 HOH A O   1 
HETATM 1527 O O   . HOH B 2 .   ? -16.457 -3.536  4.543   1.00 34.79  ? 321 HOH A O   1 
HETATM 1528 O O   . HOH B 2 .   ? 21.879  2.495   6.225   1.00 37.28  ? 322 HOH A O   1 
HETATM 1529 O O   . HOH B 2 .   ? 18.801  -6.409  -15.018 1.00 32.10  ? 323 HOH A O   1 
HETATM 1530 O O   . HOH B 2 .   ? -4.622  5.776   11.964  1.00 44.25  ? 324 HOH A O   1 
HETATM 1531 O O   . HOH B 2 .   ? 6.311   0.218   14.431  1.00 44.55  ? 325 HOH A O   1 
HETATM 1532 O O   . HOH B 2 .   ? -8.855  -8.906  -2.656  1.00 39.93  ? 326 HOH A O   1 
HETATM 1533 O O   . HOH B 2 .   ? 17.188  4.594   1.391   1.00 35.82  ? 327 HOH A O   1 
HETATM 1534 O O   . HOH B 2 .   ? -14.761 -5.955  -4.656  1.00 44.50  ? 328 HOH A O   1 
HETATM 1535 O O   . HOH B 2 .   ? 13.411  4.665   -6.553  1.00 38.77  ? 329 HOH A O   1 
HETATM 1536 O O   . HOH B 2 .   ? 5.045   3.255   -9.979  1.00 41.98  ? 330 HOH A O   1 
HETATM 1537 O O   . HOH B 2 .   ? -15.745 1.088   10.741  1.00 41.58  ? 331 HOH A O   1 
HETATM 1538 O O   . HOH B 2 .   ? 20.751  -7.746  10.164  1.00 45.28  ? 332 HOH A O   1 
HETATM 1539 O O   . HOH B 2 .   ? 14.682  3.949   -4.219  1.00 35.23  ? 333 HOH A O   1 
HETATM 1540 O O   . HOH B 2 .   ? -24.434 -1.951  -4.746  1.00 48.84  ? 334 HOH A O   1 
HETATM 1541 O O   . HOH B 2 .   ? 0.439   0.418   -12.896 1.00 37.22  ? 335 HOH A O   1 
HETATM 1542 O O   . HOH B 2 .   ? -6.202  -11.147 0.552   1.00 41.13  ? 336 HOH A O   1 
HETATM 1543 O O   . HOH B 2 .   ? 0.405   6.699   7.136   1.00 42.18  ? 337 HOH A O   1 
HETATM 1544 O O   . HOH B 2 .   ? 14.168  -3.043  -17.044 1.00 38.40  ? 338 HOH A O   1 
HETATM 1545 O O   . HOH B 2 .   ? -5.840  -7.503  10.376  1.00 51.89  ? 339 HOH A O   1 
HETATM 1546 O O   . HOH B 2 .   ? 10.612  -12.345 6.506   1.00 39.36  ? 340 HOH A O   1 
HETATM 1547 O O   . HOH B 2 .   ? 25.922  -3.981  8.602   1.00 47.48  ? 341 HOH A O   1 
HETATM 1548 O O   . HOH B 2 .   ? 23.563  -16.068 -11.315 1.00 64.00  ? 342 HOH A O   1 
HETATM 1549 O O   . HOH B 2 .   ? 14.147  -13.919 2.991   1.00 53.23  ? 343 HOH A O   1 
HETATM 1550 O O   . HOH B 2 .   ? -12.681 -6.517  -3.754  1.00 50.03  ? 344 HOH A O   1 
HETATM 1551 O O   . HOH B 2 .   ? -11.500 3.917   -10.113 1.00 48.80  ? 345 HOH A O   1 
HETATM 1552 O O   . HOH B 2 .   ? 2.361   3.879   12.971  1.00 46.54  ? 346 HOH A O   1 
HETATM 1553 O O   . HOH B 2 .   ? 24.817  -11.049 1.455   1.00 52.69  ? 347 HOH A O   1 
HETATM 1554 O O   . HOH B 2 .   ? 22.836  -16.763 -8.107  1.00 40.00  ? 348 HOH A O   1 
HETATM 1555 O O   . HOH B 2 .   ? 3.401   4.568   -2.693  1.00 50.45  ? 349 HOH A O   1 
HETATM 1556 O O   . HOH B 2 .   ? 25.531  -4.985  -4.045  1.00 44.06  ? 350 HOH A O   1 
HETATM 1557 O O   . HOH B 2 .   ? -16.113 -4.826  2.076   1.00 37.95  ? 351 HOH A O   1 
HETATM 1558 O O   . HOH B 2 .   ? -8.544  1.455   12.195  1.00 47.37  ? 352 HOH A O   1 
HETATM 1559 O O   . HOH B 2 .   ? -3.787  12.064  8.905   1.00 45.43  ? 353 HOH A O   1 
HETATM 1560 O O   . HOH B 2 .   ? 13.913  -23.263 -8.417  1.00 58.33  ? 354 HOH A O   1 
HETATM 1561 O O   . HOH B 2 .   ? 17.401  1.178   -11.210 1.00 53.24  ? 355 HOH A O   1 
HETATM 1562 O O   . HOH B 2 .   ? -6.609  1.504   10.217  1.00 41.62  ? 356 HOH A O   1 
HETATM 1563 O O   . HOH B 2 .   ? -9.972  8.245   10.300  1.00 48.43  ? 357 HOH A O   1 
HETATM 1564 O O   . HOH B 2 .   ? 23.312  -3.370  8.729   1.00 44.94  ? 358 HOH A O   1 
HETATM 1565 O O   . HOH B 2 .   ? 15.068  -22.518 -10.370 1.00 54.45  ? 359 HOH A O   1 
HETATM 1566 O O   . HOH B 2 .   ? 12.060  -6.375  14.713  1.00 51.24  ? 360 HOH A O   1 
HETATM 1567 O O   . HOH B 2 .   ? 0.540   8.305   3.018   1.00 52.25  ? 361 HOH A O   1 
HETATM 1568 O O   . HOH B 2 .   ? 14.479  -16.979 -2.891  1.00 46.29  ? 362 HOH A O   1 
HETATM 1569 O O   . HOH B 2 .   ? -18.521 -1.794  4.686   1.00 50.35  ? 363 HOH A O   1 
HETATM 1570 O O   . HOH B 2 .   ? -4.896  -1.484  17.178  1.00 58.69  ? 364 HOH A O   1 
HETATM 1571 O O   . HOH B 2 .   ? 3.096   3.241   15.349  1.00 42.90  ? 365 HOH A O   1 
HETATM 1572 O O   . HOH B 2 .   ? 14.021  -17.947 -5.213  1.00 54.35  ? 366 HOH A O   1 
HETATM 1573 O O   . HOH B 2 .   ? -14.156 0.029   -8.234  1.00 46.05  ? 367 HOH A O   1 
HETATM 1574 O O   . HOH B 2 .   ? -2.544  -11.142 6.147   1.00 46.94  ? 368 HOH A O   1 
HETATM 1575 O O   . HOH B 2 .   ? -7.957  9.322   8.720   1.00 44.94  ? 369 HOH A O   1 
HETATM 1576 O O   . HOH B 2 .   ? 2.033   1.534   17.048  1.00 46.71  ? 370 HOH A O   1 
HETATM 1577 O O   . HOH B 2 .   ? 15.067  5.239   -0.305  1.00 44.57  ? 371 HOH A O   1 
HETATM 1578 O O   . HOH B 2 .   ? -23.401 -2.736  -7.858  1.00 53.89  ? 372 HOH A O   1 
HETATM 1579 O O   . HOH B 2 .   ? -12.795 -3.580  7.598   1.00 48.74  ? 373 HOH A O   1 
HETATM 1580 O O   . HOH B 2 .   ? -2.292  12.781  5.383   1.00 47.83  ? 374 HOH A O   1 
HETATM 1581 O O   . HOH B 2 .   ? -5.783  8.321   10.478  1.00 48.67  ? 375 HOH A O   1 
HETATM 1582 O O   . HOH B 2 .   ? -2.811  4.062   -5.246  1.00 51.83  ? 376 HOH A O   1 
HETATM 1583 O O   . HOH B 2 .   ? 2.488   -4.189  -12.895 1.00 63.10  ? 377 HOH A O   1 
HETATM 1584 O O   . HOH B 2 .   ? 0.095   13.403  3.937   1.00 49.45  ? 378 HOH A O   1 
HETATM 1585 O O   . HOH B 2 .   ? 16.353  -7.077  -16.329 1.00 50.37  ? 379 HOH A O   1 
HETATM 1586 O O   . HOH B 2 .   ? 22.836  -7.964  -13.186 1.00 41.92  ? 380 HOH A O   1 
HETATM 1587 O O   . HOH B 2 .   ? 10.681  -13.424 -8.964  1.00 53.78  ? 381 HOH A O   1 
HETATM 1588 O O   . HOH B 2 .   ? 21.946  -8.646  6.997   1.00 54.33  ? 382 HOH A O   1 
HETATM 1589 O O   . HOH B 2 .   ? 1.358   11.022  3.775   1.00 48.23  ? 383 HOH A O   1 
HETATM 1590 O O   . HOH B 2 .   ? 26.615  -5.222  6.039   1.00 47.11  ? 384 HOH A O   1 
HETATM 1591 O O   . HOH B 2 .   ? 11.295  -17.176 -6.259  1.00 48.98  ? 385 HOH A O   1 
HETATM 1592 O O   . HOH B 2 .   ? 24.650  -9.397  -11.048 1.00 46.03  ? 386 HOH A O   1 
HETATM 1593 O O   . HOH B 2 .   ? 1.634   7.455   9.032   1.00 47.58  ? 387 HOH A O   1 
HETATM 1594 O O   . HOH B 2 .   ? 10.621  -4.627  17.219  1.00 51.03  ? 388 HOH A O   1 
HETATM 1595 O O   . HOH B 2 .   ? 12.795  -13.437 0.180   1.00 52.16  ? 389 HOH A O   1 
HETATM 1596 O O   . HOH B 2 .   ? -16.182 -7.789  2.491   1.00 48.03  ? 390 HOH A O   1 
HETATM 1597 O O   . HOH B 2 .   ? 8.960   -8.617  -9.889  1.00 40.21  ? 391 HOH A O   1 
HETATM 1598 O O   . HOH B 2 .   ? 6.151   -8.963  -10.521 1.00 38.69  ? 392 HOH A O   1 
HETATM 1599 O O   . HOH B 2 .   ? -19.864 -2.747  2.333   1.00 50.42  ? 393 HOH A O   1 
HETATM 1600 O O   . HOH B 2 .   ? 13.877  -8.409  12.463  1.00 40.93  ? 394 HOH A O   1 
HETATM 1601 O O   . HOH B 2 .   ? -27.035 1.759   0.996   1.00 44.34  ? 395 HOH A O   1 
HETATM 1602 O O   . HOH B 2 .   ? 9.128   1.430   0.674   1.00 50.07  ? 396 HOH A O   1 
HETATM 1603 O O   . HOH B 2 .   ? -5.614  3.674   12.733  1.00 53.21  ? 397 HOH A O   1 
HETATM 1604 O O   . HOH B 2 .   ? -15.858 -6.628  -6.772  1.00 54.12  ? 398 HOH A O   1 
HETATM 1605 O O   . HOH B 2 .   ? -15.683 7.524   12.153  1.00 47.95  ? 399 HOH A O   1 
HETATM 1606 O O   . HOH B 2 .   ? 19.425  -21.245 -4.898  1.00 56.52  ? 400 HOH A O   1 
HETATM 1607 O O   . HOH B 2 .   ? 21.919  -3.617  11.357  1.00 57.51  ? 401 HOH A O   1 
HETATM 1608 O O   . HOH B 2 .   ? -3.692  2.892   -9.160  1.00 50.71  ? 402 HOH A O   1 
HETATM 1609 O O   . HOH B 2 .   ? -29.184 2.561   -0.441  1.00 43.78  ? 403 HOH A O   1 
HETATM 1610 O O   . HOH B 2 .   ? 11.886  -3.800  -17.204 1.00 52.08  ? 404 HOH A O   1 
HETATM 1611 O O   . HOH B 2 .   ? 15.359  -19.699 0.693   1.00 53.29  ? 405 HOH A O   1 
HETATM 1612 O O   . HOH B 2 .   ? 1.235   -8.606  11.351  1.00 59.84  ? 406 HOH A O   1 
HETATM 1613 O O   . HOH B 2 .   ? 15.602  -5.017  -17.560 1.00 54.97  ? 407 HOH A O   1 
HETATM 1614 O O   . HOH B 2 .   ? 25.716  -4.902  -12.200 1.00 48.82  ? 408 HOH A O   1 
HETATM 1615 O O   . HOH B 2 .   ? -2.319  1.749   -5.839  1.00 53.25  ? 409 HOH A O   1 
HETATM 1616 O O   . HOH B 2 .   ? -25.313 24.733  11.370  1.00 58.91  ? 410 HOH A O   1 
HETATM 1617 O O   . HOH B 2 .   ? 4.610   -1.975  15.358  1.00 45.96  ? 411 HOH A O   1 
HETATM 1618 O O   . HOH B 2 .   ? -4.533  11.966  -1.945  1.00 59.84  ? 412 HOH A O   1 
HETATM 1619 O O   . HOH B 2 .   ? 3.204   -10.644 -10.444 1.00 57.95  ? 413 HOH A O   1 
HETATM 1620 O O   . HOH B 2 .   ? -27.861 9.989   2.622   1.00 61.70  ? 414 HOH A O   1 
HETATM 1621 O O   . HOH B 2 .   ? 27.009  1.543   -10.758 1.00 50.55  ? 415 HOH A O   1 
HETATM 1622 O O   . HOH B 2 .   ? 12.683  -21.198 -11.688 1.00 58.97  ? 416 HOH A O   1 
HETATM 1623 O O   . HOH B 2 .   ? -3.720  7.719   13.750  1.00 52.37  ? 417 HOH A O   1 
HETATM 1624 O O   . HOH B 2 .   ? -17.613 1.863   12.142  1.00 50.97  ? 418 HOH A O   1 
HETATM 1625 O O   . HOH B 2 .   ? 26.457  -1.035  -9.418  1.00 50.17  ? 419 HOH A O   1 
HETATM 1626 O O   . HOH B 2 .   ? -11.512 17.313  5.671   1.00 52.02  ? 420 HOH A O   1 
HETATM 1627 O O   . HOH B 2 .   ? 28.133  -4.380  -5.539  1.00 51.01  ? 421 HOH A O   1 
HETATM 1628 O O   . HOH B 2 .   ? 1.816   9.862   8.386   1.00 64.87  ? 422 HOH A O   1 
HETATM 1629 O O   . HOH B 2 .   ? -31.403 5.295   8.722   1.00 50.94  ? 423 HOH A O   1 
HETATM 1630 O O   . HOH B 2 .   ? 10.095  -12.730 9.282   1.00 51.18  ? 424 HOH A O   1 
HETATM 1631 O O   . HOH B 2 .   ? 19.142  -22.497 -12.732 1.00 56.48  ? 425 HOH A O   1 
HETATM 1632 O O   . HOH B 2 .   ? 17.664  4.797   9.180   1.00 53.72  ? 426 HOH A O   1 
HETATM 1633 O O   . HOH B 2 .   ? 13.119  -6.086  17.850  1.00 61.72  ? 427 HOH A O   1 
HETATM 1634 O O   . HOH B 2 .   ? -6.624  -6.392  13.142  1.00 58.10  ? 428 HOH A O   1 
# 
